data_3OEI
#
_entry.id   3OEI
#
_cell.length_a   42.219
_cell.length_b   187.512
_cell.length_c   113.881
_cell.angle_alpha   90.000
_cell.angle_beta   94.460
_cell.angle_gamma   90.000
#
_symmetry.space_group_name_H-M   'P 1 21 1'
#
loop_
_entity.id
_entity.type
_entity.pdbx_description
1 polymer 'RelJ (Antitoxin Rv3357)'
2 polymer 'RelK (Toxin Rv3358)'
3 polymer 'RelJ (Antitoxin Rv3357)'
4 non-polymer 'CITRATE ANION'
5 water water
#
loop_
_entity_poly.entity_id
_entity_poly.type
_entity_poly.pdbx_seq_one_letter_code
_entity_poly.pdbx_strand_id
1 'polypeptide(L)'
;MSISASEARQRLFPLIEQVNTDHQPVRITSRAGDAVLMSADDYDAWQETVYLLRSPENARRLMEAVARDKAGHSAFTKSV
DELREMAGGEEMQAGPAL
;
A,B,I,J,M,N
2 'polypeptide(L)'
;HHHHHHDDDDKVRSVNFDPDAWEDFLFWLAADRKTARRITRLIGEIQRDPFSGIGKPEPLQGELSGYWSRRIDDEHRLVY
RAGDDEVTMLKARYHY
;
C,D,G,H,K,L,O,P
3 'polypeptide(L)'
;MSISASEARQRLFPLIEQVNTDHQPVRITSRAGDAVLMSADDYDAWQETVYLLRSPENARRLMEAVARD(MLZ)AGHSAF
TKSVDELREMAGGEEMQAGPAL
;
E,F
#
# COMPACT_ATOMS: atom_id res chain seq x y z
N SER A 2 -16.49 -18.41 44.51
CA SER A 2 -16.87 -19.67 43.86
C SER A 2 -18.13 -20.30 44.47
N ILE A 3 -19.11 -20.61 43.62
CA ILE A 3 -20.38 -21.18 44.08
C ILE A 3 -20.61 -22.62 43.59
N SER A 4 -21.40 -23.37 44.34
CA SER A 4 -21.72 -24.75 43.96
C SER A 4 -22.76 -24.76 42.86
N ALA A 5 -22.80 -25.85 42.09
CA ALA A 5 -23.73 -25.97 40.97
C ALA A 5 -25.18 -25.88 41.45
N SER A 6 -25.41 -26.35 42.68
CA SER A 6 -26.76 -26.33 43.20
C SER A 6 -27.30 -24.92 43.39
N GLU A 7 -26.51 -24.00 43.95
CA GLU A 7 -26.98 -22.62 44.10
C GLU A 7 -27.01 -21.87 42.77
N ALA A 8 -26.07 -22.19 41.89
CA ALA A 8 -26.00 -21.53 40.60
C ALA A 8 -27.25 -21.84 39.79
N ARG A 9 -27.77 -23.05 39.94
CA ARG A 9 -28.97 -23.43 39.23
C ARG A 9 -30.18 -22.67 39.78
N GLN A 10 -30.28 -22.59 41.10
CA GLN A 10 -31.36 -21.83 41.73
C GLN A 10 -31.30 -20.36 41.36
N ARG A 11 -30.08 -19.82 41.30
CA ARG A 11 -29.88 -18.38 41.14
CA ARG A 11 -29.91 -18.38 41.13
C ARG A 11 -29.37 -18.00 39.76
N LEU A 12 -29.56 -18.87 38.77
CA LEU A 12 -28.96 -18.59 37.45
C LEU A 12 -29.37 -17.23 36.89
N PHE A 13 -30.64 -16.87 37.02
CA PHE A 13 -31.11 -15.63 36.43
C PHE A 13 -30.39 -14.36 36.95
N PRO A 14 -30.36 -14.13 38.27
CA PRO A 14 -29.64 -12.93 38.72
C PRO A 14 -28.12 -13.06 38.57
N LEU A 15 -27.62 -14.29 38.45
CA LEU A 15 -26.19 -14.45 38.17
C LEU A 15 -25.84 -14.01 36.74
N ILE A 16 -26.77 -14.22 35.80
CA ILE A 16 -26.63 -13.67 34.46
C ILE A 16 -26.71 -12.11 34.45
N GLU A 17 -27.66 -11.52 35.19
CA GLU A 17 -27.67 -10.06 35.32
C GLU A 17 -26.36 -9.55 35.93
N GLN A 18 -25.85 -10.25 36.94
CA GLN A 18 -24.61 -9.87 37.61
C GLN A 18 -23.41 -9.81 36.64
N VAL A 19 -23.18 -10.88 35.87
CA VAL A 19 -21.99 -10.94 35.04
C VAL A 19 -22.06 -9.87 33.94
N ASN A 20 -23.28 -9.53 33.55
CA ASN A 20 -23.54 -8.44 32.62
C ASN A 20 -23.43 -7.05 33.25
N THR A 21 -23.28 -7.00 34.56
CA THR A 21 -23.23 -5.73 35.24
C THR A 21 -21.80 -5.36 35.60
N ASP A 22 -21.05 -6.32 36.14
CA ASP A 22 -19.72 -6.04 36.65
C ASP A 22 -18.61 -6.77 35.87
N HIS A 23 -19.00 -7.52 34.84
CA HIS A 23 -18.02 -8.11 33.93
C HIS A 23 -16.98 -8.97 34.60
N GLN A 24 -17.33 -9.59 35.73
CA GLN A 24 -16.43 -10.54 36.36
C GLN A 24 -17.01 -11.94 36.17
N PRO A 25 -16.16 -12.88 35.76
CA PRO A 25 -16.62 -14.27 35.64
C PRO A 25 -17.04 -14.86 36.99
N VAL A 26 -18.07 -15.71 36.97
CA VAL A 26 -18.48 -16.49 38.14
C VAL A 26 -18.01 -17.96 38.04
N ARG A 27 -17.29 -18.45 39.05
CA ARG A 27 -16.83 -19.82 39.00
C ARG A 27 -17.82 -20.77 39.70
N ILE A 28 -18.18 -21.86 39.03
CA ILE A 28 -19.19 -22.78 39.54
C ILE A 28 -18.57 -24.17 39.74
N THR A 29 -18.70 -24.73 40.94
CA THR A 29 -18.13 -26.04 41.24
C THR A 29 -19.20 -27.13 41.24
N SER A 30 -18.84 -28.29 40.73
CA SER A 30 -19.69 -29.48 40.78
C SER A 30 -18.87 -30.76 40.67
N ARG A 31 -19.55 -31.88 40.83
CA ARG A 31 -18.93 -33.21 40.72
C ARG A 31 -18.60 -33.57 39.26
N ALA A 32 -19.36 -33.01 38.33
CA ALA A 32 -19.11 -33.19 36.90
C ALA A 32 -18.00 -32.27 36.37
N GLY A 33 -17.41 -31.49 37.26
CA GLY A 33 -16.36 -30.56 36.88
C GLY A 33 -16.79 -29.12 37.12
N ASP A 34 -15.82 -28.22 37.14
CA ASP A 34 -16.12 -26.82 37.38
C ASP A 34 -16.37 -26.09 36.08
N ALA A 35 -17.13 -25.01 36.19
CA ALA A 35 -17.48 -24.20 35.05
C ALA A 35 -17.26 -22.72 35.38
N VAL A 36 -17.09 -21.91 34.33
CA VAL A 36 -17.08 -20.46 34.46
C VAL A 36 -18.27 -19.90 33.71
N LEU A 37 -19.01 -19.00 34.36
CA LEU A 37 -20.08 -18.25 33.72
C LEU A 37 -19.60 -16.81 33.46
N MET A 38 -19.72 -16.33 32.24
CA MET A 38 -19.41 -14.92 31.96
C MET A 38 -20.44 -14.29 31.04
N SER A 39 -20.50 -12.97 31.01
CA SER A 39 -21.37 -12.31 30.04
C SER A 39 -20.91 -12.65 28.62
N ALA A 40 -21.85 -12.63 27.68
CA ALA A 40 -21.53 -12.93 26.30
C ALA A 40 -20.53 -11.89 25.72
N ASP A 41 -20.75 -10.63 26.06
CA ASP A 41 -19.83 -9.56 25.64
C ASP A 41 -18.43 -9.82 26.18
N ASP A 42 -18.31 -10.12 27.48
CA ASP A 42 -17.01 -10.39 28.08
C ASP A 42 -16.33 -11.65 27.54
N TYR A 43 -17.13 -12.66 27.24
CA TYR A 43 -16.59 -13.85 26.62
C TYR A 43 -16.03 -13.55 25.23
N ASP A 44 -16.74 -12.76 24.43
CA ASP A 44 -16.25 -12.39 23.09
C ASP A 44 -14.92 -11.61 23.17
N ALA A 45 -14.86 -10.66 24.10
CA ALA A 45 -13.65 -9.89 24.35
C ALA A 45 -12.52 -10.81 24.78
N TRP A 46 -12.86 -11.81 25.61
CA TRP A 46 -11.85 -12.77 26.11
C TRP A 46 -11.32 -13.66 24.98
N GLN A 47 -12.24 -14.23 24.22
CA GLN A 47 -11.88 -15.08 23.09
C GLN A 47 -10.99 -14.33 22.08
N GLU A 48 -11.30 -13.06 21.84
CA GLU A 48 -10.50 -12.24 20.93
C GLU A 48 -9.11 -11.91 21.53
N THR A 49 -9.07 -11.62 22.83
CA THR A 49 -7.80 -11.42 23.51
C THR A 49 -6.92 -12.68 23.39
N VAL A 50 -7.51 -13.85 23.64
CA VAL A 50 -6.79 -15.11 23.55
C VAL A 50 -6.36 -15.41 22.12
N TYR A 51 -7.24 -15.12 21.18
CA TYR A 51 -6.92 -15.29 19.78
C TYR A 51 -5.66 -14.50 19.40
N LEU A 52 -5.58 -13.23 19.80
CA LEU A 52 -4.41 -12.40 19.46
C LEU A 52 -3.13 -12.92 20.12
N LEU A 53 -3.27 -13.49 21.31
CA LEU A 53 -2.10 -13.87 22.10
C LEU A 53 -1.65 -15.34 21.99
N ARG A 54 -2.46 -16.18 21.37
CA ARG A 54 -2.22 -17.64 21.36
C ARG A 54 -1.16 -18.11 20.34
N SER A 55 -0.89 -17.30 19.34
CA SER A 55 0.19 -17.60 18.41
C SER A 55 1.42 -16.88 18.93
N PRO A 56 2.47 -17.63 19.25
CA PRO A 56 3.57 -16.95 19.95
C PRO A 56 4.16 -15.83 19.11
N GLU A 57 4.24 -16.02 17.79
CA GLU A 57 4.77 -14.98 16.92
C GLU A 57 3.86 -13.75 16.93
N ASN A 58 2.55 -13.98 16.89
CA ASN A 58 1.62 -12.86 16.90
C ASN A 58 1.63 -12.14 18.24
N ALA A 59 1.69 -12.90 19.34
CA ALA A 59 1.80 -12.30 20.66
C ALA A 59 3.03 -11.41 20.77
N ARG A 60 4.17 -11.91 20.33
CA ARG A 60 5.41 -11.11 20.40
C ARG A 60 5.35 -9.78 19.62
N ARG A 61 4.97 -9.84 18.34
CA ARG A 61 4.87 -8.61 17.55
C ARG A 61 3.88 -7.64 18.18
N LEU A 62 2.73 -8.16 18.61
CA LEU A 62 1.69 -7.26 19.10
C LEU A 62 2.18 -6.60 20.38
N MET A 63 2.73 -7.38 21.32
CA MET A 63 3.10 -6.80 22.62
C MET A 63 4.35 -5.90 22.55
N GLU A 64 5.21 -6.13 21.56
CA GLU A 64 6.29 -5.19 21.21
C GLU A 64 5.72 -3.87 20.68
N ALA A 65 4.74 -3.96 19.77
CA ALA A 65 4.00 -2.77 19.39
C ALA A 65 3.41 -2.10 20.62
N VAL A 66 2.76 -2.88 21.49
CA VAL A 66 2.18 -2.29 22.69
C VAL A 66 3.23 -1.55 23.55
N ALA A 67 4.37 -2.19 23.78
CA ALA A 67 5.44 -1.58 24.58
C ALA A 67 5.90 -0.25 23.97
N ARG A 68 6.12 -0.22 22.66
CA ARG A 68 6.56 1.04 22.07
C ARG A 68 5.44 2.08 22.09
N ASP A 69 4.19 1.64 21.97
CA ASP A 69 3.12 2.61 22.08
C ASP A 69 3.09 3.19 23.49
N LYS A 70 3.36 2.36 24.50
CA LYS A 70 3.32 2.84 25.87
C LYS A 70 4.44 3.84 26.13
N ALA A 71 5.52 3.76 25.36
CA ALA A 71 6.61 4.71 25.47
C ALA A 71 6.34 5.97 24.64
N GLY A 72 5.25 5.93 23.88
CA GLY A 72 4.73 7.09 23.15
C GLY A 72 5.62 7.86 22.19
N HIS A 73 6.66 7.24 21.66
CA HIS A 73 7.55 7.95 20.75
C HIS A 73 8.03 7.17 19.52
N SER A 74 7.14 6.39 18.92
CA SER A 74 7.49 5.67 17.69
C SER A 74 6.46 5.90 16.59
N ALA A 75 5.25 6.28 16.98
CA ALA A 75 4.15 6.42 16.03
C ALA A 75 4.34 7.61 15.09
N PHE A 76 3.88 7.46 13.85
CA PHE A 76 3.87 8.58 12.92
C PHE A 76 2.52 8.70 12.23
N THR A 77 2.29 9.84 11.59
CA THR A 77 0.94 10.18 11.10
C THR A 77 0.69 9.88 9.63
N LYS A 78 -0.58 9.65 9.32
CA LYS A 78 -1.03 9.42 7.95
C LYS A 78 -2.47 9.93 7.87
N SER A 79 -2.83 10.52 6.73
CA SER A 79 -4.23 10.92 6.51
C SER A 79 -4.97 9.75 5.88
N VAL A 80 -6.27 9.62 6.14
CA VAL A 80 -7.02 8.50 5.55
C VAL A 80 -7.19 8.67 4.05
N ASP A 81 -7.04 9.89 3.56
CA ASP A 81 -7.08 10.14 2.13
C ASP A 81 -5.84 9.58 1.47
N GLU A 82 -4.66 9.87 2.01
CA GLU A 82 -3.47 9.27 1.45
C GLU A 82 -3.49 7.74 1.56
N LEU A 83 -4.12 7.21 2.60
CA LEU A 83 -4.31 5.76 2.69
C LEU A 83 -5.24 5.26 1.58
N ARG A 84 -6.43 5.85 1.46
CA ARG A 84 -7.31 5.50 0.34
C ARG A 84 -6.56 5.68 -1.00
N GLU A 85 -5.80 6.75 -1.12
CA GLU A 85 -4.96 7.00 -2.29
C GLU A 85 -4.12 5.78 -2.62
N MET A 86 -3.37 5.31 -1.63
CA MET A 86 -2.43 4.22 -1.84
C MET A 86 -3.10 2.89 -2.16
N ALA A 87 -4.21 2.60 -1.49
CA ALA A 87 -4.90 1.32 -1.65
C ALA A 87 -5.71 1.24 -2.93
N GLY A 88 -5.81 2.36 -3.64
CA GLY A 88 -6.50 2.41 -4.91
C GLY A 88 -5.73 1.72 -6.03
N MET B 1 -27.79 -21.86 17.89
CA MET B 1 -27.26 -22.89 18.77
C MET B 1 -27.20 -22.40 20.22
N SER B 2 -27.78 -21.22 20.48
CA SER B 2 -27.85 -20.72 21.83
C SER B 2 -29.12 -21.27 22.48
N ILE B 3 -29.16 -21.27 23.80
CA ILE B 3 -30.35 -21.71 24.53
C ILE B 3 -30.81 -20.62 25.48
N SER B 4 -32.08 -20.69 25.88
CA SER B 4 -32.66 -19.71 26.79
C SER B 4 -32.14 -19.87 28.22
N ALA B 5 -32.28 -18.83 29.03
CA ALA B 5 -31.84 -18.90 30.41
C ALA B 5 -32.73 -19.90 31.13
N SER B 6 -33.97 -20.03 30.67
CA SER B 6 -34.94 -20.98 31.24
C SER B 6 -34.46 -22.42 31.07
N GLU B 7 -34.22 -22.80 29.83
CA GLU B 7 -33.59 -24.08 29.52
C GLU B 7 -32.23 -24.26 30.21
N ALA B 8 -31.37 -23.25 30.17
CA ALA B 8 -30.06 -23.39 30.79
C ALA B 8 -30.17 -23.70 32.27
N ARG B 9 -31.07 -23.01 32.96
CA ARG B 9 -31.22 -23.23 34.39
C ARG B 9 -31.79 -24.63 34.68
N GLN B 10 -32.82 -25.01 33.93
CA GLN B 10 -33.36 -26.37 34.01
C GLN B 10 -32.26 -27.46 33.87
N ARG B 11 -31.34 -27.26 32.93
CA ARG B 11 -30.40 -28.33 32.57
C ARG B 11 -28.99 -28.08 33.11
N LEU B 12 -28.86 -27.22 34.11
CA LEU B 12 -27.53 -26.70 34.46
C LEU B 12 -26.58 -27.80 34.94
N PHE B 13 -27.09 -28.82 35.65
CA PHE B 13 -26.24 -29.92 36.06
C PHE B 13 -25.63 -30.67 34.87
N PRO B 14 -26.47 -31.14 33.93
CA PRO B 14 -25.86 -31.83 32.79
C PRO B 14 -25.10 -30.86 31.86
N LEU B 15 -25.52 -29.58 31.78
CA LEU B 15 -24.76 -28.57 30.99
C LEU B 15 -23.31 -28.38 31.41
N ILE B 16 -23.09 -28.31 32.72
CA ILE B 16 -21.76 -28.24 33.30
C ILE B 16 -20.91 -29.46 32.90
N GLU B 17 -21.47 -30.67 32.97
CA GLU B 17 -20.73 -31.83 32.46
C GLU B 17 -20.49 -31.71 30.94
N GLN B 18 -21.52 -31.32 30.20
CA GLN B 18 -21.40 -31.16 28.76
C GLN B 18 -20.25 -30.20 28.34
N VAL B 19 -20.27 -28.95 28.80
CA VAL B 19 -19.23 -28.01 28.39
C VAL B 19 -17.84 -28.52 28.76
N ASN B 20 -17.77 -29.36 29.79
CA ASN B 20 -16.50 -29.93 30.22
C ASN B 20 -16.11 -31.17 29.42
N THR B 21 -17.10 -31.86 28.86
CA THR B 21 -16.83 -33.11 28.16
C THR B 21 -16.58 -32.89 26.68
N ASP B 22 -17.40 -32.05 26.05
CA ASP B 22 -17.23 -31.70 24.64
C ASP B 22 -16.29 -30.51 24.47
N HIS B 23 -15.83 -29.93 25.57
CA HIS B 23 -14.98 -28.74 25.48
C HIS B 23 -15.59 -27.71 24.54
N GLN B 24 -16.87 -27.43 24.70
CA GLN B 24 -17.58 -26.51 23.84
C GLN B 24 -18.46 -25.64 24.71
N PRO B 25 -18.16 -24.34 24.77
CA PRO B 25 -18.95 -23.40 25.58
C PRO B 25 -20.39 -23.32 25.08
N VAL B 26 -21.35 -23.09 25.96
CA VAL B 26 -22.69 -22.81 25.43
C VAL B 26 -23.18 -21.42 25.77
N ARG B 27 -23.77 -20.80 24.76
CA ARG B 27 -24.28 -19.44 24.87
C ARG B 27 -25.71 -19.44 25.39
N ILE B 28 -26.00 -18.51 26.27
CA ILE B 28 -27.28 -18.45 26.94
C ILE B 28 -27.87 -17.05 26.74
N THR B 29 -29.15 -16.97 26.36
CA THR B 29 -29.80 -15.68 26.15
C THR B 29 -30.81 -15.36 27.23
N SER B 30 -30.91 -14.10 27.62
CA SER B 30 -31.92 -13.73 28.60
C SER B 30 -32.32 -12.25 28.53
N ARG B 31 -33.43 -11.93 29.18
CA ARG B 31 -33.93 -10.55 29.25
C ARG B 31 -32.91 -9.60 29.85
N ALA B 32 -31.97 -10.12 30.63
CA ALA B 32 -30.95 -9.28 31.25
C ALA B 32 -29.68 -9.15 30.41
N GLY B 33 -29.64 -9.86 29.29
CA GLY B 33 -28.43 -9.88 28.49
C GLY B 33 -27.93 -11.30 28.44
N ASP B 34 -26.96 -11.56 27.59
CA ASP B 34 -26.54 -12.93 27.37
C ASP B 34 -25.31 -13.30 28.17
N ALA B 35 -25.10 -14.61 28.25
CA ALA B 35 -24.00 -15.16 29.00
C ALA B 35 -23.47 -16.38 28.25
N VAL B 36 -22.29 -16.83 28.69
CA VAL B 36 -21.64 -18.01 28.14
C VAL B 36 -21.13 -18.84 29.29
N LEU B 37 -21.42 -20.15 29.23
CA LEU B 37 -20.95 -21.06 30.24
C LEU B 37 -19.88 -21.94 29.63
N MET B 38 -18.78 -22.14 30.34
CA MET B 38 -17.68 -22.91 29.77
C MET B 38 -16.94 -23.66 30.84
N SER B 39 -16.15 -24.64 30.42
CA SER B 39 -15.22 -25.36 31.28
C SER B 39 -14.26 -24.44 32.03
N ALA B 40 -14.25 -24.55 33.35
CA ALA B 40 -13.31 -23.81 34.17
C ALA B 40 -11.86 -24.23 33.84
N ASP B 41 -11.62 -25.53 33.66
CA ASP B 41 -10.27 -26.00 33.29
C ASP B 41 -9.75 -25.41 31.97
N ASP B 42 -10.60 -25.40 30.94
CA ASP B 42 -10.21 -24.81 29.67
C ASP B 42 -9.97 -23.31 29.81
N TYR B 43 -10.85 -22.64 30.53
CA TYR B 43 -10.64 -21.23 30.82
C TYR B 43 -9.29 -20.96 31.46
N ASP B 44 -8.99 -21.68 32.56
CA ASP B 44 -7.70 -21.56 33.25
C ASP B 44 -6.50 -21.95 32.39
N ALA B 45 -6.64 -22.98 31.59
CA ALA B 45 -5.54 -23.45 30.79
C ALA B 45 -5.18 -22.45 29.67
N TRP B 46 -6.19 -21.80 29.10
CA TRP B 46 -5.94 -20.76 28.12
C TRP B 46 -5.36 -19.49 28.74
N GLN B 47 -5.86 -19.10 29.91
CA GLN B 47 -5.28 -17.95 30.61
C GLN B 47 -3.78 -18.20 30.87
N GLU B 48 -3.45 -19.42 31.28
CA GLU B 48 -2.06 -19.71 31.62
C GLU B 48 -1.18 -19.73 30.35
N THR B 49 -1.74 -20.24 29.25
CA THR B 49 -1.03 -20.29 27.99
C THR B 49 -0.70 -18.85 27.56
N VAL B 50 -1.69 -18.00 27.70
CA VAL B 50 -1.64 -16.62 27.30
C VAL B 50 -0.75 -15.81 28.23
N TYR B 51 -0.73 -16.17 29.51
CA TYR B 51 0.23 -15.58 30.46
C TYR B 51 1.67 -15.78 30.00
N LEU B 52 2.00 -16.99 29.54
CA LEU B 52 3.37 -17.29 29.07
C LEU B 52 3.80 -16.55 27.77
N LEU B 53 2.85 -16.30 26.87
CA LEU B 53 3.13 -15.68 25.59
C LEU B 53 3.03 -14.15 25.58
N ARG B 54 2.45 -13.56 26.63
CA ARG B 54 2.14 -12.14 26.58
C ARG B 54 3.31 -11.20 26.88
N SER B 55 4.44 -11.76 27.29
CA SER B 55 5.69 -11.01 27.35
C SER B 55 6.53 -11.45 26.18
N PRO B 56 6.92 -10.51 25.31
CA PRO B 56 7.68 -10.82 24.09
C PRO B 56 8.98 -11.58 24.38
N GLU B 57 9.70 -11.17 25.41
CA GLU B 57 10.95 -11.85 25.72
C GLU B 57 10.66 -13.26 26.25
N ASN B 58 9.56 -13.44 26.97
CA ASN B 58 9.28 -14.77 27.49
C ASN B 58 8.87 -15.70 26.37
N ALA B 59 8.05 -15.17 25.47
CA ALA B 59 7.52 -15.96 24.37
C ALA B 59 8.70 -16.44 23.56
N ARG B 60 9.64 -15.53 23.33
CA ARG B 60 10.83 -15.85 22.56
C ARG B 60 11.65 -16.95 23.21
N ARG B 61 11.98 -16.78 24.49
CA ARG B 61 12.80 -17.76 25.18
C ARG B 61 12.13 -19.13 25.23
N LEU B 62 10.81 -19.13 25.33
CA LEU B 62 10.06 -20.38 25.52
C LEU B 62 9.98 -21.18 24.23
N MET B 63 9.66 -20.51 23.13
CA MET B 63 9.57 -21.19 21.85
C MET B 63 10.96 -21.67 21.38
N GLU B 64 12.00 -20.90 21.68
CA GLU B 64 13.35 -21.40 21.43
C GLU B 64 13.58 -22.72 22.17
N ALA B 65 13.24 -22.77 23.46
CA ALA B 65 13.32 -24.04 24.19
C ALA B 65 12.42 -25.11 23.56
N VAL B 66 11.22 -24.71 23.12
CA VAL B 66 10.30 -25.68 22.54
C VAL B 66 10.84 -26.25 21.22
N ALA B 67 11.44 -25.37 20.43
CA ALA B 67 12.06 -25.76 19.16
C ALA B 67 13.20 -26.77 19.37
N ARG B 68 14.07 -26.50 20.34
CA ARG B 68 15.16 -27.42 20.67
C ARG B 68 14.62 -28.76 21.10
N ASP B 69 13.58 -28.74 21.92
CA ASP B 69 12.99 -29.95 22.46
C ASP B 69 12.41 -30.86 21.38
N LYS B 70 11.86 -30.24 20.33
CA LYS B 70 11.26 -31.00 19.25
C LYS B 70 12.37 -31.68 18.44
N ALA B 71 13.42 -30.95 18.15
CA ALA B 71 14.58 -31.53 17.50
C ALA B 71 15.15 -32.61 18.40
N GLY B 72 15.27 -32.29 19.68
CA GLY B 72 15.74 -33.23 20.68
C GLY B 72 17.23 -33.51 20.58
N HIS B 73 18.03 -32.45 20.49
CA HIS B 73 19.48 -32.61 20.40
C HIS B 73 20.23 -32.02 21.59
N SER B 74 19.54 -31.18 22.37
CA SER B 74 20.22 -30.33 23.34
C SER B 74 20.03 -30.75 24.80
N ALA B 75 18.99 -31.56 25.06
CA ALA B 75 18.62 -31.89 26.43
C ALA B 75 19.65 -32.77 27.14
N PHE B 76 19.73 -32.65 28.47
CA PHE B 76 20.61 -33.49 29.26
C PHE B 76 20.04 -33.87 30.64
N THR B 77 20.56 -34.95 31.20
CA THR B 77 19.96 -35.55 32.38
C THR B 77 20.58 -35.10 33.71
N LYS B 78 19.73 -34.99 34.73
CA LYS B 78 20.20 -34.80 36.10
C LYS B 78 19.31 -35.61 37.00
N SER B 79 19.84 -36.09 38.12
CA SER B 79 19.00 -36.71 39.15
C SER B 79 18.47 -35.63 40.07
N VAL B 80 17.34 -35.89 40.71
CA VAL B 80 16.80 -34.90 41.64
C VAL B 80 17.72 -34.78 42.85
N ASP B 81 18.37 -35.89 43.21
CA ASP B 81 19.39 -35.87 44.27
C ASP B 81 20.40 -34.77 44.01
N GLU B 82 20.92 -34.75 42.78
CA GLU B 82 21.86 -33.71 42.37
C GLU B 82 21.27 -32.34 42.65
N LEU B 83 20.00 -32.16 42.28
CA LEU B 83 19.38 -30.84 42.43
C LEU B 83 19.28 -30.49 43.91
N ARG B 84 18.82 -31.47 44.70
CA ARG B 84 18.68 -31.29 46.15
C ARG B 84 19.99 -30.85 46.79
N GLU B 85 21.08 -31.53 46.45
CA GLU B 85 22.41 -31.19 46.97
C GLU B 85 22.75 -29.73 46.68
N MET B 86 22.54 -29.31 45.44
CA MET B 86 22.90 -27.94 45.03
C MET B 86 21.99 -26.91 45.66
N ALA B 87 20.72 -27.24 45.83
CA ALA B 87 19.76 -26.25 46.31
C ALA B 87 19.70 -26.23 47.84
N GLY B 88 20.34 -27.21 48.48
CA GLY B 88 20.28 -27.32 49.94
C GLY B 88 18.95 -27.89 50.39
N GLY B 89 18.41 -28.81 49.60
CA GLY B 89 17.15 -29.45 49.92
C GLY B 89 16.03 -29.11 48.94
N GLU B 90 14.80 -29.19 49.44
CA GLU B 90 13.64 -28.84 48.67
C GLU B 90 12.59 -28.31 49.62
N GLU B 91 11.76 -27.38 49.12
CA GLU B 91 10.69 -26.81 49.91
C GLU B 91 9.82 -25.87 49.08
N VAL C 12 -11.41 14.13 11.58
CA VAL C 12 -11.00 15.05 12.63
C VAL C 12 -10.04 14.42 13.63
N ARG C 13 -10.29 13.17 14.03
CA ARG C 13 -9.30 12.42 14.80
C ARG C 13 -8.16 12.04 13.87
N SER C 14 -6.93 12.31 14.28
CA SER C 14 -5.80 11.97 13.42
C SER C 14 -5.41 10.51 13.59
N VAL C 15 -4.78 9.99 12.55
CA VAL C 15 -4.40 8.60 12.45
C VAL C 15 -2.88 8.47 12.65
N ASN C 16 -2.46 7.67 13.63
CA ASN C 16 -1.04 7.36 13.84
C ASN C 16 -0.80 5.87 13.57
N PHE C 17 0.40 5.52 13.12
CA PHE C 17 0.79 4.14 12.99
C PHE C 17 2.02 3.85 13.84
N ASP C 18 2.02 2.71 14.51
CA ASP C 18 3.24 2.08 14.95
C ASP C 18 3.96 1.62 13.70
N PRO C 19 5.30 1.63 13.72
CA PRO C 19 6.06 1.20 12.52
C PRO C 19 5.66 -0.17 11.98
N ASP C 20 5.40 -1.12 12.88
CA ASP C 20 5.06 -2.46 12.43
C ASP C 20 3.70 -2.51 11.75
N ALA C 21 2.75 -1.72 12.27
CA ALA C 21 1.43 -1.63 11.69
C ALA C 21 1.54 -1.03 10.28
N TRP C 22 2.38 -0.03 10.14
CA TRP C 22 2.65 0.51 8.81
C TRP C 22 3.22 -0.54 7.84
N GLU C 23 4.18 -1.34 8.29
CA GLU C 23 4.72 -2.39 7.44
C GLU C 23 3.67 -3.45 7.09
N ASP C 24 2.74 -3.69 8.00
CA ASP C 24 1.61 -4.58 7.70
C ASP C 24 0.81 -3.99 6.54
N PHE C 25 0.57 -2.68 6.62
CA PHE C 25 -0.20 -2.02 5.59
C PHE C 25 0.53 -2.10 4.25
N LEU C 26 1.83 -1.79 4.25
CA LEU C 26 2.63 -1.91 3.02
C LEU C 26 2.49 -3.32 2.48
N PHE C 27 2.62 -4.29 3.37
CA PHE C 27 2.59 -5.67 2.96
C PHE C 27 1.31 -5.97 2.15
N TRP C 28 0.16 -5.53 2.66
CA TRP C 28 -1.12 -5.78 2.00
C TRP C 28 -1.27 -5.06 0.67
N LEU C 29 -0.79 -3.82 0.61
CA LEU C 29 -0.79 -3.06 -0.64
C LEU C 29 -0.20 -3.90 -1.78
N ALA C 30 0.79 -4.72 -1.45
CA ALA C 30 1.42 -5.55 -2.46
C ALA C 30 0.89 -6.98 -2.47
N ALA C 31 0.45 -7.48 -1.32
CA ALA C 31 0.09 -8.89 -1.23
C ALA C 31 -1.36 -9.18 -1.64
N ASP C 32 -2.27 -8.28 -1.31
CA ASP C 32 -3.69 -8.48 -1.55
C ASP C 32 -4.36 -7.14 -1.30
N ARG C 33 -4.67 -6.44 -2.38
CA ARG C 33 -5.03 -5.04 -2.29
C ARG C 33 -6.42 -4.82 -1.74
N LYS C 34 -7.29 -5.82 -1.86
CA LYS C 34 -8.62 -5.72 -1.28
C LYS C 34 -8.48 -5.70 0.25
N THR C 35 -7.52 -6.46 0.77
CA THR C 35 -7.30 -6.48 2.23
C THR C 35 -6.86 -5.09 2.67
N ALA C 36 -5.95 -4.50 1.92
CA ALA C 36 -5.52 -3.11 2.12
C ALA C 36 -6.66 -2.09 2.00
N ARG C 37 -7.64 -2.36 1.14
CA ARG C 37 -8.82 -1.49 1.08
C ARG C 37 -9.73 -1.70 2.29
N ARG C 38 -9.92 -2.96 2.70
CA ARG C 38 -10.60 -3.30 3.96
C ARG C 38 -10.00 -2.52 5.13
N ILE C 39 -8.68 -2.58 5.25
CA ILE C 39 -8.00 -1.91 6.34
C ILE C 39 -8.29 -0.43 6.26
N THR C 40 -8.22 0.10 5.05
CA THR C 40 -8.44 1.53 4.83
C THR C 40 -9.87 1.92 5.21
N ARG C 41 -10.85 1.12 4.79
CA ARG C 41 -12.20 1.40 5.25
C ARG C 41 -12.31 1.31 6.77
N LEU C 42 -11.65 0.33 7.38
CA LEU C 42 -11.77 0.16 8.84
C LEU C 42 -11.23 1.40 9.56
N ILE C 43 -10.10 1.89 9.07
CA ILE C 43 -9.44 3.04 9.68
C ILE C 43 -10.35 4.25 9.61
N GLY C 44 -11.04 4.40 8.49
CA GLY C 44 -11.94 5.53 8.30
C GLY C 44 -13.06 5.52 9.30
N GLU C 45 -13.67 4.36 9.47
CA GLU C 45 -14.74 4.18 10.42
C GLU C 45 -14.29 4.34 11.88
N ILE C 46 -13.06 3.91 12.18
CA ILE C 46 -12.50 4.07 13.51
C ILE C 46 -12.37 5.55 13.81
N GLN C 47 -11.67 6.26 12.93
CA GLN C 47 -11.53 7.71 12.98
C GLN C 47 -12.86 8.41 13.29
N ARG C 48 -13.93 8.00 12.61
CA ARG C 48 -15.25 8.60 12.80
C ARG C 48 -15.85 8.30 14.19
N ASP C 49 -15.92 7.03 14.57
CA ASP C 49 -16.16 6.72 15.98
C ASP C 49 -15.57 5.37 16.36
N PRO C 50 -14.58 5.42 17.24
CA PRO C 50 -13.56 4.38 17.41
C PRO C 50 -14.10 3.09 18.01
N PHE C 51 -15.17 3.17 18.78
CA PHE C 51 -15.59 2.03 19.61
C PHE C 51 -16.88 1.30 19.18
N SER C 52 -17.46 1.69 18.05
CA SER C 52 -18.65 1.00 17.55
C SER C 52 -18.63 1.01 16.04
N GLY C 53 -19.42 0.14 15.42
CA GLY C 53 -19.50 0.13 13.97
C GLY C 53 -19.09 -1.19 13.33
N ILE C 54 -18.62 -1.10 12.09
CA ILE C 54 -18.25 -2.29 11.34
C ILE C 54 -17.03 -3.04 11.91
N GLY C 55 -16.93 -4.32 11.58
CA GLY C 55 -15.74 -5.11 11.88
C GLY C 55 -15.73 -5.68 13.29
N LYS C 56 -16.87 -5.62 13.96
CA LYS C 56 -17.04 -6.24 15.28
C LYS C 56 -15.98 -5.80 16.27
N PRO C 57 -15.97 -4.51 16.64
CA PRO C 57 -14.97 -3.99 17.57
C PRO C 57 -15.04 -4.64 18.96
N GLU C 58 -13.88 -5.04 19.47
CA GLU C 58 -13.80 -5.73 20.76
C GLU C 58 -12.78 -5.06 21.65
N PRO C 59 -13.20 -4.71 22.89
CA PRO C 59 -12.27 -4.17 23.87
C PRO C 59 -11.42 -5.32 24.46
N LEU C 60 -10.13 -5.30 24.19
CA LEU C 60 -9.28 -6.41 24.64
C LEU C 60 -9.14 -6.38 26.17
N GLN C 61 -8.70 -7.50 26.73
CA GLN C 61 -8.62 -7.69 28.18
C GLN C 61 -7.16 -7.81 28.63
N GLY C 62 -6.94 -7.95 29.93
CA GLY C 62 -5.62 -8.25 30.45
C GLY C 62 -4.57 -7.21 30.09
N GLU C 63 -3.47 -7.67 29.53
CA GLU C 63 -2.37 -6.79 29.19
C GLU C 63 -2.68 -6.00 27.92
N LEU C 64 -3.86 -6.22 27.36
CA LEU C 64 -4.26 -5.51 26.15
C LEU C 64 -5.47 -4.64 26.47
N SER C 65 -5.69 -4.45 27.76
CA SER C 65 -6.74 -3.55 28.22
C SER C 65 -6.48 -2.13 27.75
N GLY C 66 -7.49 -1.50 27.17
CA GLY C 66 -7.32 -0.17 26.63
C GLY C 66 -7.14 -0.20 25.12
N TYR C 67 -6.87 -1.38 24.58
CA TYR C 67 -6.75 -1.59 23.14
C TYR C 67 -8.00 -2.26 22.60
N TRP C 68 -8.22 -2.08 21.31
CA TRP C 68 -9.40 -2.63 20.63
C TRP C 68 -8.95 -3.43 19.43
N SER C 69 -9.74 -4.41 19.01
CA SER C 69 -9.52 -4.99 17.69
C SER C 69 -10.76 -4.96 16.80
N ARG C 70 -10.55 -4.81 15.49
CA ARG C 70 -11.61 -5.03 14.53
C ARG C 70 -11.16 -6.10 13.58
N ARG C 71 -12.13 -6.80 12.99
CA ARG C 71 -11.84 -7.89 12.07
C ARG C 71 -11.56 -7.36 10.67
N ILE C 72 -10.38 -7.65 10.17
CA ILE C 72 -10.10 -7.40 8.76
C ILE C 72 -10.64 -8.60 7.97
N ASP C 73 -10.32 -9.79 8.46
CA ASP C 73 -10.59 -11.07 7.82
C ASP C 73 -11.14 -11.92 8.93
N ASP C 74 -11.53 -13.15 8.59
CA ASP C 74 -11.75 -14.14 9.63
C ASP C 74 -10.44 -14.45 10.36
N GLU C 75 -9.32 -14.07 9.74
CA GLU C 75 -8.00 -14.37 10.26
C GLU C 75 -7.30 -13.15 10.86
N HIS C 76 -7.32 -12.04 10.12
CA HIS C 76 -6.47 -10.89 10.45
C HIS C 76 -7.22 -9.80 11.23
N ARG C 77 -6.52 -9.17 12.16
CA ARG C 77 -7.15 -8.16 13.01
C ARG C 77 -6.42 -6.83 12.97
N LEU C 78 -7.20 -5.77 12.96
CA LEU C 78 -6.67 -4.44 13.14
C LEU C 78 -6.76 -4.10 14.62
N VAL C 79 -5.61 -3.99 15.29
CA VAL C 79 -5.59 -3.63 16.70
C VAL C 79 -5.15 -2.19 16.86
N TYR C 80 -5.88 -1.46 17.68
CA TYR C 80 -5.70 -0.02 17.75
C TYR C 80 -6.03 0.50 19.13
N ARG C 81 -5.75 1.78 19.32
CA ARG C 81 -6.11 2.49 20.53
C ARG C 81 -6.69 3.82 20.12
N ALA C 82 -7.59 4.37 20.92
CA ALA C 82 -8.26 5.60 20.55
C ALA C 82 -8.44 6.56 21.71
N GLY C 83 -8.18 7.83 21.44
CA GLY C 83 -8.46 8.91 22.37
C GLY C 83 -9.39 9.89 21.69
N ASP C 84 -9.61 11.04 22.32
CA ASP C 84 -10.50 12.05 21.75
C ASP C 84 -9.83 12.78 20.56
N ASP C 85 -8.51 12.79 20.54
CA ASP C 85 -7.77 13.53 19.51
C ASP C 85 -7.11 12.66 18.45
N GLU C 86 -6.88 11.39 18.75
CA GLU C 86 -6.12 10.53 17.84
C GLU C 86 -6.51 9.06 17.92
N VAL C 87 -6.27 8.33 16.83
CA VAL C 87 -6.39 6.88 16.88
C VAL C 87 -5.09 6.30 16.37
N THR C 88 -4.58 5.30 17.09
CA THR C 88 -3.28 4.69 16.78
C THR C 88 -3.41 3.23 16.39
N MET C 89 -2.87 2.87 15.23
CA MET C 89 -2.90 1.49 14.78
C MET C 89 -1.66 0.73 15.28
N LEU C 90 -1.88 -0.42 15.94
CA LEU C 90 -0.77 -1.24 16.43
C LEU C 90 -0.36 -2.38 15.50
N LYS C 91 -1.34 -3.07 14.93
CA LYS C 91 -1.08 -4.19 14.03
C LYS C 91 -2.23 -4.30 13.02
N ALA C 92 -1.94 -4.85 11.85
CA ALA C 92 -2.96 -5.02 10.81
C ALA C 92 -2.69 -6.30 10.04
N ARG C 93 -2.10 -7.24 10.74
CA ARG C 93 -1.78 -8.55 10.20
CA ARG C 93 -1.83 -8.56 10.21
C ARG C 93 -1.66 -9.54 11.35
N TYR C 94 -2.15 -10.76 11.16
CA TYR C 94 -1.98 -11.82 12.15
C TYR C 94 -0.76 -12.64 11.74
N HIS C 95 0.11 -12.90 12.70
CA HIS C 95 1.39 -13.54 12.41
C HIS C 95 1.49 -14.96 12.91
N TYR C 96 2.13 -15.79 12.09
CA TYR C 96 2.57 -17.11 12.51
C TYR C 96 4.09 -17.16 12.43
N VAL D 12 11.38 -42.24 40.34
CA VAL D 12 10.54 -42.81 39.30
C VAL D 12 10.96 -42.35 37.90
N ARG D 13 10.38 -41.54 37.23
CA ARG D 13 10.79 -41.07 35.90
C ARG D 13 12.14 -40.34 35.92
N SER D 14 12.87 -40.43 34.82
CA SER D 14 14.12 -39.68 34.72
C SER D 14 13.86 -38.23 34.29
N VAL D 15 14.79 -37.35 34.65
CA VAL D 15 14.60 -35.93 34.47
C VAL D 15 15.60 -35.33 33.53
N ASN D 16 15.11 -34.69 32.46
CA ASN D 16 15.96 -34.00 31.51
C ASN D 16 15.73 -32.51 31.58
N PHE D 17 16.79 -31.73 31.34
CA PHE D 17 16.70 -30.28 31.26
C PHE D 17 17.09 -29.81 29.86
N ASP D 18 16.33 -28.88 29.32
CA ASP D 18 16.78 -28.07 28.20
C ASP D 18 17.87 -27.16 28.76
N PRO D 19 18.88 -26.82 27.95
CA PRO D 19 19.99 -26.04 28.49
C PRO D 19 19.57 -24.71 29.10
N ASP D 20 18.49 -24.11 28.61
CA ASP D 20 18.06 -22.82 29.16
C ASP D 20 17.36 -22.99 30.52
N ALA D 21 16.66 -24.10 30.69
CA ALA D 21 16.05 -24.40 31.98
C ALA D 21 17.12 -24.76 33.00
N TRP D 22 18.18 -25.43 32.55
CA TRP D 22 19.32 -25.67 33.43
C TRP D 22 19.93 -24.34 33.86
N GLU D 23 20.10 -23.41 32.91
CA GLU D 23 20.60 -22.07 33.25
C GLU D 23 19.64 -21.31 34.18
N ASP D 24 18.34 -21.53 34.00
CA ASP D 24 17.34 -20.94 34.91
C ASP D 24 17.63 -21.40 36.35
N PHE D 25 17.76 -22.70 36.55
CA PHE D 25 18.10 -23.25 37.87
C PHE D 25 19.39 -22.66 38.46
N LEU D 26 20.44 -22.64 37.66
CA LEU D 26 21.69 -21.99 38.06
C LEU D 26 21.45 -20.55 38.48
N PHE D 27 20.70 -19.83 37.67
CA PHE D 27 20.35 -18.46 37.99
C PHE D 27 19.76 -18.38 39.41
N TRP D 28 18.87 -19.31 39.73
CA TRP D 28 18.19 -19.24 41.02
C TRP D 28 19.12 -19.64 42.16
N LEU D 29 20.00 -20.61 41.92
CA LEU D 29 21.00 -21.00 42.92
C LEU D 29 21.75 -19.75 43.39
N ALA D 30 22.09 -18.87 42.46
CA ALA D 30 22.80 -17.63 42.78
C ALA D 30 21.95 -16.46 43.32
N ALA D 31 20.69 -16.35 42.91
CA ALA D 31 19.91 -15.16 43.28
C ALA D 31 18.95 -15.39 44.45
N ASP D 32 18.42 -16.61 44.57
CA ASP D 32 17.46 -16.95 45.62
C ASP D 32 17.36 -18.46 45.76
N ARG D 33 18.11 -19.03 46.71
CA ARG D 33 18.16 -20.48 46.89
C ARG D 33 16.82 -21.09 47.31
N LYS D 34 16.01 -20.30 48.00
CA LYS D 34 14.65 -20.72 48.38
C LYS D 34 13.83 -21.04 47.13
N THR D 35 13.92 -20.20 46.10
CA THR D 35 13.25 -20.47 44.83
C THR D 35 13.77 -21.73 44.15
N ALA D 36 15.08 -21.94 44.24
CA ALA D 36 15.65 -23.14 43.67
C ALA D 36 15.16 -24.36 44.44
N ARG D 37 14.93 -24.20 45.74
CA ARG D 37 14.39 -25.33 46.51
C ARG D 37 12.92 -25.60 46.13
N ARG D 38 12.20 -24.56 45.74
CA ARG D 38 10.81 -24.78 45.31
C ARG D 38 10.81 -25.47 43.96
N ILE D 39 11.73 -25.07 43.09
CA ILE D 39 11.88 -25.74 41.83
C ILE D 39 12.20 -27.22 42.00
N THR D 40 13.15 -27.52 42.88
CA THR D 40 13.54 -28.90 43.15
C THR D 40 12.35 -29.70 43.67
N ARG D 41 11.60 -29.10 44.60
CA ARG D 41 10.40 -29.76 45.10
C ARG D 41 9.42 -30.11 43.96
N LEU D 42 9.18 -29.17 43.04
CA LEU D 42 8.23 -29.38 41.94
C LEU D 42 8.68 -30.50 41.00
N ILE D 43 9.97 -30.50 40.68
CA ILE D 43 10.54 -31.53 39.82
C ILE D 43 10.43 -32.91 40.46
N GLY D 44 10.60 -32.95 41.79
CA GLY D 44 10.38 -34.18 42.55
C GLY D 44 8.94 -34.64 42.38
N GLU D 45 7.99 -33.75 42.61
CA GLU D 45 6.58 -34.09 42.43
C GLU D 45 6.28 -34.51 40.99
N ILE D 46 6.82 -33.77 40.02
CA ILE D 46 6.55 -34.08 38.61
C ILE D 46 7.00 -35.49 38.21
N GLN D 47 8.20 -35.91 38.61
CA GLN D 47 8.73 -37.23 38.20
C GLN D 47 7.95 -38.41 38.82
N ARG D 48 7.21 -38.14 39.90
CA ARG D 48 6.40 -39.17 40.57
C ARG D 48 4.96 -39.16 40.08
N ASP D 49 4.45 -38.00 39.68
CA ASP D 49 3.05 -37.85 39.31
C ASP D 49 2.87 -36.59 38.48
N PRO D 50 3.13 -36.71 37.17
CA PRO D 50 3.35 -35.61 36.23
C PRO D 50 2.34 -34.47 36.32
N PHE D 51 1.05 -34.79 36.42
CA PHE D 51 0.04 -33.76 36.14
C PHE D 51 -0.83 -33.38 37.32
N SER D 52 -0.47 -33.80 38.52
CA SER D 52 -1.19 -33.37 39.71
C SER D 52 -0.21 -33.14 40.86
N GLY D 53 -0.66 -32.39 41.86
CA GLY D 53 0.23 -31.94 42.93
C GLY D 53 0.23 -30.43 43.10
N ILE D 54 1.27 -29.91 43.72
CA ILE D 54 1.34 -28.48 44.00
C ILE D 54 1.67 -27.66 42.74
N GLY D 55 1.47 -26.35 42.83
CA GLY D 55 1.77 -25.43 41.74
C GLY D 55 0.71 -25.27 40.67
N LYS D 56 -0.49 -25.79 40.92
CA LYS D 56 -1.61 -25.63 40.01
C LYS D 56 -1.21 -26.03 38.60
N PRO D 57 -0.91 -27.31 38.38
CA PRO D 57 -0.44 -27.72 37.07
C PRO D 57 -1.51 -27.48 36.01
N GLU D 58 -1.13 -26.90 34.87
CA GLU D 58 -2.06 -26.53 33.81
C GLU D 58 -1.59 -27.11 32.48
N PRO D 59 -2.50 -27.75 31.72
CA PRO D 59 -2.17 -28.12 30.35
C PRO D 59 -2.18 -26.91 29.44
N LEU D 60 -1.01 -26.64 28.85
CA LEU D 60 -0.85 -25.54 27.91
C LEU D 60 -1.55 -25.91 26.58
N GLN D 61 -2.04 -24.89 25.88
CA GLN D 61 -2.93 -25.05 24.72
C GLN D 61 -2.36 -24.50 23.43
N GLY D 62 -3.02 -24.81 22.33
CA GLY D 62 -2.64 -24.28 21.02
C GLY D 62 -1.31 -24.82 20.55
N GLU D 63 -0.41 -23.91 20.17
CA GLU D 63 0.95 -24.28 19.77
C GLU D 63 1.73 -24.93 20.90
N LEU D 64 1.44 -24.55 22.13
CA LEU D 64 2.15 -25.13 23.26
C LEU D 64 1.51 -26.45 23.71
N SER D 65 0.57 -26.95 22.93
CA SER D 65 -0.12 -28.19 23.27
C SER D 65 0.85 -29.34 23.54
N GLY D 66 0.64 -30.06 24.63
CA GLY D 66 1.52 -31.15 25.01
C GLY D 66 2.48 -30.76 26.12
N TYR D 67 2.55 -29.47 26.43
CA TYR D 67 3.37 -29.03 27.53
C TYR D 67 2.50 -28.62 28.72
N TRP D 68 3.12 -28.59 29.89
CA TRP D 68 2.42 -28.24 31.11
C TRP D 68 3.15 -27.13 31.83
N SER D 69 2.42 -26.41 32.66
CA SER D 69 3.03 -25.38 33.49
C SER D 69 2.65 -25.59 34.95
N ARG D 70 3.61 -25.42 35.83
CA ARG D 70 3.35 -25.28 37.26
C ARG D 70 3.94 -23.97 37.73
N ARG D 71 3.36 -23.43 38.81
CA ARG D 71 3.79 -22.16 39.42
C ARG D 71 4.94 -22.33 40.40
N ILE D 72 6.02 -21.60 40.16
CA ILE D 72 7.14 -21.58 41.07
C ILE D 72 6.79 -20.53 42.12
N ASP D 73 6.28 -19.40 41.64
CA ASP D 73 5.63 -18.42 42.49
C ASP D 73 4.54 -17.73 41.65
N ASP D 74 3.99 -16.62 42.15
CA ASP D 74 2.93 -15.94 41.42
C ASP D 74 3.43 -15.43 40.04
N GLU D 75 4.75 -15.35 39.88
CA GLU D 75 5.32 -14.83 38.65
C GLU D 75 5.97 -15.90 37.74
N HIS D 76 6.87 -16.69 38.30
CA HIS D 76 7.65 -17.63 37.50
C HIS D 76 6.98 -19.00 37.36
N ARG D 77 7.19 -19.61 36.19
CA ARG D 77 6.60 -20.89 35.87
C ARG D 77 7.67 -21.90 35.44
N LEU D 78 7.48 -23.13 35.87
CA LEU D 78 8.29 -24.24 35.42
C LEU D 78 7.50 -24.87 34.29
N VAL D 79 8.02 -24.86 33.08
CA VAL D 79 7.25 -25.50 32.04
C VAL D 79 7.94 -26.75 31.52
N TYR D 80 7.14 -27.78 31.33
CA TYR D 80 7.70 -29.10 31.14
C TYR D 80 6.82 -29.96 30.26
N ARG D 81 7.38 -31.11 29.90
CA ARG D 81 6.74 -32.15 29.13
C ARG D 81 6.97 -33.45 29.92
N ALA D 82 6.00 -34.35 29.93
CA ALA D 82 6.18 -35.61 30.65
C ALA D 82 5.73 -36.82 29.83
N GLY D 83 6.44 -37.94 30.00
CA GLY D 83 6.05 -39.21 29.40
C GLY D 83 5.97 -40.31 30.45
N ASP D 84 6.01 -41.56 30.01
CA ASP D 84 5.98 -42.70 30.93
C ASP D 84 7.33 -42.96 31.57
N ASP D 85 8.40 -42.58 30.88
CA ASP D 85 9.76 -42.89 31.35
C ASP D 85 10.55 -41.67 31.79
N GLU D 86 10.16 -40.49 31.30
CA GLU D 86 10.96 -39.28 31.49
C GLU D 86 10.13 -38.00 31.57
N VAL D 87 10.73 -36.97 32.17
CA VAL D 87 10.13 -35.64 32.19
C VAL D 87 11.19 -34.62 31.79
N THR D 88 10.82 -33.68 30.93
CA THR D 88 11.76 -32.69 30.41
C THR D 88 11.35 -31.29 30.85
N MET D 89 12.28 -30.55 31.44
CA MET D 89 12.04 -29.17 31.80
C MET D 89 12.53 -28.25 30.68
N LEU D 90 11.66 -27.35 30.23
CA LEU D 90 12.00 -26.36 29.20
C LEU D 90 12.33 -24.99 29.76
N LYS D 91 11.63 -24.56 30.81
CA LYS D 91 11.92 -23.28 31.46
C LYS D 91 11.55 -23.31 32.93
N ALA D 92 12.27 -22.53 33.73
CA ALA D 92 11.96 -22.37 35.14
C ALA D 92 12.15 -20.92 35.56
N ARG D 93 11.85 -20.04 34.62
CA ARG D 93 11.94 -18.62 34.84
CA ARG D 93 12.01 -18.61 34.81
C ARG D 93 11.13 -17.85 33.82
N TYR D 94 10.46 -16.80 34.28
CA TYR D 94 9.69 -15.94 33.42
C TYR D 94 10.53 -14.72 33.09
N HIS D 95 10.51 -14.30 31.83
CA HIS D 95 11.36 -13.21 31.35
C HIS D 95 10.54 -12.02 30.89
N TYR D 96 11.07 -10.82 31.11
CA TYR D 96 10.46 -9.61 30.59
C TYR D 96 11.34 -8.95 29.53
N SER E 2 42.20 4.27 -1.74
CA SER E 2 42.56 3.22 -2.69
C SER E 2 43.62 3.71 -3.67
N ILE E 3 44.77 3.04 -3.68
CA ILE E 3 45.87 3.43 -4.54
C ILE E 3 46.32 2.29 -5.44
N SER E 4 47.03 2.63 -6.51
CA SER E 4 47.55 1.63 -7.44
C SER E 4 48.73 0.89 -6.81
N ALA E 5 49.03 -0.28 -7.35
CA ALA E 5 50.18 -1.08 -6.92
C ALA E 5 51.47 -0.32 -7.09
N SER E 6 51.57 0.43 -8.20
CA SER E 6 52.76 1.22 -8.46
C SER E 6 52.97 2.32 -7.41
N GLU E 7 51.91 3.02 -6.99
CA GLU E 7 52.04 4.06 -5.96
C GLU E 7 52.38 3.42 -4.64
N ALA E 8 51.67 2.33 -4.30
CA ALA E 8 51.89 1.64 -3.04
C ALA E 8 53.33 1.19 -2.94
N ARG E 9 53.87 0.71 -4.06
CA ARG E 9 55.25 0.24 -4.03
C ARG E 9 56.22 1.41 -3.85
N GLN E 10 55.98 2.51 -4.55
CA GLN E 10 56.83 3.68 -4.36
C GLN E 10 56.80 4.14 -2.90
N ARG E 11 55.61 4.09 -2.29
CA ARG E 11 55.39 4.65 -0.94
C ARG E 11 55.32 3.64 0.21
N LEU E 12 55.76 2.39 -0.02
CA LEU E 12 55.55 1.36 1.00
C LEU E 12 56.10 1.70 2.40
N PHE E 13 57.24 2.37 2.46
CA PHE E 13 57.77 2.70 3.79
C PHE E 13 56.79 3.60 4.56
N PRO E 14 56.53 4.82 4.07
CA PRO E 14 55.52 5.66 4.74
C PRO E 14 54.11 5.05 4.86
N LEU E 15 53.65 4.28 3.87
CA LEU E 15 52.34 3.62 3.98
C LEU E 15 52.30 2.71 5.19
N ILE E 16 53.37 1.97 5.37
CA ILE E 16 53.44 1.08 6.50
C ILE E 16 53.30 1.82 7.82
N GLU E 17 54.00 2.97 7.97
CA GLU E 17 53.81 3.77 9.19
C GLU E 17 52.37 4.29 9.24
N GLN E 18 51.89 4.78 8.10
CA GLN E 18 50.55 5.33 8.01
C GLN E 18 49.47 4.38 8.57
N VAL E 19 49.47 3.11 8.17
CA VAL E 19 48.44 2.18 8.65
C VAL E 19 48.59 1.87 10.12
N ASN E 20 49.82 1.95 10.63
CA ASN E 20 50.02 1.76 12.05
C ASN E 20 49.53 2.95 12.86
N THR E 21 49.66 4.15 12.32
CA THR E 21 49.37 5.36 13.09
C THR E 21 47.93 5.83 12.92
N ASP E 22 47.39 5.71 11.71
CA ASP E 22 45.99 6.07 11.47
C ASP E 22 45.01 4.89 11.72
N HIS E 23 45.54 3.69 11.89
CA HIS E 23 44.67 2.51 12.06
C HIS E 23 43.60 2.40 10.95
N GLN E 24 43.99 2.64 9.71
CA GLN E 24 43.04 2.58 8.60
C GLN E 24 43.66 1.80 7.45
N PRO E 25 43.01 0.69 7.06
CA PRO E 25 43.59 -0.12 5.99
C PRO E 25 43.71 0.66 4.69
N VAL E 26 44.64 0.25 3.84
CA VAL E 26 44.69 0.80 2.50
C VAL E 26 44.49 -0.28 1.45
N ARG E 27 43.63 0.01 0.49
CA ARG E 27 43.35 -0.90 -0.62
C ARG E 27 44.32 -0.61 -1.77
N ILE E 28 44.95 -1.65 -2.31
CA ILE E 28 45.91 -1.54 -3.39
C ILE E 28 45.40 -2.28 -4.63
N THR E 29 45.28 -1.58 -5.74
CA THR E 29 44.77 -2.19 -6.95
C THR E 29 45.89 -2.56 -7.92
N SER E 30 45.76 -3.72 -8.54
CA SER E 30 46.72 -4.16 -9.54
C SER E 30 46.04 -5.14 -10.47
N ARG E 31 46.70 -5.46 -11.58
CA ARG E 31 46.07 -6.31 -12.57
C ARG E 31 46.04 -7.77 -12.12
N ALA E 32 46.85 -8.11 -11.12
CA ALA E 32 46.88 -9.47 -10.62
C ALA E 32 45.88 -9.72 -9.49
N GLY E 33 45.00 -8.75 -9.24
CA GLY E 33 44.12 -8.81 -8.08
C GLY E 33 44.44 -7.68 -7.10
N ASP E 34 43.45 -7.27 -6.33
CA ASP E 34 43.69 -6.20 -5.36
C ASP E 34 44.16 -6.77 -4.05
N ALA E 35 44.79 -5.94 -3.24
CA ALA E 35 45.23 -6.31 -1.91
C ALA E 35 44.80 -5.25 -0.90
N VAL E 36 44.79 -5.64 0.36
CA VAL E 36 44.51 -4.73 1.44
C VAL E 36 45.75 -4.76 2.31
N LEU E 37 46.25 -3.58 2.69
CA LEU E 37 47.35 -3.46 3.64
C LEU E 37 46.86 -2.86 4.94
N MET E 38 47.19 -3.49 6.07
CA MET E 38 46.84 -2.94 7.36
C MET E 38 47.97 -3.24 8.31
N SER E 39 48.01 -2.56 9.45
CA SER E 39 49.03 -2.79 10.44
C SER E 39 48.80 -4.15 11.07
N ALA E 40 49.85 -4.72 11.66
CA ALA E 40 49.77 -6.02 12.30
C ALA E 40 48.83 -6.00 13.49
N ASP E 41 48.86 -4.91 14.27
CA ASP E 41 47.92 -4.76 15.38
C ASP E 41 46.47 -4.82 14.86
N ASP E 42 46.18 -4.05 13.81
CA ASP E 42 44.84 -3.95 13.27
C ASP E 42 44.38 -5.29 12.68
N TYR E 43 45.31 -6.05 12.10
CA TYR E 43 45.01 -7.39 11.60
C TYR E 43 44.62 -8.30 12.75
N ASP E 44 45.39 -8.27 13.83
CA ASP E 44 45.04 -9.06 15.00
C ASP E 44 43.66 -8.66 15.53
N ALA E 45 43.38 -7.37 15.58
CA ALA E 45 42.09 -6.89 16.09
C ALA E 45 40.98 -7.23 15.12
N TRP E 46 41.28 -7.15 13.83
CA TRP E 46 40.32 -7.58 12.80
C TRP E 46 39.97 -9.07 12.89
N GLN E 47 40.98 -9.92 13.00
CA GLN E 47 40.75 -11.36 13.14
C GLN E 47 39.84 -11.67 14.32
N GLU E 48 40.07 -10.96 15.43
CA GLU E 48 39.34 -11.21 16.66
C GLU E 48 37.90 -10.73 16.52
N THR E 49 37.71 -9.60 15.85
CA THR E 49 36.38 -9.07 15.61
C THR E 49 35.56 -10.02 14.73
N VAL E 50 36.17 -10.49 13.65
CA VAL E 50 35.57 -11.43 12.74
C VAL E 50 35.25 -12.74 13.48
N TYR E 51 36.16 -13.19 14.34
CA TYR E 51 35.94 -14.38 15.15
C TYR E 51 34.67 -14.31 16.00
N LEU E 52 34.45 -13.19 16.68
CA LEU E 52 33.28 -13.01 17.55
C LEU E 52 32.00 -12.98 16.73
N LEU E 53 32.08 -12.37 15.56
CA LEU E 53 30.91 -12.18 14.71
C LEU E 53 30.66 -13.27 13.66
N ARG E 54 31.53 -14.27 13.56
CA ARG E 54 31.38 -15.23 12.47
C ARG E 54 30.34 -16.32 12.78
N SER E 55 30.15 -16.61 14.07
CA SER E 55 29.13 -17.56 14.48
C SER E 55 27.80 -16.83 14.61
N PRO E 56 26.83 -17.22 13.78
CA PRO E 56 25.59 -16.44 13.81
C PRO E 56 25.03 -16.35 15.22
N GLU E 57 25.08 -17.43 15.98
CA GLU E 57 24.53 -17.42 17.32
C GLU E 57 25.34 -16.53 18.27
N ASN E 58 26.67 -16.59 18.16
CA ASN E 58 27.51 -15.79 19.03
C ASN E 58 27.33 -14.32 18.71
N ALA E 59 27.21 -14.03 17.41
CA ALA E 59 27.01 -12.65 16.96
C ALA E 59 25.73 -12.08 17.59
N ARG E 60 24.63 -12.83 17.48
CA ARG E 60 23.35 -12.28 17.96
C ARG E 60 23.39 -12.03 19.48
N ARG E 61 23.92 -12.96 20.26
CA ARG E 61 24.06 -12.73 21.69
C ARG E 61 24.95 -11.53 21.99
N LEU E 62 26.12 -11.50 21.38
CA LEU E 62 27.05 -10.40 21.61
C LEU E 62 26.43 -9.06 21.30
N MET E 63 25.85 -8.92 20.11
CA MET E 63 25.33 -7.63 19.69
C MET E 63 24.00 -7.28 20.41
N GLU E 64 23.27 -8.28 20.89
CA GLU E 64 22.15 -7.96 21.78
C GLU E 64 22.69 -7.37 23.09
N ALA E 65 23.82 -7.89 23.58
CA ALA E 65 24.43 -7.35 24.80
C ALA E 65 25.01 -5.96 24.57
N VAL E 66 25.56 -5.73 23.38
CA VAL E 66 26.06 -4.40 23.06
C VAL E 66 24.91 -3.39 23.05
N ALA E 67 23.77 -3.77 22.47
CA ALA E 67 22.62 -2.88 22.39
C ALA E 67 22.06 -2.49 23.77
N ARG E 68 22.05 -3.44 24.70
CA ARG E 68 21.62 -3.13 26.06
C ARG E 68 22.63 -2.25 26.76
N ASP E 69 23.92 -2.55 26.57
CA ASP E 69 24.97 -1.71 27.13
C ASP E 69 24.82 -0.28 26.63
N ALA E 71 22.34 1.15 25.61
CA ALA E 71 21.16 1.75 26.21
C ALA E 71 21.29 1.76 27.72
N PHE E 76 24.56 -3.03 36.88
CA PHE E 76 24.40 -4.25 37.68
C PHE E 76 25.75 -4.71 38.28
N THR E 77 26.04 -4.26 39.49
CA THR E 77 27.38 -4.37 40.07
C THR E 77 27.63 -5.64 40.86
N LYS E 78 28.86 -6.12 40.80
CA LYS E 78 29.36 -7.23 41.62
C LYS E 78 30.78 -6.91 42.04
N SER E 79 31.29 -7.65 43.02
CA SER E 79 32.65 -7.42 43.49
C SER E 79 33.56 -8.60 43.20
N VAL E 80 34.86 -8.32 43.09
CA VAL E 80 35.84 -9.32 42.71
C VAL E 80 36.03 -10.36 43.82
N ASP E 81 36.09 -9.90 45.06
CA ASP E 81 36.18 -10.81 46.20
C ASP E 81 34.97 -11.74 46.18
N GLU E 82 33.78 -11.16 45.98
CA GLU E 82 32.55 -11.94 45.83
C GLU E 82 32.69 -13.00 44.73
N LEU E 83 33.13 -12.57 43.55
CA LEU E 83 33.35 -13.48 42.43
C LEU E 83 34.40 -14.54 42.74
N ARG E 84 35.47 -14.14 43.43
CA ARG E 84 36.56 -15.05 43.81
C ARG E 84 36.04 -16.09 44.80
N GLU E 85 35.26 -15.60 45.76
CA GLU E 85 34.59 -16.45 46.73
C GLU E 85 33.74 -17.50 46.02
N MET E 86 32.91 -17.06 45.08
CA MET E 86 32.04 -17.98 44.34
C MET E 86 32.88 -18.98 43.54
N ALA E 87 34.01 -18.53 43.01
CA ALA E 87 34.83 -19.40 42.17
C ALA E 87 36.06 -19.90 42.94
N SER F 2 57.45 -13.96 7.73
CA SER F 2 57.65 -12.51 7.81
C SER F 2 58.79 -12.01 6.93
N ILE F 3 58.52 -11.01 6.08
CA ILE F 3 59.57 -10.39 5.28
C ILE F 3 59.78 -8.93 5.66
N SER F 4 60.96 -8.39 5.33
CA SER F 4 61.28 -7.00 5.64
C SER F 4 60.64 -6.02 4.66
N ALA F 5 60.48 -4.78 5.09
CA ALA F 5 59.85 -3.76 4.24
C ALA F 5 60.63 -3.57 2.94
N SER F 6 61.94 -3.64 3.05
CA SER F 6 62.76 -3.50 1.87
C SER F 6 62.44 -4.60 0.85
N GLU F 7 62.45 -5.84 1.31
CA GLU F 7 62.08 -6.97 0.44
C GLU F 7 60.69 -6.76 -0.14
N ALA F 8 59.71 -6.49 0.73
CA ALA F 8 58.32 -6.32 0.30
C ALA F 8 58.18 -5.20 -0.72
N ARG F 9 58.96 -4.14 -0.56
CA ARG F 9 58.84 -3.01 -1.47
C ARG F 9 59.33 -3.40 -2.87
N GLN F 10 60.52 -3.99 -2.95
CA GLN F 10 61.03 -4.47 -4.24
C GLN F 10 60.07 -5.45 -4.90
N ARG F 11 59.50 -6.33 -4.09
CA ARG F 11 58.76 -7.48 -4.58
C ARG F 11 57.22 -7.33 -4.45
N LEU F 12 56.73 -6.10 -4.32
CA LEU F 12 55.30 -5.93 -4.01
C LEU F 12 54.38 -6.52 -5.10
N PHE F 13 54.72 -6.37 -6.37
CA PHE F 13 53.81 -6.88 -7.41
C PHE F 13 53.56 -8.39 -7.34
N PRO F 14 54.61 -9.21 -7.25
CA PRO F 14 54.39 -10.65 -7.09
C PRO F 14 53.88 -11.07 -5.70
N LEU F 15 54.22 -10.33 -4.64
CA LEU F 15 53.58 -10.57 -3.35
C LEU F 15 52.06 -10.41 -3.46
N ILE F 16 51.64 -9.36 -4.13
CA ILE F 16 50.21 -9.18 -4.38
C ILE F 16 49.61 -10.37 -5.15
N GLU F 17 50.27 -10.82 -6.23
CA GLU F 17 49.77 -12.00 -6.94
C GLU F 17 49.72 -13.20 -5.99
N GLN F 18 50.72 -13.28 -5.12
CA GLN F 18 50.85 -14.40 -4.21
C GLN F 18 49.71 -14.48 -3.22
N VAL F 19 49.40 -13.38 -2.54
CA VAL F 19 48.34 -13.42 -1.56
C VAL F 19 46.99 -13.66 -2.24
N ASN F 20 46.86 -13.23 -3.48
CA ASN F 20 45.61 -13.46 -4.19
C ASN F 20 45.51 -14.88 -4.77
N THR F 21 46.59 -15.65 -4.68
CA THR F 21 46.63 -17.01 -5.21
C THR F 21 46.36 -18.04 -4.12
N ASP F 22 47.05 -17.92 -2.98
CA ASP F 22 46.89 -18.87 -1.88
C ASP F 22 46.10 -18.37 -0.65
N HIS F 23 45.60 -17.15 -0.70
CA HIS F 23 44.76 -16.63 0.38
C HIS F 23 45.43 -16.68 1.75
N GLN F 24 46.77 -16.68 1.75
CA GLN F 24 47.54 -16.58 2.99
C GLN F 24 48.11 -15.17 3.02
N PRO F 25 47.98 -14.48 4.15
CA PRO F 25 48.49 -13.11 4.23
C PRO F 25 50.02 -13.11 4.33
N VAL F 26 50.69 -12.03 3.95
CA VAL F 26 52.12 -11.92 4.30
C VAL F 26 52.36 -10.81 5.33
N ARG F 27 53.19 -11.12 6.32
CA ARG F 27 53.57 -10.17 7.34
C ARG F 27 54.81 -9.42 6.87
N ILE F 28 54.77 -8.09 6.95
CA ILE F 28 55.90 -7.24 6.56
C ILE F 28 56.41 -6.50 7.82
N THR F 29 57.71 -6.54 8.08
CA THR F 29 58.27 -5.83 9.24
C THR F 29 59.03 -4.56 8.83
N SER F 30 58.92 -3.51 9.65
CA SER F 30 59.66 -2.27 9.43
C SER F 30 59.90 -1.55 10.78
N ARG F 31 60.75 -0.55 10.80
CA ARG F 31 61.04 0.15 12.05
C ARG F 31 59.85 0.93 12.57
N ALA F 32 58.98 1.38 11.67
CA ALA F 32 57.78 2.11 12.10
C ALA F 32 56.57 1.19 12.22
N GLY F 33 56.79 -0.03 12.72
CA GLY F 33 55.70 -0.96 12.96
C GLY F 33 55.52 -1.98 11.85
N ASP F 34 54.86 -3.09 12.17
CA ASP F 34 54.63 -4.16 11.20
C ASP F 34 53.29 -4.02 10.49
N ALA F 35 53.20 -4.64 9.32
CA ALA F 35 51.98 -4.60 8.52
C ALA F 35 51.65 -5.99 8.00
N VAL F 36 50.46 -6.14 7.42
CA VAL F 36 50.02 -7.40 6.87
C VAL F 36 49.39 -7.09 5.54
N LEU F 37 49.83 -7.80 4.51
CA LEU F 37 49.28 -7.64 3.20
C LEU F 37 48.38 -8.84 2.95
N MET F 38 47.12 -8.61 2.60
CA MET F 38 46.22 -9.73 2.37
C MET F 38 45.38 -9.54 1.12
N SER F 39 44.78 -10.63 0.66
CA SER F 39 43.93 -10.60 -0.53
C SER F 39 42.73 -9.68 -0.25
N ALA F 40 42.41 -8.82 -1.19
CA ALA F 40 41.27 -7.93 -1.05
C ALA F 40 39.94 -8.69 -1.13
N ASP F 41 39.88 -9.70 -2.00
CA ASP F 41 38.68 -10.53 -2.10
C ASP F 41 38.37 -11.23 -0.77
N ASP F 42 39.40 -11.74 -0.11
CA ASP F 42 39.22 -12.43 1.17
C ASP F 42 38.81 -11.50 2.31
N TYR F 43 39.44 -10.33 2.39
CA TYR F 43 39.03 -9.32 3.34
C TYR F 43 37.53 -8.95 3.17
N ASP F 44 37.17 -8.67 1.92
CA ASP F 44 35.81 -8.24 1.60
C ASP F 44 34.76 -9.31 1.89
N ALA F 45 35.08 -10.56 1.59
CA ALA F 45 34.13 -11.66 1.78
C ALA F 45 33.87 -11.84 3.25
N TRP F 46 34.91 -11.75 4.07
CA TRP F 46 34.73 -11.83 5.51
C TRP F 46 33.97 -10.61 6.08
N GLN F 47 34.32 -9.42 5.61
CA GLN F 47 33.66 -8.20 6.02
C GLN F 47 32.15 -8.28 5.72
N GLU F 48 31.82 -8.75 4.53
CA GLU F 48 30.42 -8.91 4.13
C GLU F 48 29.69 -9.93 5.03
N THR F 49 30.39 -10.99 5.40
CA THR F 49 29.78 -12.04 6.22
C THR F 49 29.42 -11.47 7.59
N VAL F 50 30.37 -10.73 8.15
CA VAL F 50 30.20 -10.10 9.45
C VAL F 50 29.15 -8.97 9.42
N TYR F 51 29.07 -8.29 8.28
CA TYR F 51 28.06 -7.27 8.06
C TYR F 51 26.65 -7.86 8.17
N LEU F 52 26.45 -9.03 7.57
CA LEU F 52 25.14 -9.68 7.64
C LEU F 52 24.83 -10.16 9.05
N LEU F 53 25.86 -10.46 9.84
CA LEU F 53 25.66 -11.11 11.14
C LEU F 53 25.74 -10.17 12.33
N ARG F 54 26.05 -8.91 12.08
CA ARG F 54 26.31 -7.97 13.16
C ARG F 54 25.06 -7.25 13.67
N SER F 55 23.95 -7.35 12.95
CA SER F 55 22.67 -6.88 13.48
C SER F 55 21.90 -8.09 13.96
N PRO F 56 21.57 -8.13 15.27
CA PRO F 56 20.91 -9.32 15.86
C PRO F 56 19.65 -9.77 15.10
N GLU F 57 18.78 -8.85 14.78
CA GLU F 57 17.56 -9.15 14.03
C GLU F 57 17.87 -9.70 12.64
N ASN F 58 18.81 -9.08 11.93
CA ASN F 58 19.22 -9.59 10.62
C ASN F 58 19.84 -10.99 10.70
N ALA F 59 20.65 -11.24 11.73
CA ALA F 59 21.25 -12.56 11.92
C ALA F 59 20.19 -13.64 12.11
N ARG F 60 19.27 -13.40 13.03
CA ARG F 60 18.13 -14.31 13.25
C ARG F 60 17.36 -14.59 11.95
N ARG F 61 16.91 -13.54 11.31
CA ARG F 61 16.16 -13.68 10.06
C ARG F 61 16.92 -14.47 8.99
N LEU F 62 18.21 -14.19 8.86
CA LEU F 62 18.97 -14.84 7.80
C LEU F 62 19.12 -16.33 8.11
N MET F 63 19.43 -16.62 9.36
CA MET F 63 19.60 -18.00 9.84
C MET F 63 18.32 -18.87 9.79
N GLU F 64 17.18 -18.26 10.05
CA GLU F 64 15.93 -18.99 9.88
C GLU F 64 15.77 -19.34 8.40
N ALA F 65 16.12 -18.42 7.52
CA ALA F 65 16.01 -18.66 6.10
C ALA F 65 16.97 -19.75 5.68
N VAL F 66 18.17 -19.77 6.29
CA VAL F 66 19.15 -20.81 6.00
C VAL F 66 18.70 -22.19 6.52
N ALA F 67 18.10 -22.22 7.70
CA ALA F 67 17.57 -23.47 8.23
C ALA F 67 16.55 -24.02 7.22
N ARG F 68 15.49 -23.27 7.00
CA ARG F 68 14.52 -23.64 5.98
C ARG F 68 15.21 -24.08 4.71
N ASP F 69 16.20 -23.32 4.27
CA ASP F 69 16.89 -23.62 3.01
C ASP F 69 17.47 -25.03 3.02
N ALA F 71 16.58 -27.43 4.98
CA ALA F 71 15.51 -28.42 5.14
C ALA F 71 14.78 -28.67 3.81
N GLY F 72 14.90 -27.72 2.88
CA GLY F 72 14.55 -27.95 1.49
C GLY F 72 13.07 -28.09 1.14
N HIS F 73 12.19 -27.99 2.13
CA HIS F 73 10.76 -28.14 1.89
C HIS F 73 9.99 -26.87 2.23
N SER F 74 10.48 -25.73 1.75
CA SER F 74 9.90 -24.46 2.17
C SER F 74 9.85 -23.38 1.09
N ALA F 75 10.72 -23.49 0.09
CA ALA F 75 10.84 -22.46 -0.96
C ALA F 75 9.80 -22.66 -2.05
N PHE F 76 9.58 -21.62 -2.87
CA PHE F 76 8.64 -21.71 -4.00
C PHE F 76 9.09 -20.87 -5.19
N THR F 77 8.72 -21.32 -6.39
CA THR F 77 9.24 -20.73 -7.63
C THR F 77 8.50 -19.47 -8.09
N LYS F 78 9.21 -18.60 -8.79
CA LYS F 78 8.62 -17.43 -9.44
C LYS F 78 9.36 -17.17 -10.76
N SER F 79 8.71 -16.41 -11.65
CA SER F 79 9.34 -16.04 -12.91
C SER F 79 9.86 -14.61 -12.88
N VAL F 80 10.99 -14.39 -13.54
CA VAL F 80 11.56 -13.06 -13.59
C VAL F 80 10.64 -12.15 -14.40
N ASP F 81 9.93 -12.75 -15.35
CA ASP F 81 8.95 -12.01 -16.13
C ASP F 81 7.86 -11.43 -15.23
N GLU F 82 7.22 -12.26 -14.41
CA GLU F 82 6.20 -11.78 -13.49
C GLU F 82 6.77 -10.82 -12.44
N LEU F 83 8.00 -11.11 -12.01
CA LEU F 83 8.72 -10.18 -11.15
C LEU F 83 8.83 -8.82 -11.82
N ARG F 84 9.27 -8.80 -13.08
CA ARG F 84 9.38 -7.53 -13.81
C ARG F 84 8.00 -6.92 -13.98
N GLU F 85 7.04 -7.76 -14.35
CA GLU F 85 5.66 -7.32 -14.48
C GLU F 85 5.19 -6.57 -13.22
N MET F 86 5.32 -7.21 -12.06
CA MET F 86 4.82 -6.58 -10.84
C MET F 86 5.67 -5.41 -10.34
N ALA F 87 6.96 -5.37 -10.71
CA ALA F 87 7.77 -4.20 -10.37
C ALA F 87 7.54 -3.08 -11.37
N SER G 14 35.29 -0.71 39.55
CA SER G 14 33.91 -1.13 39.65
C SER G 14 33.49 -2.04 38.51
N VAL G 15 32.94 -3.21 38.82
CA VAL G 15 32.64 -4.21 37.80
C VAL G 15 31.14 -4.47 37.62
N ASN G 16 30.66 -4.19 36.40
CA ASN G 16 29.27 -4.44 36.04
C ASN G 16 29.13 -5.63 35.09
N PHE G 17 28.00 -6.32 35.18
CA PHE G 17 27.70 -7.40 34.25
C PHE G 17 26.42 -7.14 33.48
N ASP G 18 26.48 -7.27 32.17
CA ASP G 18 25.25 -7.52 31.41
C ASP G 18 24.63 -8.84 31.95
N PRO G 19 23.29 -8.96 31.92
CA PRO G 19 22.72 -10.17 32.50
C PRO G 19 23.14 -11.43 31.75
N ASP G 20 23.57 -11.29 30.50
CA ASP G 20 23.98 -12.49 29.76
C ASP G 20 25.41 -12.90 30.16
N ALA G 21 26.23 -11.92 30.52
CA ALA G 21 27.55 -12.18 31.06
C ALA G 21 27.45 -12.85 32.42
N TRP G 22 26.47 -12.42 33.21
CA TRP G 22 26.21 -13.06 34.49
C TRP G 22 25.82 -14.51 34.28
N GLU G 23 24.89 -14.78 33.36
CA GLU G 23 24.52 -16.16 33.05
C GLU G 23 25.74 -16.98 32.60
N ASP G 24 26.56 -16.41 31.71
CA ASP G 24 27.82 -17.05 31.27
C ASP G 24 28.67 -17.48 32.45
N PHE G 25 28.83 -16.57 33.41
CA PHE G 25 29.69 -16.85 34.54
C PHE G 25 29.10 -17.99 35.38
N LEU G 26 27.81 -17.89 35.69
CA LEU G 26 27.11 -18.97 36.40
C LEU G 26 27.26 -20.30 35.67
N PHE G 27 27.13 -20.26 34.35
CA PHE G 27 27.26 -21.48 33.57
C PHE G 27 28.60 -22.13 33.90
N TRP G 28 29.67 -21.34 33.90
CA TRP G 28 31.01 -21.85 34.16
C TRP G 28 31.22 -22.32 35.60
N LEU G 29 30.68 -21.57 36.55
CA LEU G 29 30.74 -21.90 37.96
C LEU G 29 30.34 -23.36 38.15
N ALA G 30 29.36 -23.78 37.36
CA ALA G 30 28.76 -25.10 37.50
C ALA G 30 29.43 -26.12 36.59
N ALA G 31 29.85 -25.67 35.41
CA ALA G 31 30.27 -26.61 34.37
C ALA G 31 31.77 -26.88 34.33
N ASP G 32 32.57 -25.94 34.78
CA ASP G 32 34.03 -26.05 34.80
C ASP G 32 34.63 -24.93 35.60
N ARG G 33 34.81 -25.13 36.89
CA ARG G 33 35.21 -24.08 37.82
C ARG G 33 36.54 -23.43 37.46
N LYS G 34 37.41 -24.24 36.86
CA LYS G 34 38.69 -23.76 36.36
C LYS G 34 38.45 -22.54 35.47
N THR G 35 37.52 -22.67 34.53
CA THR G 35 37.28 -21.61 33.57
C THR G 35 36.73 -20.37 34.29
N ALA G 36 35.91 -20.61 35.30
CA ALA G 36 35.34 -19.52 36.08
C ALA G 36 36.41 -18.79 36.89
N ARG G 37 37.45 -19.53 37.28
CA ARG G 37 38.59 -18.94 37.98
C ARG G 37 39.40 -18.05 37.04
N ARG G 38 39.62 -18.55 35.83
CA ARG G 38 40.25 -17.75 34.78
C ARG G 38 39.49 -16.46 34.54
N ILE G 39 38.17 -16.55 34.41
CA ILE G 39 37.38 -15.35 34.18
C ILE G 39 37.57 -14.39 35.34
N THR G 40 37.54 -14.94 36.55
CA THR G 40 37.76 -14.15 37.75
C THR G 40 39.10 -13.40 37.71
N ARG G 41 40.16 -14.13 37.35
CA ARG G 41 41.49 -13.52 37.24
C ARG G 41 41.54 -12.43 36.17
N LEU G 42 41.00 -12.69 34.99
CA LEU G 42 40.96 -11.67 33.94
C LEU G 42 40.24 -10.41 34.45
N ILE G 43 39.09 -10.60 35.10
CA ILE G 43 38.36 -9.47 35.65
C ILE G 43 39.21 -8.64 36.62
N GLY G 44 40.01 -9.32 37.43
CA GLY G 44 40.96 -8.60 38.28
C GLY G 44 41.95 -7.80 37.45
N GLU G 45 42.63 -8.49 36.53
CA GLU G 45 43.61 -7.83 35.68
C GLU G 45 43.02 -6.62 34.97
N ILE G 46 41.84 -6.79 34.37
CA ILE G 46 41.15 -5.72 33.65
C ILE G 46 40.77 -4.54 34.56
N GLN G 47 40.59 -4.84 35.83
CA GLN G 47 40.17 -3.83 36.78
C GLN G 47 41.35 -2.93 37.11
N ARG G 48 42.54 -3.53 37.17
CA ARG G 48 43.78 -2.82 37.47
C ARG G 48 44.29 -2.06 36.24
N ASP G 49 44.41 -2.76 35.11
CA ASP G 49 44.84 -2.15 33.85
C ASP G 49 44.03 -2.68 32.68
N PRO G 50 42.99 -1.93 32.28
CA PRO G 50 41.98 -2.43 31.34
C PRO G 50 42.49 -2.80 29.95
N PHE G 51 43.48 -2.11 29.42
CA PHE G 51 43.80 -2.30 28.00
C PHE G 51 45.09 -3.05 27.70
N SER G 52 45.79 -3.53 28.72
CA SER G 52 46.95 -4.37 28.46
C SER G 52 47.17 -5.34 29.60
N GLY G 53 47.85 -6.44 29.30
CA GLY G 53 48.06 -7.46 30.30
C GLY G 53 47.81 -8.83 29.71
N ILE G 54 47.33 -9.75 30.55
CA ILE G 54 47.13 -11.13 30.14
C ILE G 54 45.83 -11.26 29.35
N GLY G 55 45.72 -12.33 28.56
CA GLY G 55 44.49 -12.61 27.83
C GLY G 55 44.52 -12.03 26.44
N LYS G 56 45.67 -11.47 26.07
CA LYS G 56 45.85 -10.86 24.75
C LYS G 56 44.77 -9.85 24.41
N PRO G 57 44.69 -8.75 25.18
CA PRO G 57 43.57 -7.82 24.98
C PRO G 57 43.59 -7.25 23.57
N GLU G 58 42.44 -7.21 22.90
CA GLU G 58 42.32 -6.68 21.53
C GLU G 58 41.21 -5.65 21.48
N PRO G 59 41.47 -4.51 20.86
CA PRO G 59 40.41 -3.51 20.66
C PRO G 59 39.55 -3.86 19.45
N LEU G 60 38.27 -4.17 19.69
CA LEU G 60 37.39 -4.64 18.62
C LEU G 60 37.04 -3.54 17.62
N GLN G 61 36.57 -3.95 16.44
CA GLN G 61 36.32 -2.99 15.36
C GLN G 61 34.87 -2.97 14.93
N GLY G 62 34.53 -2.01 14.08
CA GLY G 62 33.21 -1.92 13.50
C GLY G 62 32.14 -1.61 14.53
N GLU G 63 31.03 -2.34 14.47
CA GLU G 63 29.98 -2.11 15.46
C GLU G 63 30.44 -2.48 16.88
N LEU G 64 31.60 -3.11 16.98
CA LEU G 64 32.16 -3.45 18.29
C LEU G 64 33.22 -2.46 18.79
N SER G 65 33.38 -1.36 18.06
CA SER G 65 34.33 -0.31 18.45
C SER G 65 34.02 0.23 19.84
N GLY G 66 35.06 0.35 20.65
CA GLY G 66 34.90 0.80 22.02
C GLY G 66 34.93 -0.36 22.97
N TYR G 67 34.87 -1.57 22.42
CA TYR G 67 34.88 -2.79 23.25
C TYR G 67 36.16 -3.55 23.10
N TRP G 68 36.51 -4.35 24.11
CA TRP G 68 37.72 -5.17 24.06
C TRP G 68 37.44 -6.63 24.25
N SER G 69 38.41 -7.45 23.89
CA SER G 69 38.28 -8.89 24.03
C SER G 69 39.55 -9.47 24.66
N ARG G 70 39.39 -10.34 25.65
CA ARG G 70 40.51 -11.13 26.18
C ARG G 70 40.17 -12.60 26.13
N ARG G 71 41.21 -13.42 26.02
CA ARG G 71 41.03 -14.84 25.85
C ARG G 71 40.89 -15.53 27.18
N ILE G 72 39.73 -16.14 27.38
CA ILE G 72 39.55 -16.97 28.55
C ILE G 72 40.25 -18.25 28.17
N ASP G 73 40.17 -18.54 26.89
CA ASP G 73 40.46 -19.85 26.35
C ASP G 73 40.81 -19.64 24.90
N ASP G 74 41.31 -20.69 24.24
CA ASP G 74 41.41 -20.70 22.78
C ASP G 74 40.04 -20.48 22.12
N GLU G 75 38.97 -20.82 22.81
CA GLU G 75 37.64 -20.77 22.21
C GLU G 75 36.82 -19.59 22.71
N HIS G 76 36.75 -19.44 24.02
CA HIS G 76 35.91 -18.45 24.67
C HIS G 76 36.62 -17.11 24.92
N ARG G 77 35.83 -16.04 24.89
CA ARG G 77 36.37 -14.70 25.03
C ARG G 77 35.61 -13.92 26.10
N LEU G 78 36.36 -13.09 26.82
CA LEU G 78 35.79 -12.14 27.74
C LEU G 78 35.69 -10.83 26.99
N VAL G 79 34.47 -10.39 26.70
CA VAL G 79 34.23 -9.15 25.94
C VAL G 79 33.73 -8.06 26.86
N TYR G 80 34.42 -6.93 26.89
CA TYR G 80 34.15 -5.88 27.87
C TYR G 80 34.37 -4.47 27.34
N ARG G 81 33.90 -3.50 28.12
CA ARG G 81 34.07 -2.10 27.82
C ARG G 81 34.61 -1.50 29.10
N ALA G 82 35.43 -0.47 29.00
CA ALA G 82 36.01 0.11 30.20
C ALA G 82 36.05 1.62 30.11
N GLY G 83 35.62 2.27 31.19
CA GLY G 83 35.75 3.71 31.32
C GLY G 83 36.79 4.03 32.38
N ASP G 84 36.66 5.19 33.01
CA ASP G 84 37.57 5.60 34.08
C ASP G 84 37.22 4.89 35.38
N ASP G 85 35.93 4.85 35.69
CA ASP G 85 35.45 4.34 36.96
C ASP G 85 34.84 2.93 36.88
N GLU G 86 34.25 2.60 35.73
CA GLU G 86 33.56 1.32 35.61
C GLU G 86 34.16 0.37 34.58
N VAL G 87 34.00 -0.92 34.83
CA VAL G 87 34.34 -1.96 33.87
C VAL G 87 33.12 -2.83 33.66
N THR G 88 32.71 -3.02 32.41
CA THR G 88 31.45 -3.71 32.11
C THR G 88 31.66 -4.96 31.28
N MET G 89 31.19 -6.10 31.79
CA MET G 89 31.35 -7.37 31.07
C MET G 89 30.12 -7.63 30.19
N LEU G 90 30.34 -8.01 28.94
CA LEU G 90 29.25 -8.25 27.99
C LEU G 90 28.98 -9.73 27.74
N LYS G 91 30.04 -10.50 27.51
CA LYS G 91 29.94 -11.93 27.29
C LYS G 91 31.17 -12.63 27.89
N ALA G 92 31.00 -13.89 28.28
CA ALA G 92 32.10 -14.67 28.80
C ALA G 92 32.04 -16.09 28.31
N ARG G 93 31.46 -16.25 27.12
CA ARG G 93 31.26 -17.56 26.55
C ARG G 93 30.96 -17.40 25.07
N TYR G 94 31.55 -18.27 24.28
CA TYR G 94 31.34 -18.25 22.84
C TYR G 94 30.22 -19.23 22.54
N HIS G 95 29.21 -18.79 21.78
CA HIS G 95 28.03 -19.59 21.49
C HIS G 95 27.99 -20.09 20.06
N TYR G 96 27.30 -21.20 19.86
CA TYR G 96 27.16 -21.79 18.54
C TYR G 96 25.69 -21.99 18.19
N VAL H 12 20.52 -21.68 -18.32
CA VAL H 12 19.70 -20.83 -17.46
C VAL H 12 19.29 -21.58 -16.20
N ARG H 13 18.75 -20.86 -15.23
CA ARG H 13 18.30 -21.45 -13.98
C ARG H 13 16.91 -20.94 -13.61
N SER H 14 16.22 -21.67 -12.74
CA SER H 14 14.91 -21.25 -12.26
C SER H 14 15.04 -20.48 -10.96
N VAL H 15 14.09 -19.58 -10.71
CA VAL H 15 14.16 -18.72 -9.55
C VAL H 15 13.22 -19.16 -8.43
N ASN H 16 13.80 -19.56 -7.30
CA ASN H 16 13.01 -19.87 -6.11
C ASN H 16 13.19 -18.83 -5.01
N PHE H 17 12.14 -18.64 -4.23
CA PHE H 17 12.20 -17.76 -3.09
C PHE H 17 11.95 -18.53 -1.82
N ASP H 18 12.68 -18.16 -0.77
CA ASP H 18 12.28 -18.48 0.58
C ASP H 18 11.12 -17.53 0.89
N PRO H 19 10.18 -17.99 1.73
CA PRO H 19 9.00 -17.15 2.03
C PRO H 19 9.38 -15.76 2.53
N ASP H 20 10.39 -15.67 3.39
CA ASP H 20 10.77 -14.39 3.97
C ASP H 20 11.39 -13.46 2.90
N ALA H 21 12.16 -14.04 1.99
CA ALA H 21 12.68 -13.27 0.86
C ALA H 21 11.53 -12.75 0.00
N TRP H 22 10.54 -13.60 -0.26
CA TRP H 22 9.38 -13.15 -1.02
C TRP H 22 8.66 -12.01 -0.30
N GLU H 23 8.59 -12.07 1.02
CA GLU H 23 7.99 -10.97 1.74
C GLU H 23 8.84 -9.71 1.69
N ASP H 24 10.14 -9.89 1.54
CA ASP H 24 11.04 -8.75 1.39
C ASP H 24 10.71 -8.02 0.11
N PHE H 25 10.49 -8.80 -0.95
CA PHE H 25 10.22 -8.25 -2.29
C PHE H 25 8.85 -7.54 -2.27
N LEU H 26 7.83 -8.24 -1.77
CA LEU H 26 6.51 -7.63 -1.62
C LEU H 26 6.68 -6.29 -0.93
N PHE H 27 7.45 -6.29 0.16
CA PHE H 27 7.63 -5.09 0.95
C PHE H 27 8.16 -3.95 0.08
N TRP H 28 9.14 -4.27 -0.76
CA TRP H 28 9.76 -3.24 -1.60
C TRP H 28 8.79 -2.66 -2.62
N LEU H 29 8.03 -3.54 -3.27
CA LEU H 29 6.99 -3.12 -4.20
C LEU H 29 6.17 -1.90 -3.69
N ALA H 30 5.76 -1.96 -2.42
CA ALA H 30 4.98 -0.87 -1.85
C ALA H 30 5.84 0.19 -1.17
N ALA H 31 7.01 -0.20 -0.69
CA ALA H 31 7.83 0.72 0.12
C ALA H 31 8.75 1.58 -0.75
N ASP H 32 9.30 0.98 -1.80
CA ASP H 32 10.14 1.72 -2.74
C ASP H 32 10.31 0.94 -4.04
N ARG H 33 9.42 1.20 -4.98
CA ARG H 33 9.35 0.39 -6.19
C ARG H 33 10.69 0.25 -6.92
N LYS H 34 11.49 1.31 -6.90
CA LYS H 34 12.80 1.27 -7.55
C LYS H 34 13.75 0.27 -6.89
N THR H 35 13.69 0.15 -5.56
CA THR H 35 14.44 -0.89 -4.87
C THR H 35 13.94 -2.26 -5.32
N ALA H 36 12.65 -2.38 -5.62
CA ALA H 36 12.10 -3.65 -6.11
C ALA H 36 12.57 -3.91 -7.55
N ARG H 37 12.67 -2.84 -8.33
CA ARG H 37 13.23 -2.95 -9.67
C ARG H 37 14.70 -3.38 -9.62
N ARG H 38 15.46 -2.74 -8.74
CA ARG H 38 16.85 -3.11 -8.52
C ARG H 38 16.99 -4.59 -8.27
N ILE H 39 16.15 -5.12 -7.38
CA ILE H 39 16.25 -6.50 -6.98
C ILE H 39 15.94 -7.41 -8.15
N THR H 40 14.93 -7.02 -8.93
CA THR H 40 14.52 -7.79 -10.10
C THR H 40 15.65 -7.89 -11.13
N ARG H 41 16.34 -6.78 -11.37
CA ARG H 41 17.52 -6.82 -12.21
C ARG H 41 18.55 -7.83 -11.68
N LEU H 42 19.00 -7.65 -10.44
CA LEU H 42 20.02 -8.53 -9.89
C LEU H 42 19.66 -10.00 -10.05
N ILE H 43 18.40 -10.33 -9.81
CA ILE H 43 17.95 -11.72 -9.94
C ILE H 43 18.12 -12.22 -11.37
N GLY H 44 17.88 -11.33 -12.33
CA GLY H 44 18.03 -11.67 -13.72
C GLY H 44 19.48 -11.99 -14.05
N GLU H 45 20.40 -11.17 -13.55
CA GLU H 45 21.81 -11.42 -13.81
C GLU H 45 22.27 -12.70 -13.11
N ILE H 46 21.86 -12.86 -11.85
CA ILE H 46 22.20 -14.04 -11.07
C ILE H 46 21.86 -15.34 -11.80
N GLN H 47 20.63 -15.48 -12.28
CA GLN H 47 20.26 -16.69 -13.01
C GLN H 47 21.04 -16.79 -14.32
N ARG H 48 21.53 -15.64 -14.80
CA ARG H 48 22.35 -15.55 -16.00
C ARG H 48 23.79 -15.98 -15.72
N ASP H 49 24.36 -15.49 -14.62
CA ASP H 49 25.68 -15.89 -14.13
C ASP H 49 25.80 -15.61 -12.64
N PRO H 50 25.49 -16.61 -11.81
CA PRO H 50 25.30 -16.51 -10.36
C PRO H 50 26.46 -15.93 -9.56
N PHE H 51 27.69 -16.14 -10.02
CA PHE H 51 28.83 -15.83 -9.18
C PHE H 51 29.66 -14.59 -9.58
N SER H 52 29.29 -13.95 -10.68
CA SER H 52 29.94 -12.69 -11.06
C SER H 52 29.06 -11.75 -11.88
N GLY H 53 29.40 -10.46 -11.85
CA GLY H 53 28.61 -9.45 -12.52
C GLY H 53 28.24 -8.35 -11.53
N ILE H 54 27.14 -7.65 -11.81
CA ILE H 54 26.74 -6.48 -11.04
C ILE H 54 26.34 -6.75 -9.59
N GLY H 55 26.40 -5.71 -8.77
CA GLY H 55 26.03 -5.81 -7.36
C GLY H 55 27.15 -6.32 -6.45
N LYS H 56 28.36 -6.41 -7.00
CA LYS H 56 29.54 -6.78 -6.22
C LYS H 56 29.33 -8.08 -5.45
N PRO H 57 29.12 -9.18 -6.17
CA PRO H 57 28.87 -10.48 -5.55
C PRO H 57 30.03 -10.90 -4.66
N GLU H 58 29.70 -11.39 -3.46
CA GLU H 58 30.66 -11.83 -2.45
C GLU H 58 30.31 -13.22 -1.94
N PRO H 59 31.29 -14.15 -1.97
CA PRO H 59 31.09 -15.47 -1.36
C PRO H 59 31.08 -15.34 0.15
N LEU H 60 29.99 -15.76 0.79
CA LEU H 60 29.88 -15.68 2.24
C LEU H 60 30.72 -16.77 2.87
N GLN H 61 31.23 -16.52 4.08
CA GLN H 61 32.23 -17.39 4.69
C GLN H 61 31.74 -18.08 5.97
N GLY H 62 32.56 -18.98 6.49
CA GLY H 62 32.30 -19.63 7.77
C GLY H 62 31.04 -20.48 7.75
N GLU H 63 30.20 -20.29 8.74
CA GLU H 63 28.93 -21.01 8.82
C GLU H 63 28.01 -20.68 7.64
N LEU H 64 28.37 -19.67 6.83
CA LEU H 64 27.57 -19.27 5.67
C LEU H 64 28.16 -19.67 4.31
N SER H 65 29.21 -20.49 4.30
CA SER H 65 29.79 -20.95 3.05
C SER H 65 28.72 -21.53 2.12
N GLY H 66 28.79 -21.20 0.84
CA GLY H 66 27.83 -21.68 -0.13
C GLY H 66 26.83 -20.60 -0.53
N TYR H 67 26.62 -19.64 0.36
CA TYR H 67 25.74 -18.53 0.05
C TYR H 67 26.52 -17.34 -0.49
N TRP H 68 25.82 -16.50 -1.25
CA TRP H 68 26.40 -15.34 -1.85
C TRP H 68 25.59 -14.12 -1.50
N SER H 69 26.23 -12.96 -1.63
CA SER H 69 25.57 -11.69 -1.37
C SER H 69 25.85 -10.74 -2.53
N ARG H 70 24.83 -9.97 -2.90
CA ARG H 70 25.03 -8.84 -3.81
C ARG H 70 24.35 -7.60 -3.22
N ARG H 71 24.81 -6.43 -3.68
CA ARG H 71 24.29 -5.19 -3.11
C ARG H 71 23.03 -4.74 -3.84
N ILE H 72 21.92 -4.73 -3.11
CA ILE H 72 20.74 -4.09 -3.64
C ILE H 72 21.06 -2.61 -3.57
N ASP H 73 21.78 -2.25 -2.51
CA ASP H 73 21.89 -0.88 -2.07
C ASP H 73 23.08 -0.85 -1.12
N ASP H 74 23.48 0.33 -0.66
CA ASP H 74 24.58 0.42 0.29
C ASP H 74 24.27 -0.27 1.60
N GLU H 75 23.00 -0.56 1.80
CA GLU H 75 22.53 -1.05 3.09
C GLU H 75 21.96 -2.46 2.95
N HIS H 76 21.18 -2.67 1.89
CA HIS H 76 20.42 -3.90 1.72
C HIS H 76 21.11 -4.90 0.82
N ARG H 77 21.00 -6.17 1.20
CA ARG H 77 21.68 -7.23 0.49
C ARG H 77 20.70 -8.29 0.02
N LEU H 78 20.90 -8.73 -1.20
CA LEU H 78 20.22 -9.88 -1.74
C LEU H 78 21.08 -11.09 -1.41
N VAL H 79 20.63 -11.92 -0.49
CA VAL H 79 21.42 -13.09 -0.13
C VAL H 79 20.83 -14.31 -0.83
N TYR H 80 21.70 -15.09 -1.48
CA TYR H 80 21.25 -16.17 -2.33
C TYR H 80 22.18 -17.36 -2.35
N ARG H 81 21.69 -18.46 -2.91
CA ARG H 81 22.45 -19.66 -3.17
C ARG H 81 22.19 -20.01 -4.62
N ALA H 82 23.08 -20.77 -5.24
CA ALA H 82 22.88 -21.17 -6.63
C ALA H 82 23.31 -22.60 -6.85
N GLY H 83 22.45 -23.35 -7.55
CA GLY H 83 22.79 -24.69 -8.01
C GLY H 83 23.13 -24.62 -9.49
N ASP H 84 23.21 -25.78 -10.13
CA ASP H 84 23.45 -25.81 -11.57
C ASP H 84 22.12 -25.81 -12.33
N ASP H 85 21.03 -25.96 -11.58
CA ASP H 85 19.70 -25.92 -12.16
C ASP H 85 18.93 -24.65 -11.78
N GLU H 86 19.05 -24.24 -10.52
CA GLU H 86 18.20 -23.17 -10.00
C GLU H 86 18.96 -22.19 -9.12
N VAL H 87 18.28 -21.14 -8.70
CA VAL H 87 18.82 -20.16 -7.75
C VAL H 87 17.76 -19.80 -6.70
N THR H 88 18.16 -19.78 -5.44
CA THR H 88 17.23 -19.50 -4.35
C THR H 88 17.58 -18.23 -3.56
N MET H 89 16.65 -17.28 -3.54
CA MET H 89 16.76 -16.08 -2.73
C MET H 89 16.39 -16.33 -1.25
N LEU H 90 17.34 -16.14 -0.35
CA LEU H 90 17.04 -16.31 1.06
C LEU H 90 16.57 -15.02 1.71
N LYS H 91 17.10 -13.89 1.28
CA LYS H 91 16.73 -12.58 1.86
C LYS H 91 16.87 -11.46 0.83
N ALA H 92 16.01 -10.44 0.93
CA ALA H 92 16.13 -9.25 0.07
C ALA H 92 16.04 -7.93 0.84
N ARG H 93 16.45 -7.96 2.11
CA ARG H 93 16.36 -6.80 2.97
C ARG H 93 17.23 -6.94 4.19
N TYR H 94 17.78 -5.83 4.65
CA TYR H 94 18.55 -5.83 5.87
C TYR H 94 17.70 -5.37 7.06
N HIS H 95 17.61 -6.21 8.10
CA HIS H 95 16.79 -5.91 9.28
C HIS H 95 17.57 -5.39 10.49
N TYR H 96 16.93 -4.50 11.24
CA TYR H 96 17.52 -3.90 12.43
C TYR H 96 16.80 -4.32 13.72
N SER I 2 -28.05 13.64 -21.79
CA SER I 2 -27.54 12.57 -22.63
C SER I 2 -26.38 13.07 -23.47
N ILE I 3 -25.21 12.45 -23.29
CA ILE I 3 -24.03 12.82 -24.07
C ILE I 3 -23.54 11.66 -24.92
N SER I 4 -22.73 11.99 -25.91
CA SER I 4 -22.22 10.99 -26.85
C SER I 4 -21.01 10.27 -26.29
N ALA I 5 -20.81 9.05 -26.76
CA ALA I 5 -19.65 8.26 -26.39
C ALA I 5 -18.36 9.02 -26.63
N SER I 6 -18.33 9.76 -27.73
CA SER I 6 -17.12 10.50 -28.09
C SER I 6 -16.81 11.52 -26.99
N GLU I 7 -17.83 12.26 -26.58
CA GLU I 7 -17.67 13.25 -25.52
C GLU I 7 -17.40 12.62 -24.15
N ALA I 8 -18.12 11.55 -23.82
CA ALA I 8 -17.94 10.88 -22.53
C ALA I 8 -16.50 10.44 -22.36
N ARG I 9 -15.90 9.95 -23.44
CA ARG I 9 -14.53 9.48 -23.38
C ARG I 9 -13.61 10.67 -23.14
N GLN I 10 -13.73 11.70 -23.96
CA GLN I 10 -12.98 12.92 -23.74
C GLN I 10 -13.07 13.36 -22.27
N ARG I 11 -14.26 13.35 -21.72
CA ARG I 11 -14.50 13.93 -20.37
C ARG I 11 -14.59 12.92 -19.24
N LEU I 12 -14.10 11.70 -19.47
CA LEU I 12 -14.33 10.62 -18.50
C LEU I 12 -13.85 10.95 -17.08
N PHE I 13 -12.68 11.55 -16.94
CA PHE I 13 -12.21 11.89 -15.59
C PHE I 13 -13.19 12.80 -14.81
N PRO I 14 -13.47 14.01 -15.33
CA PRO I 14 -14.46 14.87 -14.67
C PRO I 14 -15.87 14.27 -14.59
N LEU I 15 -16.28 13.47 -15.57
CA LEU I 15 -17.61 12.86 -15.54
C LEU I 15 -17.74 11.95 -14.33
N ILE I 16 -16.69 11.18 -14.08
CA ILE I 16 -16.62 10.31 -12.93
C ILE I 16 -16.81 11.10 -11.64
N GLU I 17 -16.13 12.24 -11.51
CA GLU I 17 -16.35 13.07 -10.32
C GLU I 17 -17.76 13.64 -10.34
N GLN I 18 -18.24 14.01 -11.52
CA GLN I 18 -19.57 14.61 -11.65
C GLN I 18 -20.70 13.68 -11.15
N VAL I 19 -20.72 12.42 -11.58
CA VAL I 19 -21.75 11.51 -11.08
C VAL I 19 -21.63 11.26 -9.57
N ASN I 20 -20.42 11.30 -9.03
CA ASN I 20 -20.22 11.08 -7.60
C ASN I 20 -20.73 12.27 -6.80
N THR I 21 -20.54 13.46 -7.36
CA THR I 21 -20.84 14.70 -6.65
C THR I 21 -22.30 15.08 -6.78
N ASP I 22 -22.83 14.99 -7.99
CA ASP I 22 -24.23 15.33 -8.27
C ASP I 22 -25.22 14.18 -8.00
N HIS I 23 -24.72 12.99 -7.67
CA HIS I 23 -25.59 11.82 -7.53
C HIS I 23 -26.60 11.75 -8.65
N GLN I 24 -26.13 11.87 -9.88
CA GLN I 24 -27.04 11.80 -10.99
C GLN I 24 -26.35 11.12 -12.17
N PRO I 25 -26.91 10.00 -12.62
CA PRO I 25 -26.40 9.18 -13.72
C PRO I 25 -26.38 9.93 -15.04
N VAL I 26 -25.44 9.57 -15.90
CA VAL I 26 -25.40 10.10 -17.25
C VAL I 26 -25.57 8.99 -18.32
N ARG I 27 -26.46 9.23 -19.28
CA ARG I 27 -26.64 8.31 -20.40
C ARG I 27 -25.63 8.62 -21.49
N ILE I 28 -24.89 7.60 -21.93
CA ILE I 28 -23.92 7.76 -23.01
C ILE I 28 -24.41 7.09 -24.28
N THR I 29 -24.59 7.86 -25.35
CA THR I 29 -25.11 7.31 -26.60
C THR I 29 -23.98 6.90 -27.55
N SER I 30 -24.25 5.85 -28.31
CA SER I 30 -23.21 5.18 -29.06
C SER I 30 -23.88 4.24 -30.04
N ARG I 31 -23.21 3.93 -31.14
CA ARG I 31 -23.79 3.07 -32.16
C ARG I 31 -23.79 1.61 -31.70
N ALA I 32 -22.87 1.28 -30.79
CA ALA I 32 -22.77 -0.06 -30.24
C ALA I 32 -23.86 -0.31 -29.21
N GLY I 33 -24.73 0.68 -29.03
CA GLY I 33 -25.74 0.60 -27.99
C GLY I 33 -25.42 1.63 -26.93
N ASP I 34 -26.40 1.99 -26.10
CA ASP I 34 -26.19 3.03 -25.12
C ASP I 34 -25.79 2.48 -23.75
N ALA I 35 -25.19 3.33 -22.93
CA ALA I 35 -24.77 2.94 -21.61
C ALA I 35 -25.18 4.01 -20.61
N VAL I 36 -25.20 3.64 -19.34
CA VAL I 36 -25.49 4.57 -18.29
C VAL I 36 -24.28 4.53 -17.39
N LEU I 37 -23.82 5.71 -16.97
CA LEU I 37 -22.69 5.83 -16.08
C LEU I 37 -23.17 6.41 -14.78
N MET I 38 -22.73 5.82 -13.67
CA MET I 38 -23.33 6.10 -12.38
C MET I 38 -22.20 6.00 -11.36
N SER I 39 -22.27 6.75 -10.28
CA SER I 39 -21.28 6.58 -9.21
C SER I 39 -21.44 5.19 -8.59
N ALA I 40 -20.38 4.68 -7.98
CA ALA I 40 -20.40 3.37 -7.38
C ALA I 40 -21.35 3.34 -6.19
N ASP I 41 -21.36 4.40 -5.39
CA ASP I 41 -22.34 4.50 -4.29
C ASP I 41 -23.79 4.49 -4.80
N ASP I 42 -24.06 5.23 -5.86
CA ASP I 42 -25.42 5.27 -6.39
C ASP I 42 -25.83 3.95 -7.02
N TYR I 43 -24.89 3.29 -7.69
CA TYR I 43 -25.17 1.95 -8.19
C TYR I 43 -25.59 1.01 -7.07
N ASP I 44 -24.90 1.07 -5.93
CA ASP I 44 -25.26 0.21 -4.80
C ASP I 44 -26.65 0.56 -4.28
N ALA I 45 -26.94 1.86 -4.23
CA ALA I 45 -28.25 2.34 -3.78
C ALA I 45 -29.34 1.95 -4.77
N TRP I 46 -29.03 2.02 -6.06
CA TRP I 46 -29.99 1.64 -7.09
C TRP I 46 -30.30 0.14 -7.03
N GLN I 47 -29.25 -0.66 -6.88
CA GLN I 47 -29.41 -2.12 -6.75
C GLN I 47 -30.27 -2.48 -5.53
N GLU I 48 -29.98 -1.88 -4.38
CA GLU I 48 -30.82 -2.08 -3.20
C GLU I 48 -32.29 -1.68 -3.45
N THR I 49 -32.48 -0.54 -4.08
CA THR I 49 -33.82 -0.03 -4.34
C THR I 49 -34.60 -0.97 -5.26
N VAL I 50 -33.96 -1.38 -6.35
CA VAL I 50 -34.49 -2.41 -7.22
C VAL I 50 -34.75 -3.74 -6.49
N TYR I 51 -33.83 -4.14 -5.61
CA TYR I 51 -34.01 -5.36 -4.84
C TYR I 51 -35.34 -5.32 -4.08
N LEU I 52 -35.60 -4.21 -3.38
CA LEU I 52 -36.79 -4.06 -2.55
C LEU I 52 -38.10 -4.07 -3.35
N LEU I 53 -38.07 -3.53 -4.55
CA LEU I 53 -39.29 -3.32 -5.32
C LEU I 53 -39.50 -4.33 -6.46
N ARG I 54 -38.57 -5.27 -6.62
CA ARG I 54 -38.64 -6.19 -7.75
C ARG I 54 -39.51 -7.38 -7.42
N SER I 55 -39.63 -7.69 -6.13
CA SER I 55 -40.58 -8.70 -5.72
C SER I 55 -41.90 -8.00 -5.51
N PRO I 56 -42.92 -8.38 -6.29
CA PRO I 56 -44.21 -7.69 -6.31
C PRO I 56 -44.87 -7.60 -4.94
N GLU I 57 -44.92 -8.72 -4.24
CA GLU I 57 -45.53 -8.75 -2.91
C GLU I 57 -44.76 -7.80 -2.01
N ASN I 58 -43.44 -7.88 -2.06
CA ASN I 58 -42.62 -7.03 -1.21
C ASN I 58 -42.85 -5.59 -1.52
N ALA I 59 -42.95 -5.28 -2.81
CA ALA I 59 -43.18 -3.92 -3.27
C ALA I 59 -44.51 -3.40 -2.72
N ARG I 60 -45.55 -4.24 -2.84
CA ARG I 60 -46.89 -3.87 -2.34
C ARG I 60 -46.84 -3.46 -0.86
N ARG I 61 -46.34 -4.36 -0.01
CA ARG I 61 -46.29 -4.08 1.43
C ARG I 61 -45.43 -2.87 1.80
N LEU I 62 -44.24 -2.77 1.22
CA LEU I 62 -43.37 -1.67 1.55
C LEU I 62 -43.94 -0.32 1.14
N MET I 63 -44.49 -0.22 -0.06
CA MET I 63 -45.00 1.07 -0.52
C MET I 63 -46.32 1.46 0.21
N GLU I 64 -47.10 0.46 0.62
CA GLU I 64 -48.22 0.70 1.54
C GLU I 64 -47.76 1.30 2.91
N ALA I 65 -46.67 0.79 3.46
CA ALA I 65 -46.14 1.38 4.69
C ALA I 65 -45.55 2.76 4.45
N VAL I 66 -44.97 2.98 3.27
CA VAL I 66 -44.47 4.32 2.97
C VAL I 66 -45.65 5.31 2.88
N ALA I 67 -46.74 4.86 2.26
CA ALA I 67 -47.92 5.71 2.16
C ALA I 67 -48.42 6.08 3.55
N ARG I 68 -48.56 5.07 4.42
CA ARG I 68 -48.98 5.30 5.80
C ARG I 68 -48.06 6.26 6.54
N ASP I 69 -46.76 6.15 6.26
CA ASP I 69 -45.75 6.95 6.97
C ASP I 69 -45.89 8.42 6.62
N LYS I 70 -46.18 8.66 5.34
CA LYS I 70 -46.41 10.02 4.85
C LYS I 70 -47.70 10.63 5.42
N ALA I 71 -48.64 9.77 5.83
CA ALA I 71 -49.92 10.22 6.38
C ALA I 71 -49.87 10.36 7.91
N PHE I 76 -46.23 3.70 16.21
CA PHE I 76 -46.10 3.74 17.66
C PHE I 76 -44.68 3.49 18.19
N THR I 77 -44.48 3.80 19.47
CA THR I 77 -43.17 3.85 20.06
C THR I 77 -42.82 2.63 20.88
N LYS I 78 -41.57 2.22 20.79
CA LYS I 78 -41.02 1.20 21.68
C LYS I 78 -39.62 1.61 22.10
N SER I 79 -39.24 1.24 23.32
CA SER I 79 -37.91 1.52 23.80
C SER I 79 -36.98 0.41 23.31
N VAL I 80 -35.75 0.77 22.99
CA VAL I 80 -34.78 -0.24 22.58
C VAL I 80 -34.61 -1.29 23.67
N ASP I 81 -34.60 -0.84 24.92
CA ASP I 81 -34.50 -1.77 26.06
C ASP I 81 -35.66 -2.76 26.07
N GLU I 82 -36.85 -2.29 25.69
CA GLU I 82 -38.01 -3.16 25.62
C GLU I 82 -37.80 -4.22 24.54
N LEU I 83 -37.32 -3.78 23.39
CA LEU I 83 -37.06 -4.70 22.29
C LEU I 83 -36.04 -5.74 22.72
N ARG I 84 -34.94 -5.29 23.34
CA ARG I 84 -33.92 -6.23 23.84
C ARG I 84 -34.53 -7.22 24.81
N GLU I 85 -35.29 -6.74 25.77
CA GLU I 85 -35.96 -7.64 26.70
C GLU I 85 -36.76 -8.71 25.95
N MET I 86 -37.65 -8.29 25.06
CA MET I 86 -38.49 -9.25 24.33
C MET I 86 -37.67 -10.22 23.50
N ALA I 87 -36.66 -9.72 22.80
CA ALA I 87 -35.82 -10.57 21.96
C ALA I 87 -35.10 -11.59 22.82
N GLY I 88 -34.61 -11.14 23.96
CA GLY I 88 -34.04 -12.06 24.94
C GLY I 88 -35.11 -12.98 25.48
N SER J 2 -12.70 -4.76 -11.74
CA SER J 2 -12.51 -3.31 -11.67
C SER J 2 -11.38 -2.80 -12.58
N ILE J 3 -11.63 -1.69 -13.28
CA ILE J 3 -10.59 -1.10 -14.10
C ILE J 3 -10.35 0.36 -13.74
N SER J 4 -9.18 0.86 -14.11
CA SER J 4 -8.80 2.22 -13.79
C SER J 4 -9.40 3.19 -14.77
N ALA J 5 -9.59 4.43 -14.31
CA ALA J 5 -10.23 5.45 -15.12
C ALA J 5 -9.42 5.66 -16.37
N SER J 6 -8.10 5.59 -16.23
CA SER J 6 -7.23 5.71 -17.40
C SER J 6 -7.53 4.62 -18.44
N GLU J 7 -7.51 3.36 -18.01
CA GLU J 7 -7.80 2.29 -18.97
C GLU J 7 -9.22 2.44 -19.51
N ALA J 8 -10.16 2.81 -18.65
CA ALA J 8 -11.54 2.97 -19.08
C ALA J 8 -11.71 4.05 -20.14
N ARG J 9 -10.97 5.16 -19.98
CA ARG J 9 -11.07 6.28 -20.93
C ARG J 9 -10.55 5.92 -22.32
N GLN J 10 -9.38 5.29 -22.40
CA GLN J 10 -8.88 4.81 -23.68
C GLN J 10 -9.82 3.78 -24.32
N ARG J 11 -10.28 2.83 -23.51
CA ARG J 11 -11.04 1.68 -24.02
C ARG J 11 -12.55 1.88 -23.97
N LEU J 12 -12.99 3.11 -23.74
CA LEU J 12 -14.41 3.34 -23.48
C LEU J 12 -15.33 2.74 -24.53
N PHE J 13 -15.01 2.92 -25.81
CA PHE J 13 -15.87 2.38 -26.87
C PHE J 13 -16.07 0.85 -26.80
N PRO J 14 -14.98 0.07 -26.76
CA PRO J 14 -15.14 -1.39 -26.56
C PRO J 14 -15.81 -1.76 -25.23
N LEU J 15 -15.53 -1.04 -24.14
CA LEU J 15 -16.19 -1.30 -22.86
C LEU J 15 -17.70 -1.15 -22.98
N ILE J 16 -18.15 -0.14 -23.72
CA ILE J 16 -19.56 0.10 -23.92
C ILE J 16 -20.22 -1.11 -24.59
N GLU J 17 -19.66 -1.55 -25.71
CA GLU J 17 -20.10 -2.75 -26.39
C GLU J 17 -20.09 -4.00 -25.48
N GLN J 18 -19.10 -4.08 -24.60
CA GLN J 18 -18.98 -5.20 -23.69
C GLN J 18 -20.16 -5.27 -22.71
N VAL J 19 -20.48 -4.15 -22.04
CA VAL J 19 -21.61 -4.15 -21.11
C VAL J 19 -22.93 -4.35 -21.86
N ASN J 20 -22.99 -3.90 -23.10
CA ASN J 20 -24.19 -4.13 -23.89
C ASN J 20 -24.27 -5.58 -24.38
N THR J 21 -23.16 -6.28 -24.37
CA THR J 21 -23.13 -7.65 -24.86
C THR J 21 -23.40 -8.70 -23.75
N ASP J 22 -22.81 -8.53 -22.57
CA ASP J 22 -22.99 -9.53 -21.51
C ASP J 22 -23.82 -9.09 -20.31
N HIS J 23 -24.36 -7.88 -20.37
CA HIS J 23 -25.23 -7.38 -19.30
C HIS J 23 -24.54 -7.48 -17.93
N GLN J 24 -23.23 -7.28 -17.90
CA GLN J 24 -22.48 -7.22 -16.66
C GLN J 24 -21.88 -5.84 -16.58
N PRO J 25 -22.09 -5.18 -15.45
CA PRO J 25 -21.55 -3.82 -15.33
C PRO J 25 -20.05 -3.86 -15.21
N VAL J 26 -19.36 -2.80 -15.61
CA VAL J 26 -17.95 -2.69 -15.26
C VAL J 26 -17.73 -1.57 -14.24
N ARG J 27 -16.96 -1.87 -13.20
CA ARG J 27 -16.59 -0.86 -12.22
C ARG J 27 -15.33 -0.12 -12.68
N ILE J 28 -15.33 1.20 -12.51
CA ILE J 28 -14.20 2.06 -12.84
C ILE J 28 -13.72 2.83 -11.61
N THR J 29 -12.41 2.81 -11.35
CA THR J 29 -11.85 3.52 -10.20
C THR J 29 -11.08 4.76 -10.62
N SER J 30 -11.17 5.80 -9.80
CA SER J 30 -10.39 7.02 -9.98
C SER J 30 -10.22 7.71 -8.63
N ARG J 31 -9.24 8.61 -8.53
CA ARG J 31 -9.02 9.39 -7.31
C ARG J 31 -10.27 10.10 -6.84
N ALA J 32 -11.01 10.69 -7.78
CA ALA J 32 -12.24 11.40 -7.41
C ALA J 32 -13.46 10.48 -7.39
N GLY J 33 -13.32 9.32 -6.76
CA GLY J 33 -14.43 8.39 -6.62
C GLY J 33 -14.57 7.34 -7.71
N ASP J 34 -15.36 6.32 -7.43
CA ASP J 34 -15.59 5.22 -8.36
C ASP J 34 -16.91 5.36 -9.10
N ALA J 35 -17.03 4.63 -10.20
CA ALA J 35 -18.24 4.65 -11.02
C ALA J 35 -18.53 3.28 -11.58
N VAL J 36 -19.76 3.08 -12.03
CA VAL J 36 -20.14 1.84 -12.69
C VAL J 36 -20.73 2.15 -14.04
N LEU J 37 -20.30 1.39 -15.04
CA LEU J 37 -20.79 1.62 -16.39
C LEU J 37 -21.66 0.43 -16.69
N MET J 38 -22.88 0.67 -17.17
CA MET J 38 -23.78 -0.46 -17.43
C MET J 38 -24.56 -0.30 -18.73
N SER J 39 -25.23 -1.37 -19.13
CA SER J 39 -26.03 -1.32 -20.32
C SER J 39 -27.25 -0.44 -20.06
N ALA J 40 -27.52 0.49 -20.98
CA ALA J 40 -28.66 1.38 -20.83
C ALA J 40 -29.95 0.58 -20.98
N ASP J 41 -29.92 -0.44 -21.81
CA ASP J 41 -31.10 -1.26 -22.01
C ASP J 41 -31.46 -2.00 -20.71
N ASP J 42 -30.45 -2.57 -20.04
CA ASP J 42 -30.69 -3.28 -18.79
C ASP J 42 -31.18 -2.34 -17.71
N TYR J 43 -30.61 -1.14 -17.64
CA TYR J 43 -31.06 -0.19 -16.64
C TYR J 43 -32.52 0.22 -16.85
N ASP J 44 -32.87 0.57 -18.09
CA ASP J 44 -34.23 0.95 -18.45
C ASP J 44 -35.25 -0.17 -18.21
N ALA J 45 -34.89 -1.41 -18.55
CA ALA J 45 -35.78 -2.55 -18.33
C ALA J 45 -36.08 -2.75 -16.84
N TRP J 46 -35.06 -2.66 -16.00
CA TRP J 46 -35.30 -2.77 -14.55
C TRP J 46 -36.11 -1.60 -14.02
N GLN J 47 -35.86 -0.40 -14.54
CA GLN J 47 -36.60 0.79 -14.12
C GLN J 47 -38.08 0.67 -14.43
N GLU J 48 -38.37 0.13 -15.61
CA GLU J 48 -39.73 -0.06 -16.08
C GLU J 48 -40.40 -1.15 -15.25
N THR J 49 -39.63 -2.17 -14.89
CA THR J 49 -40.15 -3.24 -14.04
C THR J 49 -40.54 -2.66 -12.67
N VAL J 50 -39.66 -1.85 -12.11
CA VAL J 50 -39.87 -1.19 -10.83
C VAL J 50 -41.04 -0.19 -10.87
N TYR J 51 -41.20 0.47 -12.00
CA TYR J 51 -42.25 1.44 -12.18
C TYR J 51 -43.62 0.78 -12.04
N LEU J 52 -43.79 -0.34 -12.70
CA LEU J 52 -45.02 -1.13 -12.64
C LEU J 52 -45.32 -1.61 -11.22
N LEU J 53 -44.28 -1.84 -10.42
CA LEU J 53 -44.44 -2.42 -9.08
C LEU J 53 -44.38 -1.41 -7.95
N ARG J 54 -44.04 -0.16 -8.25
CA ARG J 54 -43.94 0.80 -7.15
C ARG J 54 -45.30 1.32 -6.62
N SER J 55 -46.39 1.00 -7.31
CA SER J 55 -47.72 1.39 -6.83
C SER J 55 -48.42 0.16 -6.30
N PRO J 56 -48.79 0.16 -5.00
CA PRO J 56 -49.43 -1.03 -4.41
C PRO J 56 -50.62 -1.57 -5.25
N GLU J 57 -51.55 -0.71 -5.63
CA GLU J 57 -52.70 -1.19 -6.40
C GLU J 57 -52.29 -1.75 -7.78
N ASN J 58 -51.40 -1.03 -8.47
CA ASN J 58 -50.89 -1.54 -9.73
C ASN J 58 -50.18 -2.87 -9.59
N ALA J 59 -49.37 -2.99 -8.53
CA ALA J 59 -48.68 -4.24 -8.30
C ALA J 59 -49.68 -5.36 -8.09
N ARG J 60 -50.62 -5.12 -7.17
CA ARG J 60 -51.67 -6.10 -6.91
C ARG J 60 -52.36 -6.53 -8.21
N ARG J 61 -52.80 -5.53 -8.97
CA ARG J 61 -53.61 -5.79 -10.17
C ARG J 61 -52.85 -6.54 -11.24
N LEU J 62 -51.61 -6.14 -11.48
CA LEU J 62 -50.83 -6.80 -12.52
C LEU J 62 -50.48 -8.24 -12.12
N MET J 63 -50.29 -8.47 -10.83
CA MET J 63 -49.97 -9.82 -10.37
C MET J 63 -51.15 -10.79 -10.50
N GLU J 64 -52.32 -10.33 -10.08
CA GLU J 64 -53.53 -11.12 -10.31
C GLU J 64 -53.66 -11.54 -11.77
N ALA J 65 -53.32 -10.63 -12.70
CA ALA J 65 -53.48 -10.92 -14.12
C ALA J 65 -52.41 -11.89 -14.60
N VAL J 66 -51.19 -11.72 -14.10
CA VAL J 66 -50.11 -12.66 -14.41
C VAL J 66 -50.45 -14.07 -13.93
N ALA J 67 -51.02 -14.18 -12.74
CA ALA J 67 -51.36 -15.51 -12.23
C ALA J 67 -52.39 -16.19 -13.14
N ARG J 68 -53.48 -15.48 -13.44
CA ARG J 68 -54.52 -15.99 -14.33
C ARG J 68 -53.94 -16.46 -15.65
N ASP J 69 -53.00 -15.70 -16.17
CA ASP J 69 -52.40 -15.99 -17.47
C ASP J 69 -51.57 -17.27 -17.41
N LYS J 70 -50.79 -17.42 -16.33
CA LYS J 70 -49.98 -18.61 -16.14
C LYS J 70 -50.88 -19.84 -16.04
N ALA J 71 -52.02 -19.67 -15.38
CA ALA J 71 -53.01 -20.72 -15.27
C ALA J 71 -53.58 -21.11 -16.64
N GLY J 72 -53.91 -20.10 -17.45
CA GLY J 72 -54.57 -20.32 -18.72
C GLY J 72 -56.07 -20.21 -18.53
N HIS J 73 -56.83 -20.72 -19.48
CA HIS J 73 -58.30 -20.79 -19.38
C HIS J 73 -58.93 -19.51 -18.86
N SER J 74 -58.29 -18.38 -19.15
CA SER J 74 -58.72 -17.12 -18.60
C SER J 74 -59.06 -16.15 -19.73
N ALA J 75 -58.06 -15.87 -20.55
CA ALA J 75 -58.17 -14.87 -21.59
C ALA J 75 -59.27 -15.23 -22.59
N PHE J 76 -59.80 -14.20 -23.24
CA PHE J 76 -60.69 -14.39 -24.37
C PHE J 76 -60.18 -13.60 -25.57
N THR J 77 -60.25 -14.22 -26.75
CA THR J 77 -59.69 -13.63 -27.96
C THR J 77 -60.57 -12.51 -28.53
N LYS J 78 -59.94 -11.52 -29.16
CA LYS J 78 -60.66 -10.45 -29.83
C LYS J 78 -60.02 -10.16 -31.19
N SER J 79 -60.79 -9.50 -32.05
CA SER J 79 -60.31 -9.07 -33.36
C SER J 79 -59.88 -7.61 -33.30
N VAL J 80 -58.68 -7.31 -33.77
CA VAL J 80 -58.19 -5.94 -33.74
C VAL J 80 -59.11 -5.05 -34.57
N ASP J 81 -59.63 -5.61 -35.66
CA ASP J 81 -60.59 -4.90 -36.50
CA ASP J 81 -60.58 -4.89 -36.49
C ASP J 81 -61.73 -4.37 -35.64
N GLU J 82 -62.39 -5.28 -34.93
CA GLU J 82 -63.48 -4.95 -34.01
C GLU J 82 -63.12 -3.83 -33.04
N LEU J 83 -61.95 -3.95 -32.42
CA LEU J 83 -61.49 -2.96 -31.46
C LEU J 83 -61.30 -1.60 -32.12
N ARG J 84 -60.77 -1.59 -33.33
CA ARG J 84 -60.61 -0.32 -34.06
C ARG J 84 -61.98 0.35 -34.22
N GLU J 85 -62.96 -0.43 -34.65
CA GLU J 85 -64.31 0.10 -34.80
C GLU J 85 -64.83 0.59 -33.46
N MET J 86 -64.81 -0.28 -32.44
CA MET J 86 -65.20 0.11 -31.10
C MET J 86 -64.58 1.45 -30.71
N ALA J 87 -63.32 1.65 -31.05
CA ALA J 87 -62.63 2.88 -30.68
C ALA J 87 -62.91 4.02 -31.65
N ARG K 13 -32.57 9.47 20.30
CA ARG K 13 -33.63 9.36 19.31
C ARG K 13 -34.67 8.31 19.73
N SER K 14 -35.96 8.63 19.54
CA SER K 14 -37.01 7.65 19.88
C SER K 14 -37.27 6.69 18.72
N VAL K 15 -37.78 5.51 19.05
CA VAL K 15 -37.99 4.47 18.05
C VAL K 15 -39.47 4.20 17.78
N ASN K 16 -39.88 4.43 16.52
CA ASN K 16 -41.26 4.18 16.12
C ASN K 16 -41.38 3.06 15.09
N PHE K 17 -42.52 2.37 15.13
CA PHE K 17 -42.83 1.32 14.17
C PHE K 17 -44.11 1.60 13.40
N ASP K 18 -44.06 1.50 12.08
CA ASP K 18 -45.26 1.26 11.28
C ASP K 18 -45.84 -0.06 11.76
N PRO K 19 -47.17 -0.22 11.68
CA PRO K 19 -47.80 -1.44 12.17
C PRO K 19 -47.36 -2.71 11.44
N ASP K 20 -47.05 -2.61 10.15
CA ASP K 20 -46.57 -3.80 9.46
C ASP K 20 -45.12 -4.14 9.90
N ALA K 21 -44.37 -3.12 10.29
CA ALA K 21 -43.04 -3.33 10.85
C ALA K 21 -43.12 -4.04 12.19
N TRP K 22 -44.07 -3.64 13.04
CA TRP K 22 -44.26 -4.31 14.31
C TRP K 22 -44.64 -5.79 14.14
N GLU K 23 -45.56 -6.08 13.22
CA GLU K 23 -45.89 -7.46 12.85
C GLU K 23 -44.66 -8.24 12.40
N ASP K 24 -43.83 -7.64 11.55
CA ASP K 24 -42.57 -8.29 11.17
C ASP K 24 -41.73 -8.71 12.39
N PHE K 25 -41.55 -7.78 13.31
CA PHE K 25 -40.78 -8.07 14.51
C PHE K 25 -41.46 -9.20 15.32
N LEU K 26 -42.78 -9.14 15.48
CA LEU K 26 -43.50 -10.19 16.19
C LEU K 26 -43.32 -11.54 15.50
N PHE K 27 -43.53 -11.55 14.19
CA PHE K 27 -43.31 -12.77 13.40
C PHE K 27 -41.95 -13.37 13.75
N TRP K 28 -40.90 -12.56 13.71
CA TRP K 28 -39.54 -13.06 13.93
C TRP K 28 -39.31 -13.61 15.34
N LEU K 29 -39.89 -12.96 16.35
CA LEU K 29 -39.80 -13.46 17.73
C LEU K 29 -40.25 -14.92 17.78
N ALA K 30 -41.35 -15.19 17.09
CA ALA K 30 -41.92 -16.52 17.10
C ALA K 30 -41.26 -17.45 16.10
N ALA K 31 -40.78 -16.90 14.99
CA ALA K 31 -40.32 -17.73 13.87
C ALA K 31 -38.82 -18.01 13.87
N ASP K 32 -38.05 -17.01 14.26
CA ASP K 32 -36.59 -17.16 14.34
C ASP K 32 -36.03 -16.05 15.23
N ARG K 33 -35.99 -16.34 16.53
CA ARG K 33 -35.58 -15.38 17.56
C ARG K 33 -34.25 -14.73 17.22
N LYS K 34 -33.35 -15.54 16.69
CA LYS K 34 -32.05 -15.08 16.28
C LYS K 34 -32.17 -13.87 15.35
N THR K 35 -33.19 -13.88 14.50
CA THR K 35 -33.38 -12.77 13.57
C THR K 35 -33.91 -11.55 14.33
N ALA K 36 -34.78 -11.80 15.31
CA ALA K 36 -35.30 -10.73 16.14
C ALA K 36 -34.18 -10.01 16.91
N ARG K 37 -33.21 -10.78 17.39
CA ARG K 37 -32.08 -10.17 18.08
C ARG K 37 -31.23 -9.29 17.15
N ARG K 38 -30.97 -9.78 15.94
CA ARG K 38 -30.29 -8.98 14.91
C ARG K 38 -31.03 -7.67 14.59
N ILE K 39 -32.35 -7.75 14.41
CA ILE K 39 -33.14 -6.55 14.20
C ILE K 39 -32.94 -5.57 15.36
N THR K 40 -33.08 -6.08 16.57
CA THR K 40 -32.89 -5.27 17.76
C THR K 40 -31.52 -4.59 17.80
N ARG K 41 -30.48 -5.35 17.41
CA ARG K 41 -29.13 -4.81 17.35
C ARG K 41 -29.04 -3.69 16.30
N LEU K 42 -29.58 -3.93 15.12
CA LEU K 42 -29.60 -2.90 14.07
C LEU K 42 -30.30 -1.61 14.50
N ILE K 43 -31.45 -1.78 15.18
CA ILE K 43 -32.25 -0.66 15.63
C ILE K 43 -31.50 0.15 16.70
N GLY K 44 -30.81 -0.55 17.59
CA GLY K 44 -29.95 0.13 18.54
C GLY K 44 -28.91 0.96 17.82
N GLU K 45 -28.27 0.38 16.82
CA GLU K 45 -27.21 1.09 16.09
C GLU K 45 -27.77 2.25 15.28
N ILE K 46 -28.94 2.05 14.67
CA ILE K 46 -29.64 3.13 13.96
C ILE K 46 -30.06 4.28 14.91
N GLN K 47 -30.62 3.94 16.07
CA GLN K 47 -30.91 4.97 17.08
C GLN K 47 -29.67 5.88 17.31
N ARG K 48 -28.50 5.27 17.46
CA ARG K 48 -27.27 6.02 17.77
C ARG K 48 -26.69 6.82 16.58
N ASP K 49 -26.41 6.18 15.45
CA ASP K 49 -26.04 6.93 14.25
CA ASP K 49 -26.03 6.91 14.25
C ASP K 49 -26.73 6.34 13.02
N PRO K 50 -27.82 6.99 12.61
CA PRO K 50 -28.80 6.52 11.60
C PRO K 50 -28.26 6.10 10.25
N PHE K 51 -27.22 6.77 9.73
CA PHE K 51 -26.83 6.59 8.32
C PHE K 51 -25.45 5.97 8.06
N SER K 52 -24.83 5.43 9.10
CA SER K 52 -23.59 4.67 8.90
C SER K 52 -23.48 3.60 9.98
N GLY K 53 -22.54 2.68 9.82
CA GLY K 53 -22.41 1.61 10.78
C GLY K 53 -22.75 0.25 10.18
N ILE K 54 -23.07 -0.70 11.05
CA ILE K 54 -23.32 -2.08 10.64
C ILE K 54 -24.53 -2.21 9.72
N GLY K 55 -24.50 -3.20 8.84
CA GLY K 55 -25.67 -3.58 8.06
C GLY K 55 -25.75 -2.93 6.70
N LYS K 56 -24.63 -2.41 6.22
CA LYS K 56 -24.55 -1.77 4.91
C LYS K 56 -25.70 -0.78 4.66
N PRO K 57 -25.78 0.29 5.45
CA PRO K 57 -26.85 1.27 5.23
C PRO K 57 -26.84 1.84 3.82
N GLU K 58 -27.99 1.80 3.15
CA GLU K 58 -28.11 2.33 1.79
C GLU K 58 -29.20 3.38 1.71
N PRO K 59 -28.90 4.53 1.09
CA PRO K 59 -29.94 5.54 0.88
C PRO K 59 -30.74 5.18 -0.38
N LEU K 60 -31.99 4.78 -0.18
CA LEU K 60 -32.91 4.36 -1.24
C LEU K 60 -33.27 5.47 -2.24
N GLN K 61 -33.67 5.09 -3.43
CA GLN K 61 -33.98 6.04 -4.50
C GLN K 61 -35.45 6.04 -4.94
N GLY K 62 -35.79 7.01 -5.78
CA GLY K 62 -37.07 7.00 -6.49
C GLY K 62 -38.22 7.25 -5.54
N GLU K 63 -39.25 6.42 -5.60
CA GLU K 63 -40.35 6.53 -4.65
C GLU K 63 -39.84 6.35 -3.22
N LEU K 64 -38.64 5.80 -3.07
CA LEU K 64 -38.12 5.53 -1.73
C LEU K 64 -37.12 6.57 -1.25
N SER K 65 -37.03 7.71 -1.94
CA SER K 65 -36.09 8.75 -1.53
C SER K 65 -36.44 9.18 -0.12
N GLY K 66 -35.41 9.42 0.69
CA GLY K 66 -35.59 9.79 2.07
C GLY K 66 -35.63 8.58 2.99
N TYR K 67 -35.67 7.39 2.41
CA TYR K 67 -35.61 6.17 3.20
C TYR K 67 -34.28 5.43 3.07
N TRP K 68 -33.97 4.60 4.05
CA TRP K 68 -32.74 3.82 4.07
C TRP K 68 -33.03 2.35 4.32
N SER K 69 -32.19 1.46 3.80
CA SER K 69 -32.25 0.09 4.28
C SER K 69 -30.92 -0.38 4.87
N ARG K 70 -31.02 -1.31 5.81
CA ARG K 70 -29.90 -2.11 6.27
C ARG K 70 -30.23 -3.58 6.12
N ARG K 71 -29.19 -4.41 6.14
CA ARG K 71 -29.32 -5.84 5.93
C ARG K 71 -29.52 -6.57 7.25
N ILE K 72 -30.69 -7.14 7.43
CA ILE K 72 -30.92 -8.02 8.57
C ILE K 72 -30.06 -9.25 8.31
N ASP K 73 -30.25 -9.86 7.15
CA ASP K 73 -29.37 -10.84 6.56
C ASP K 73 -29.27 -10.60 5.07
N ASP K 74 -28.94 -11.64 4.31
CA ASP K 74 -28.75 -11.46 2.88
C ASP K 74 -30.07 -11.37 2.13
N GLU K 75 -31.15 -11.73 2.80
CA GLU K 75 -32.45 -11.74 2.15
C GLU K 75 -33.35 -10.63 2.70
N HIS K 76 -33.35 -10.47 4.02
CA HIS K 76 -34.27 -9.53 4.66
C HIS K 76 -33.65 -8.17 4.91
N ARG K 77 -34.50 -7.14 4.83
CA ARG K 77 -34.07 -5.76 4.97
C ARG K 77 -34.88 -5.02 6.02
N LEU K 78 -34.18 -4.26 6.85
CA LEU K 78 -34.80 -3.30 7.75
C LEU K 78 -34.89 -1.97 6.98
N VAL K 79 -36.11 -1.52 6.71
CA VAL K 79 -36.28 -0.27 5.98
C VAL K 79 -36.80 0.77 6.94
N TYR K 80 -36.19 1.94 6.90
CA TYR K 80 -36.47 2.95 7.92
C TYR K 80 -36.26 4.39 7.46
N ARG K 81 -36.73 5.32 8.28
CA ARG K 81 -36.57 6.75 8.05
C ARG K 81 -35.98 7.26 9.33
N ALA K 82 -35.24 8.35 9.25
CA ALA K 82 -34.58 8.88 10.42
C ALA K 82 -34.46 10.38 10.35
N GLY K 83 -35.04 11.06 11.33
CA GLY K 83 -34.83 12.49 11.52
C GLY K 83 -33.83 12.75 12.64
N ASP K 84 -33.97 13.91 13.29
CA ASP K 84 -33.03 14.28 14.36
C ASP K 84 -33.50 13.80 15.72
N ASP K 85 -34.79 13.63 15.89
CA ASP K 85 -35.37 13.28 17.19
C ASP K 85 -35.82 11.82 17.27
N GLU K 86 -35.86 11.14 16.13
CA GLU K 86 -36.46 9.81 16.09
C GLU K 86 -36.20 9.02 14.81
N VAL K 87 -36.24 7.70 14.94
CA VAL K 87 -36.17 6.83 13.79
C VAL K 87 -37.44 5.97 13.66
N THR K 88 -37.92 5.81 12.43
CA THR K 88 -39.12 5.03 12.15
C THR K 88 -38.86 3.80 11.26
N MET K 89 -39.24 2.62 11.76
CA MET K 89 -39.16 1.36 11.05
C MET K 89 -40.37 1.10 10.15
N LEU K 90 -40.14 0.90 8.86
CA LEU K 90 -41.21 0.61 7.91
C LEU K 90 -41.42 -0.88 7.62
N LYS K 91 -40.34 -1.63 7.47
CA LYS K 91 -40.43 -3.07 7.22
C LYS K 91 -39.27 -3.79 7.90
N ALA K 92 -39.49 -5.02 8.37
CA ALA K 92 -38.39 -5.82 8.91
C ALA K 92 -38.40 -7.24 8.35
N ARG K 93 -38.96 -7.38 7.16
CA ARG K 93 -39.05 -8.67 6.51
CA ARG K 93 -39.07 -8.68 6.52
C ARG K 93 -39.20 -8.48 5.02
N TYR K 94 -38.57 -9.34 4.24
CA TYR K 94 -38.72 -9.35 2.79
C TYR K 94 -39.76 -10.41 2.39
N HIS K 95 -40.76 -9.99 1.60
CA HIS K 95 -41.88 -10.88 1.29
C HIS K 95 -41.88 -11.40 -0.15
N TYR K 96 -42.45 -12.58 -0.32
CA TYR K 96 -42.66 -13.16 -1.63
C TYR K 96 -44.14 -13.44 -1.82
N ARG L 13 -50.52 -13.94 -35.68
CA ARG L 13 -50.69 -13.90 -34.22
C ARG L 13 -52.08 -13.39 -33.80
N SER L 14 -52.81 -14.20 -33.04
CA SER L 14 -54.14 -13.83 -32.55
C SER L 14 -54.07 -12.95 -31.29
N VAL L 15 -55.14 -12.19 -31.01
CA VAL L 15 -55.13 -11.29 -29.87
C VAL L 15 -56.05 -11.69 -28.71
N ASN L 16 -55.45 -11.98 -27.56
CA ASN L 16 -56.18 -12.36 -26.35
C ASN L 16 -56.14 -11.26 -25.29
N PHE L 17 -57.23 -11.14 -24.53
CA PHE L 17 -57.28 -10.21 -23.41
C PHE L 17 -57.47 -10.94 -22.09
N ASP L 18 -56.89 -10.38 -21.04
CA ASP L 18 -57.21 -10.82 -19.69
C ASP L 18 -58.36 -9.97 -19.20
N PRO L 19 -59.26 -10.55 -18.38
CA PRO L 19 -60.52 -9.86 -18.07
C PRO L 19 -60.27 -8.45 -17.56
N ASP L 20 -59.21 -8.28 -16.79
CA ASP L 20 -58.90 -6.97 -16.23
C ASP L 20 -58.30 -6.05 -17.31
N ALA L 21 -57.68 -6.63 -18.32
CA ALA L 21 -57.16 -5.84 -19.45
C ALA L 21 -58.32 -5.37 -20.32
N TRP L 22 -59.28 -6.26 -20.56
CA TRP L 22 -60.52 -5.89 -21.24
C TRP L 22 -61.27 -4.82 -20.49
N GLU L 23 -61.25 -4.88 -19.16
CA GLU L 23 -61.89 -3.82 -18.37
C GLU L 23 -61.13 -2.51 -18.56
N ASP L 24 -59.81 -2.62 -18.76
CA ASP L 24 -59.01 -1.43 -18.97
C ASP L 24 -59.44 -0.77 -20.28
N PHE L 25 -59.64 -1.59 -21.30
CA PHE L 25 -60.03 -1.09 -22.60
C PHE L 25 -61.41 -0.39 -22.52
N LEU L 26 -62.40 -1.08 -21.97
CA LEU L 26 -63.75 -0.54 -21.85
C LEU L 26 -63.68 0.79 -21.12
N PHE L 27 -62.89 0.82 -20.05
CA PHE L 27 -62.74 2.05 -19.31
C PHE L 27 -62.34 3.17 -20.27
N TRP L 28 -61.29 2.94 -21.05
CA TRP L 28 -60.80 3.96 -21.95
C TRP L 28 -61.82 4.36 -23.02
N LEU L 29 -62.55 3.39 -23.56
CA LEU L 29 -63.63 3.66 -24.50
C LEU L 29 -64.62 4.68 -23.95
N ALA L 30 -64.97 4.53 -22.67
CA ALA L 30 -65.90 5.46 -22.03
C ALA L 30 -65.18 6.70 -21.50
N ALA L 31 -63.94 6.54 -21.05
CA ALA L 31 -63.23 7.62 -20.37
C ALA L 31 -62.51 8.58 -21.32
N ASP L 32 -61.86 8.03 -22.34
CA ASP L 32 -61.01 8.83 -23.20
C ASP L 32 -60.60 8.02 -24.41
N ARG L 33 -61.42 8.12 -25.46
CA ARG L 33 -61.33 7.18 -26.57
C ARG L 33 -60.04 7.34 -27.39
N LYS L 34 -59.38 8.48 -27.22
CA LYS L 34 -58.10 8.73 -27.85
C LYS L 34 -57.08 7.68 -27.37
N THR L 35 -57.15 7.37 -26.08
CA THR L 35 -56.27 6.40 -25.46
C THR L 35 -56.63 4.99 -25.91
N ALA L 36 -57.91 4.70 -26.05
CA ALA L 36 -58.34 3.42 -26.60
C ALA L 36 -57.80 3.24 -28.02
N ARG L 37 -57.79 4.31 -28.82
CA ARG L 37 -57.26 4.24 -30.17
CA ARG L 37 -57.26 4.24 -30.17
C ARG L 37 -55.76 3.95 -30.14
N ARG L 38 -55.04 4.67 -29.29
CA ARG L 38 -53.60 4.41 -29.09
C ARG L 38 -53.35 2.93 -28.77
N ILE L 39 -54.10 2.44 -27.78
CA ILE L 39 -54.01 1.04 -27.38
C ILE L 39 -54.21 0.10 -28.56
N THR L 40 -55.22 0.39 -29.38
CA THR L 40 -55.48 -0.40 -30.56
C THR L 40 -54.32 -0.28 -31.56
N ARG L 41 -53.81 0.93 -31.73
CA ARG L 41 -52.66 1.13 -32.59
C ARG L 41 -51.47 0.30 -32.08
N LEU L 42 -51.25 0.29 -30.76
CA LEU L 42 -50.18 -0.53 -30.16
C LEU L 42 -50.35 -2.02 -30.42
N ILE L 43 -51.55 -2.53 -30.18
CA ILE L 43 -51.83 -3.95 -30.36
C ILE L 43 -51.51 -4.42 -31.78
N GLY L 44 -51.98 -3.68 -32.78
CA GLY L 44 -51.69 -4.00 -34.15
C GLY L 44 -50.20 -4.17 -34.41
N GLU L 45 -49.41 -3.27 -33.85
CA GLU L 45 -47.95 -3.33 -34.06
C GLU L 45 -47.30 -4.46 -33.25
N ILE L 46 -47.85 -4.75 -32.07
CA ILE L 46 -47.37 -5.89 -31.29
C ILE L 46 -47.59 -7.17 -32.09
N GLN L 47 -48.79 -7.30 -32.66
CA GLN L 47 -49.15 -8.43 -33.52
C GLN L 47 -48.17 -8.67 -34.65
N ARG L 48 -47.68 -7.59 -35.26
CA ARG L 48 -46.78 -7.69 -36.40
C ARG L 48 -45.35 -7.91 -35.93
N ASP L 49 -44.96 -7.22 -34.87
CA ASP L 49 -43.57 -7.27 -34.40
C ASP L 49 -43.52 -7.04 -32.89
N PRO L 50 -43.64 -8.14 -32.12
CA PRO L 50 -43.94 -8.09 -30.69
C PRO L 50 -42.85 -7.50 -29.81
N PHE L 51 -41.58 -7.59 -30.19
CA PHE L 51 -40.49 -7.14 -29.30
C PHE L 51 -39.71 -5.88 -29.69
N SER L 52 -40.14 -5.19 -30.74
CA SER L 52 -39.57 -3.88 -31.04
C SER L 52 -40.54 -3.06 -31.88
N GLY L 53 -40.25 -1.76 -32.01
CA GLY L 53 -41.16 -0.85 -32.68
C GLY L 53 -41.65 0.28 -31.76
N ILE L 54 -42.87 0.74 -32.02
CA ILE L 54 -43.42 1.89 -31.31
C ILE L 54 -43.77 1.56 -29.85
N GLY L 55 -43.78 2.60 -29.02
CA GLY L 55 -44.18 2.49 -27.63
C GLY L 55 -43.05 2.12 -26.68
N LYS L 56 -41.81 2.14 -27.19
CA LYS L 56 -40.62 1.88 -26.38
C LYS L 56 -40.74 0.55 -25.62
N PRO L 57 -40.84 -0.55 -26.37
CA PRO L 57 -41.04 -1.85 -25.73
C PRO L 57 -39.90 -2.20 -24.77
N GLU L 58 -40.26 -2.65 -23.57
CA GLU L 58 -39.30 -2.95 -22.52
C GLU L 58 -39.52 -4.37 -22.00
N PRO L 59 -38.46 -5.20 -22.05
CA PRO L 59 -38.58 -6.54 -21.48
C PRO L 59 -38.56 -6.47 -19.95
N LEU L 60 -39.62 -6.96 -19.33
CA LEU L 60 -39.77 -6.90 -17.88
C LEU L 60 -38.86 -7.94 -17.22
N GLN L 61 -38.44 -7.68 -15.98
CA GLN L 61 -37.40 -8.48 -15.33
C GLN L 61 -37.90 -9.17 -14.06
N GLY L 62 -37.14 -10.14 -13.58
CA GLY L 62 -37.41 -10.80 -12.32
C GLY L 62 -38.63 -11.73 -12.38
N GLU L 63 -39.53 -11.57 -11.43
CA GLU L 63 -40.79 -12.33 -11.46
C GLU L 63 -41.58 -12.05 -12.74
N LEU L 64 -41.35 -10.89 -13.34
CA LEU L 64 -42.09 -10.46 -14.52
C LEU L 64 -41.43 -10.87 -15.85
N SER L 65 -40.30 -11.58 -15.77
CA SER L 65 -39.63 -12.07 -16.97
C SER L 65 -40.61 -12.80 -17.89
N GLY L 66 -40.47 -12.56 -19.20
CA GLY L 66 -41.36 -13.12 -20.19
C GLY L 66 -42.47 -12.17 -20.62
N TYR L 67 -42.79 -11.18 -19.79
CA TYR L 67 -43.76 -10.15 -20.16
C TYR L 67 -43.03 -8.88 -20.65
N TRP L 68 -43.74 -8.03 -21.38
CA TRP L 68 -43.19 -6.83 -22.01
C TRP L 68 -44.13 -5.68 -21.74
N SER L 69 -43.61 -4.45 -21.70
CA SER L 69 -44.48 -3.28 -21.69
C SER L 69 -44.18 -2.27 -22.79
N ARG L 70 -45.24 -1.63 -23.28
CA ARG L 70 -45.13 -0.48 -24.17
C ARG L 70 -45.84 0.71 -23.57
N ARG L 71 -45.45 1.90 -24.00
CA ARG L 71 -46.03 3.11 -23.47
C ARG L 71 -47.31 3.47 -24.23
N ILE L 72 -48.42 3.50 -23.48
CA ILE L 72 -49.68 4.05 -23.94
C ILE L 72 -49.50 5.56 -23.88
N ASP L 73 -48.93 6.01 -22.77
CA ASP L 73 -48.50 7.40 -22.63
C ASP L 73 -47.44 7.46 -21.53
N ASP L 74 -47.12 8.66 -21.07
CA ASP L 74 -46.10 8.84 -20.03
C ASP L 74 -46.40 8.11 -18.74
N GLU L 75 -47.69 7.80 -18.52
CA GLU L 75 -48.16 7.23 -17.27
C GLU L 75 -48.61 5.77 -17.41
N HIS L 76 -49.38 5.49 -18.46
CA HIS L 76 -50.02 4.20 -18.65
C HIS L 76 -49.25 3.22 -19.55
N ARG L 77 -49.33 1.94 -19.21
CA ARG L 77 -48.54 0.93 -19.87
C ARG L 77 -49.39 -0.24 -20.36
N LEU L 78 -49.08 -0.70 -21.56
CA LEU L 78 -49.72 -1.86 -22.13
C LEU L 78 -48.79 -3.03 -21.85
N VAL L 79 -49.19 -3.94 -20.96
CA VAL L 79 -48.34 -5.08 -20.69
C VAL L 79 -48.89 -6.38 -21.26
N TYR L 80 -48.00 -7.21 -21.80
CA TYR L 80 -48.40 -8.28 -22.68
C TYR L 80 -47.30 -9.33 -22.78
N ARG L 81 -47.62 -10.44 -23.44
CA ARG L 81 -46.69 -11.52 -23.73
C ARG L 81 -47.01 -11.96 -25.14
N ALA L 82 -46.02 -12.49 -25.85
CA ALA L 82 -46.26 -12.91 -27.23
C ALA L 82 -45.59 -14.23 -27.60
N GLY L 83 -46.40 -15.16 -28.11
CA GLY L 83 -45.91 -16.41 -28.65
C GLY L 83 -45.88 -16.37 -30.17
N ASP L 84 -45.72 -17.54 -30.80
CA ASP L 84 -45.62 -17.60 -32.26
C ASP L 84 -46.99 -17.39 -32.90
N ASP L 85 -48.02 -17.90 -32.22
CA ASP L 85 -49.35 -17.95 -32.79
C ASP L 85 -50.29 -16.95 -32.15
N GLU L 86 -49.81 -16.20 -31.15
CA GLU L 86 -50.70 -15.23 -30.52
C GLU L 86 -50.04 -14.24 -29.57
N VAL L 87 -50.84 -13.29 -29.11
CA VAL L 87 -50.40 -12.19 -28.26
C VAL L 87 -51.44 -11.93 -27.18
N THR L 88 -51.01 -11.87 -25.93
CA THR L 88 -51.95 -11.69 -24.83
C THR L 88 -51.74 -10.37 -24.12
N MET L 89 -52.82 -9.66 -23.89
CA MET L 89 -52.78 -8.41 -23.12
C MET L 89 -53.19 -8.66 -21.67
N LEU L 90 -52.32 -8.27 -20.73
CA LEU L 90 -52.59 -8.48 -19.30
C LEU L 90 -53.11 -7.24 -18.63
N LYS L 91 -52.68 -6.08 -19.09
CA LYS L 91 -53.11 -4.82 -18.46
C LYS L 91 -52.97 -3.66 -19.43
N ALA L 92 -53.85 -2.67 -19.33
CA ALA L 92 -53.80 -1.51 -20.25
C ALA L 92 -54.05 -0.19 -19.54
N ARG L 93 -53.83 -0.17 -18.24
CA ARG L 93 -53.94 1.03 -17.45
C ARG L 93 -53.08 0.92 -16.19
N TYR L 94 -52.60 2.06 -15.72
CA TYR L 94 -51.80 2.11 -14.51
C TYR L 94 -52.72 2.56 -13.40
N HIS L 95 -52.82 1.74 -12.36
CA HIS L 95 -53.64 2.05 -11.20
C HIS L 95 -52.83 2.64 -10.04
N TYR L 96 -53.46 3.54 -9.28
CA TYR L 96 -52.83 4.15 -8.12
C TYR L 96 -53.48 3.71 -6.80
N SER M 2 -11.59 23.00 -24.51
CA SER M 2 -11.63 24.29 -23.81
C SER M 2 -12.83 24.37 -22.87
N ILE M 3 -12.57 24.36 -21.57
CA ILE M 3 -13.64 24.42 -20.59
C ILE M 3 -13.71 25.76 -19.88
N SER M 4 -14.90 26.06 -19.34
CA SER M 4 -15.12 27.30 -18.61
C SER M 4 -14.47 27.25 -17.22
N ALA M 5 -14.25 28.44 -16.65
CA ALA M 5 -13.69 28.56 -15.31
C ALA M 5 -14.57 27.89 -14.26
N SER M 6 -15.88 28.14 -14.31
CA SER M 6 -16.81 27.58 -13.33
C SER M 6 -16.82 26.04 -13.36
N GLU M 7 -16.77 25.48 -14.55
CA GLU M 7 -16.70 24.03 -14.71
C GLU M 7 -15.36 23.52 -14.22
N ALA M 8 -14.29 24.23 -14.59
CA ALA M 8 -12.96 23.79 -14.19
C ALA M 8 -12.84 23.81 -12.69
N ARG M 9 -13.55 24.73 -12.05
CA ARG M 9 -13.46 24.87 -10.60
C ARG M 9 -14.09 23.67 -9.89
N GLN M 10 -15.32 23.34 -10.27
CA GLN M 10 -15.96 22.14 -9.76
C GLN M 10 -15.07 20.93 -10.00
N ARG M 11 -14.48 20.86 -11.20
CA ARG M 11 -13.82 19.63 -11.64
C ARG M 11 -12.29 19.66 -11.60
N LEU M 12 -11.71 20.51 -10.76
CA LEU M 12 -10.25 20.69 -10.75
C LEU M 12 -9.47 19.41 -10.37
N PHE M 13 -9.94 18.69 -9.35
CA PHE M 13 -9.25 17.46 -8.95
C PHE M 13 -9.11 16.47 -10.11
N PRO M 14 -10.23 15.97 -10.67
CA PRO M 14 -10.09 15.05 -11.80
C PRO M 14 -9.28 15.68 -12.92
N LEU M 15 -9.37 16.99 -13.09
CA LEU M 15 -8.58 17.66 -14.13
C LEU M 15 -7.08 17.56 -13.87
N ILE M 16 -6.69 17.58 -12.59
CA ILE M 16 -5.29 17.39 -12.22
C ILE M 16 -4.87 15.95 -12.50
N GLU M 17 -5.67 14.99 -12.06
CA GLU M 17 -5.44 13.60 -12.44
C GLU M 17 -5.32 13.47 -13.96
N GLN M 18 -6.23 14.10 -14.69
CA GLN M 18 -6.22 14.05 -16.14
C GLN M 18 -4.90 14.50 -16.80
N VAL M 19 -4.43 15.71 -16.51
CA VAL M 19 -3.24 16.24 -17.20
C VAL M 19 -2.01 15.42 -16.87
N ASN M 20 -2.03 14.82 -15.68
CA ASN M 20 -0.97 13.96 -15.20
C ASN M 20 -0.97 12.59 -15.89
N THR M 21 -2.07 12.26 -16.56
CA THR M 21 -2.20 10.96 -17.21
C THR M 21 -1.97 10.97 -18.72
N ASP M 22 -2.61 11.89 -19.43
CA ASP M 22 -2.50 11.95 -20.90
C ASP M 22 -1.50 13.01 -21.39
N HIS M 23 -0.98 13.79 -20.45
CA HIS M 23 0.05 14.80 -20.74
C HIS M 23 -0.41 15.86 -21.74
N GLN M 24 -1.71 16.11 -21.79
CA GLN M 24 -2.25 17.17 -22.63
C GLN M 24 -2.60 18.34 -21.73
N PRO M 25 -2.26 19.57 -22.17
CA PRO M 25 -2.65 20.78 -21.43
C PRO M 25 -4.13 21.09 -21.62
N VAL M 26 -4.76 21.59 -20.57
CA VAL M 26 -6.16 21.97 -20.61
C VAL M 26 -6.26 23.46 -20.54
N ARG M 27 -7.04 24.03 -21.43
CA ARG M 27 -7.21 25.45 -21.51
C ARG M 27 -8.52 25.84 -20.84
N ILE M 28 -8.45 26.86 -19.99
CA ILE M 28 -9.60 27.33 -19.23
C ILE M 28 -9.91 28.78 -19.60
N THR M 29 -11.19 29.05 -19.87
CA THR M 29 -11.65 30.37 -20.26
C THR M 29 -12.41 31.10 -19.14
N SER M 30 -12.06 32.37 -18.93
CA SER M 30 -12.75 33.22 -17.94
C SER M 30 -12.75 34.69 -18.35
N ARG M 31 -13.63 35.48 -17.74
CA ARG M 31 -13.68 36.92 -17.96
C ARG M 31 -12.35 37.61 -17.65
N ALA M 32 -11.66 37.13 -16.62
CA ALA M 32 -10.36 37.68 -16.24
C ALA M 32 -9.18 37.07 -17.02
N GLY M 33 -9.43 36.62 -18.25
CA GLY M 33 -8.35 36.08 -19.07
C GLY M 33 -8.33 34.56 -19.02
N ASP M 34 -7.55 33.95 -19.90
CA ASP M 34 -7.49 32.49 -19.96
C ASP M 34 -6.20 31.89 -19.43
N ALA M 35 -6.35 30.68 -18.88
CA ALA M 35 -5.22 29.94 -18.32
C ALA M 35 -5.01 28.59 -19.01
N VAL M 36 -3.80 28.08 -18.85
CA VAL M 36 -3.50 26.72 -19.24
C VAL M 36 -3.17 25.92 -17.99
N LEU M 37 -3.78 24.74 -17.85
CA LEU M 37 -3.47 23.84 -16.74
C LEU M 37 -2.63 22.68 -17.27
N MET M 38 -1.61 22.29 -16.52
CA MET M 38 -0.65 21.33 -17.03
C MET M 38 0.00 20.56 -15.87
N SER M 39 0.34 19.29 -16.06
CA SER M 39 1.02 18.56 -14.99
C SER M 39 2.38 19.23 -14.73
N ALA M 40 2.88 19.13 -13.50
CA ALA M 40 4.14 19.74 -13.14
C ALA M 40 5.32 19.19 -13.96
N ASP M 41 5.28 17.89 -14.25
CA ASP M 41 6.31 17.25 -15.08
C ASP M 41 6.30 17.82 -16.49
N ASP M 42 5.13 17.86 -17.13
CA ASP M 42 5.05 18.41 -18.48
C ASP M 42 5.33 19.91 -18.51
N TYR M 43 5.15 20.58 -17.38
CA TYR M 43 5.50 22.00 -17.31
C TYR M 43 7.02 22.16 -17.29
N ASP M 44 7.70 21.30 -16.53
CA ASP M 44 9.18 21.32 -16.49
C ASP M 44 9.78 20.94 -17.83
N ALA M 45 9.17 19.95 -18.49
CA ALA M 45 9.62 19.58 -19.84
C ALA M 45 9.39 20.70 -20.85
N TRP M 46 8.25 21.41 -20.73
CA TRP M 46 7.92 22.51 -21.64
C TRP M 46 8.90 23.66 -21.43
N GLN M 47 9.09 24.03 -20.17
CA GLN M 47 10.04 25.06 -19.82
C GLN M 47 11.44 24.74 -20.37
N GLU M 48 11.86 23.48 -20.27
CA GLU M 48 13.19 23.09 -20.73
C GLU M 48 13.31 23.10 -22.26
N THR M 49 12.21 22.78 -22.94
CA THR M 49 12.18 22.83 -24.40
C THR M 49 12.25 24.27 -24.89
N VAL M 50 11.49 25.14 -24.25
CA VAL M 50 11.53 26.58 -24.54
C VAL M 50 12.94 27.14 -24.31
N TYR M 51 13.51 26.88 -23.14
CA TYR M 51 14.86 27.35 -22.81
C TYR M 51 15.87 27.10 -23.94
N LEU M 52 15.87 25.88 -24.45
CA LEU M 52 16.78 25.47 -25.53
C LEU M 52 16.51 26.22 -26.84
N LEU M 53 15.27 26.62 -27.06
CA LEU M 53 14.86 27.21 -28.33
C LEU M 53 14.77 28.73 -28.28
N ARG M 54 14.74 29.27 -27.08
CA ARG M 54 14.44 30.70 -26.92
C ARG M 54 15.59 31.55 -27.43
N SER M 55 16.78 30.97 -27.44
CA SER M 55 17.98 31.67 -27.90
C SER M 55 18.26 31.27 -29.34
N PRO M 56 18.13 32.25 -30.26
CA PRO M 56 18.22 32.01 -31.72
C PRO M 56 19.47 31.24 -32.12
N GLU M 57 20.62 31.65 -31.58
CA GLU M 57 21.85 30.93 -31.87
C GLU M 57 21.72 29.47 -31.41
N ASN M 58 21.21 29.27 -30.20
CA ASN M 58 21.13 27.93 -29.66
C ASN M 58 20.13 27.05 -30.40
N ALA M 59 18.97 27.62 -30.72
CA ALA M 59 17.93 26.91 -31.47
C ALA M 59 18.44 26.47 -32.84
N ARG M 60 19.21 27.35 -33.46
CA ARG M 60 19.80 27.07 -34.76
C ARG M 60 20.76 25.89 -34.66
N ARG M 61 21.69 25.94 -33.72
CA ARG M 61 22.71 24.88 -33.62
C ARG M 61 22.06 23.53 -33.33
N LEU M 62 21.19 23.49 -32.32
CA LEU M 62 20.60 22.24 -31.89
C LEU M 62 19.71 21.62 -32.97
N MET M 63 18.95 22.45 -33.68
CA MET M 63 18.00 21.92 -34.64
C MET M 63 18.67 21.48 -35.94
N GLU M 64 19.84 22.05 -36.24
CA GLU M 64 20.63 21.53 -37.35
C GLU M 64 21.16 20.16 -36.95
N ALA M 65 21.55 20.05 -35.68
CA ALA M 65 22.08 18.78 -35.16
C ALA M 65 21.00 17.69 -35.18
N VAL M 66 19.79 18.06 -34.77
CA VAL M 66 18.65 17.16 -34.83
C VAL M 66 18.42 16.67 -36.26
N ALA M 67 18.50 17.58 -37.22
CA ALA M 67 18.30 17.23 -38.63
C ALA M 67 19.39 16.27 -39.12
N ARG M 68 20.63 16.54 -38.74
CA ARG M 68 21.73 15.65 -39.08
C ARG M 68 21.46 14.27 -38.53
N ASP M 69 20.99 14.21 -37.29
CA ASP M 69 20.73 12.95 -36.61
C ASP M 69 19.55 12.19 -37.23
N LYS M 70 18.52 12.91 -37.67
CA LYS M 70 17.37 12.26 -38.31
C LYS M 70 17.79 11.67 -39.65
N ALA M 71 18.77 12.30 -40.28
CA ALA M 71 19.41 11.75 -41.47
C ALA M 71 20.30 10.57 -41.08
N GLY M 72 20.68 10.52 -39.81
CA GLY M 72 21.46 9.44 -39.23
C GLY M 72 22.66 8.89 -39.99
N HIS M 73 23.40 9.77 -40.67
CA HIS M 73 24.62 9.33 -41.36
C HIS M 73 25.72 10.38 -41.32
N ALA M 75 28.18 11.09 -37.73
CA ALA M 75 28.27 10.74 -36.31
C ALA M 75 29.29 9.63 -36.07
N PHE M 76 29.99 9.70 -34.94
CA PHE M 76 31.05 8.73 -34.62
C PHE M 76 31.10 8.34 -33.13
N THR M 77 31.67 7.18 -32.86
CA THR M 77 31.69 6.59 -31.52
C THR M 77 32.83 7.12 -30.66
N LYS M 78 32.72 6.94 -29.35
CA LYS M 78 33.82 7.21 -28.41
C LYS M 78 33.54 6.60 -27.04
N SER M 79 34.44 5.76 -26.56
CA SER M 79 34.28 5.15 -25.25
C SER M 79 34.29 6.20 -24.15
N VAL M 80 33.79 5.84 -22.98
CA VAL M 80 33.75 6.75 -21.84
C VAL M 80 35.15 6.93 -21.25
N ASP M 81 35.88 5.82 -21.16
CA ASP M 81 37.26 5.86 -20.70
C ASP M 81 38.09 6.80 -21.59
N GLU M 82 37.86 6.69 -22.89
CA GLU M 82 38.48 7.58 -23.86
C GLU M 82 38.17 9.02 -23.51
N LEU M 83 36.96 9.25 -23.00
CA LEU M 83 36.52 10.57 -22.59
C LEU M 83 37.07 10.94 -21.21
N ARG M 84 37.08 9.97 -20.31
CA ARG M 84 37.64 10.16 -18.96
C ARG M 84 39.12 10.53 -19.06
N GLU M 85 39.79 9.93 -20.04
CA GLU M 85 41.22 10.14 -20.25
C GLU M 85 41.55 11.54 -20.77
N MET M 86 40.67 12.09 -21.60
CA MET M 86 40.85 13.44 -22.11
C MET M 86 40.48 14.47 -21.06
N ALA M 87 39.35 14.26 -20.40
CA ALA M 87 38.84 15.22 -19.42
C ALA M 87 39.86 15.54 -18.34
N SER N 2 3.69 27.95 -4.20
CA SER N 2 3.20 26.59 -4.36
C SER N 2 2.00 26.33 -3.44
N ILE N 3 0.85 26.00 -4.02
CA ILE N 3 -0.35 25.81 -3.22
C ILE N 3 -1.00 24.45 -3.42
N SER N 4 -1.85 24.06 -2.46
CA SER N 4 -2.50 22.77 -2.51
C SER N 4 -3.65 22.79 -3.50
N ALA N 5 -3.97 21.62 -4.04
CA ALA N 5 -5.08 21.51 -4.98
C ALA N 5 -6.35 22.07 -4.35
N SER N 6 -6.49 21.85 -3.05
CA SER N 6 -7.69 22.25 -2.29
C SER N 6 -7.84 23.76 -2.28
N GLU N 7 -6.79 24.47 -1.87
CA GLU N 7 -6.80 25.93 -2.01
C GLU N 7 -6.85 26.39 -3.47
N ALA N 8 -6.10 25.74 -4.37
CA ALA N 8 -6.17 26.10 -5.79
C ALA N 8 -7.61 26.06 -6.34
N ARG N 9 -8.35 25.01 -5.96
CA ARG N 9 -9.73 24.90 -6.39
C ARG N 9 -10.55 26.04 -5.79
N GLN N 10 -10.44 26.21 -4.48
CA GLN N 10 -11.10 27.31 -3.79
C GLN N 10 -10.85 28.68 -4.46
N ARG N 11 -9.64 28.91 -4.92
CA ARG N 11 -9.29 30.24 -5.42
C ARG N 11 -9.24 30.37 -6.94
N LEU N 12 -9.78 29.40 -7.66
CA LEU N 12 -9.59 29.36 -9.10
C LEU N 12 -10.01 30.63 -9.86
N PHE N 13 -11.08 31.30 -9.46
CA PHE N 13 -11.47 32.52 -10.19
C PHE N 13 -10.40 33.64 -10.07
N PRO N 14 -9.99 33.99 -8.85
CA PRO N 14 -8.91 34.97 -8.74
C PRO N 14 -7.51 34.46 -9.15
N LEU N 15 -7.18 33.21 -8.85
CA LEU N 15 -5.89 32.65 -9.31
C LEU N 15 -5.71 32.82 -10.80
N ILE N 16 -6.77 32.60 -11.55
CA ILE N 16 -6.75 32.78 -12.99
C ILE N 16 -6.34 34.19 -13.37
N GLU N 17 -6.96 35.18 -12.74
CA GLU N 17 -6.59 36.58 -13.02
C GLU N 17 -5.16 36.88 -12.58
N GLN N 18 -4.78 36.35 -11.42
CA GLN N 18 -3.44 36.54 -10.89
C GLN N 18 -2.34 36.11 -11.85
N VAL N 19 -2.35 34.85 -12.29
CA VAL N 19 -1.28 34.36 -13.16
C VAL N 19 -1.27 35.10 -14.48
N ASN N 20 -2.42 35.66 -14.85
CA ASN N 20 -2.51 36.56 -16.00
C ASN N 20 -1.93 37.95 -15.74
N THR N 21 -2.46 38.64 -14.73
CA THR N 21 -1.94 39.95 -14.35
C THR N 21 -0.47 39.95 -13.95
N ASP N 22 -0.03 38.91 -13.26
CA ASP N 22 1.33 38.86 -12.72
C ASP N 22 2.34 38.08 -13.58
N HIS N 23 1.86 37.47 -14.67
CA HIS N 23 2.71 36.62 -15.51
C HIS N 23 3.54 35.65 -14.66
N GLN N 24 2.97 35.17 -13.57
CA GLN N 24 3.65 34.22 -12.69
C GLN N 24 2.84 32.92 -12.52
N PRO N 25 3.32 31.83 -13.12
CA PRO N 25 2.64 30.54 -12.98
C PRO N 25 2.57 30.09 -11.51
N VAL N 26 1.45 29.50 -11.12
CA VAL N 26 1.37 28.95 -9.78
C VAL N 26 1.43 27.43 -9.81
N ARG N 27 2.24 26.87 -8.94
CA ARG N 27 2.38 25.43 -8.82
C ARG N 27 1.32 24.87 -7.87
N ILE N 28 0.70 23.76 -8.24
CA ILE N 28 -0.35 23.14 -7.46
C ILE N 28 -0.01 21.67 -7.14
N THR N 29 -0.09 21.35 -5.85
CA THR N 29 0.36 20.08 -5.34
C THR N 29 -0.82 19.16 -5.04
N SER N 30 -0.64 17.87 -5.32
CA SER N 30 -1.66 16.86 -5.00
C SER N 30 -1.09 15.45 -5.09
N ARG N 31 -1.81 14.49 -4.54
CA ARG N 31 -1.35 13.10 -4.54
C ARG N 31 -1.40 12.46 -5.93
N ALA N 32 -2.25 13.01 -6.80
CA ALA N 32 -2.34 12.56 -8.19
C ALA N 32 -1.19 13.08 -9.05
N GLY N 33 -0.29 13.83 -8.43
CA GLY N 33 0.81 14.45 -9.16
C GLY N 33 0.56 15.94 -9.26
N ASP N 34 1.63 16.71 -9.24
CA ASP N 34 1.49 18.17 -9.20
C ASP N 34 1.09 18.76 -10.55
N ALA N 35 0.51 19.95 -10.50
CA ALA N 35 0.13 20.66 -11.71
C ALA N 35 0.62 22.10 -11.67
N VAL N 36 0.54 22.76 -12.80
CA VAL N 36 0.93 24.15 -12.87
C VAL N 36 -0.13 24.86 -13.65
N LEU N 37 -0.63 25.94 -13.07
CA LEU N 37 -1.57 26.79 -13.75
C LEU N 37 -0.84 28.03 -14.23
N MET N 38 -1.06 28.43 -15.48
CA MET N 38 -0.38 29.61 -16.01
C MET N 38 -1.23 30.35 -17.01
N SER N 39 -0.79 31.56 -17.35
CA SER N 39 -1.48 32.40 -18.33
C SER N 39 -1.48 31.74 -19.69
N ALA N 40 -2.66 31.66 -20.30
CA ALA N 40 -2.80 31.11 -21.62
C ALA N 40 -2.03 31.94 -22.64
N ASP N 41 -2.17 33.26 -22.59
CA ASP N 41 -1.46 34.14 -23.53
C ASP N 41 0.05 33.96 -23.46
N ASP N 42 0.61 34.04 -22.26
CA ASP N 42 2.06 33.89 -22.07
C ASP N 42 2.52 32.55 -22.60
N TYR N 43 1.65 31.55 -22.47
CA TYR N 43 1.93 30.22 -23.02
C TYR N 43 1.97 30.30 -24.56
N ASP N 44 0.88 30.80 -25.14
CA ASP N 44 0.73 30.95 -26.59
C ASP N 44 1.86 31.75 -27.23
N ALA N 45 2.22 32.86 -26.58
CA ALA N 45 3.30 33.72 -27.06
C ALA N 45 4.64 33.01 -27.08
N TRP N 46 4.96 32.28 -26.01
CA TRP N 46 6.19 31.51 -26.00
C TRP N 46 6.19 30.45 -27.09
N GLN N 47 5.04 29.79 -27.27
CA GLN N 47 4.89 28.76 -28.31
C GLN N 47 5.10 29.35 -29.72
N GLU N 48 4.48 30.48 -29.99
CA GLU N 48 4.66 31.16 -31.27
C GLU N 48 6.14 31.48 -31.49
N THR N 49 6.77 31.99 -30.44
CA THR N 49 8.19 32.33 -30.45
C THR N 49 9.10 31.17 -30.81
N VAL N 50 9.02 30.06 -30.06
CA VAL N 50 9.88 28.92 -30.34
C VAL N 50 9.52 28.35 -31.71
N TYR N 51 8.27 28.54 -32.13
CA TYR N 51 7.85 28.08 -33.45
C TYR N 51 8.69 28.77 -34.54
N LEU N 52 8.86 30.09 -34.42
CA LEU N 52 9.69 30.89 -35.31
C LEU N 52 11.17 30.47 -35.28
N LEU N 53 11.62 30.05 -34.10
CA LEU N 53 13.03 29.73 -33.91
C LEU N 53 13.38 28.28 -34.19
N ARG N 54 12.40 27.39 -34.24
CA ARG N 54 12.71 25.97 -34.34
C ARG N 54 13.31 25.50 -35.68
N SER N 55 13.05 26.25 -36.75
CA SER N 55 13.65 25.93 -38.05
C SER N 55 14.93 26.74 -38.28
N PRO N 56 16.08 26.06 -38.35
CA PRO N 56 17.39 26.70 -38.45
C PRO N 56 17.38 27.85 -39.46
N GLU N 57 16.90 27.59 -40.66
CA GLU N 57 17.00 28.61 -41.70
C GLU N 57 16.07 29.76 -41.36
N ASN N 58 14.94 29.47 -40.71
CA ASN N 58 14.04 30.53 -40.32
C ASN N 58 14.60 31.39 -39.20
N ALA N 59 15.21 30.76 -38.20
CA ALA N 59 15.84 31.54 -37.13
C ALA N 59 16.96 32.42 -37.67
N ARG N 60 17.78 31.86 -38.56
CA ARG N 60 18.88 32.62 -39.16
C ARG N 60 18.36 33.88 -39.88
N ARG N 61 17.35 33.70 -40.73
CA ARG N 61 16.75 34.80 -41.47
C ARG N 61 16.15 35.86 -40.55
N LEU N 62 15.31 35.42 -39.62
CA LEU N 62 14.62 36.31 -38.70
C LEU N 62 15.61 37.24 -38.01
N MET N 63 16.64 36.68 -37.40
CA MET N 63 17.55 37.46 -36.55
C MET N 63 18.43 38.43 -37.35
N GLU N 64 18.75 38.06 -38.58
CA GLU N 64 19.49 38.98 -39.45
C GLU N 64 18.58 40.17 -39.73
N ALA N 65 17.30 39.91 -39.96
CA ALA N 65 16.32 40.98 -40.10
C ALA N 65 16.23 41.80 -38.81
N VAL N 66 16.21 41.11 -37.66
CA VAL N 66 16.19 41.78 -36.37
C VAL N 66 17.42 42.68 -36.16
N ALA N 67 18.58 42.18 -36.54
CA ALA N 67 19.84 42.88 -36.37
C ALA N 67 19.89 44.17 -37.18
N ARG N 68 19.42 44.12 -38.43
CA ARG N 68 19.36 45.32 -39.25
C ARG N 68 18.43 46.31 -38.59
N ASP N 69 17.32 45.82 -38.06
CA ASP N 69 16.31 46.67 -37.44
C ASP N 69 16.89 47.43 -36.26
N LYS N 70 17.66 46.72 -35.43
CA LYS N 70 18.27 47.36 -34.26
C LYS N 70 19.40 48.29 -34.66
N ALA N 71 19.96 48.06 -35.84
CA ALA N 71 20.99 48.95 -36.39
C ALA N 71 20.46 50.37 -36.55
N GLY N 72 19.19 50.50 -36.90
CA GLY N 72 18.55 51.80 -37.03
C GLY N 72 18.33 52.22 -38.48
N ALA N 75 16.21 49.41 -44.40
CA ALA N 75 14.76 49.48 -44.36
C ALA N 75 14.25 50.68 -45.16
N PHE N 76 13.35 50.40 -46.11
CA PHE N 76 12.80 51.43 -46.99
C PHE N 76 11.28 51.38 -46.93
N THR N 77 10.63 52.44 -47.39
CA THR N 77 9.17 52.63 -47.23
C THR N 77 8.33 52.15 -48.41
N LYS N 78 7.01 52.07 -48.20
CA LYS N 78 6.05 51.79 -49.26
C LYS N 78 4.68 52.36 -48.89
N SER N 79 3.78 52.43 -49.87
CA SER N 79 2.42 52.90 -49.61
C SER N 79 1.44 51.73 -49.59
N VAL N 80 0.39 51.87 -48.79
CA VAL N 80 -0.62 50.81 -48.66
C VAL N 80 -1.32 50.53 -49.98
N ASP N 81 -1.50 51.58 -50.79
CA ASP N 81 -2.10 51.42 -52.11
C ASP N 81 -1.09 50.80 -53.07
N GLU N 82 0.18 51.17 -52.90
CA GLU N 82 1.26 50.60 -53.69
C GLU N 82 1.25 49.08 -53.61
N LEU N 83 1.02 48.57 -52.41
CA LEU N 83 0.93 47.13 -52.19
C LEU N 83 -0.36 46.57 -52.77
N ARG N 84 -1.47 47.24 -52.49
CA ARG N 84 -2.76 46.84 -53.04
C ARG N 84 -2.70 46.72 -54.57
N GLU N 85 -1.98 47.65 -55.21
CA GLU N 85 -1.76 47.62 -56.65
C GLU N 85 -1.10 46.30 -57.07
N MET N 86 0.05 46.02 -56.46
CA MET N 86 0.75 44.77 -56.73
C MET N 86 -0.04 43.60 -56.16
N SER O 14 26.78 2.38 -25.25
CA SER O 14 27.44 2.70 -26.52
C SER O 14 27.27 4.18 -26.91
N VAL O 15 28.31 4.98 -26.67
CA VAL O 15 28.20 6.43 -26.85
C VAL O 15 28.65 6.96 -28.21
N ASN O 16 27.79 7.76 -28.83
CA ASN O 16 28.05 8.38 -30.13
C ASN O 16 27.92 9.90 -30.07
N PHE O 17 28.74 10.60 -30.84
CA PHE O 17 28.69 12.07 -30.90
C PHE O 17 28.27 12.60 -32.25
N ASP O 18 27.40 13.60 -32.23
CA ASP O 18 27.21 14.49 -33.36
C ASP O 18 28.50 15.29 -33.50
N PRO O 19 28.87 15.64 -34.74
CA PRO O 19 30.12 16.37 -34.97
C PRO O 19 30.18 17.69 -34.19
N ASP O 20 29.05 18.36 -34.04
CA ASP O 20 29.02 19.64 -33.34
C ASP O 20 29.01 19.40 -31.83
N ALA O 21 28.57 18.22 -31.42
CA ALA O 21 28.63 17.88 -30.02
C ALA O 21 30.10 17.67 -29.63
N TRP O 22 30.82 16.93 -30.45
CA TRP O 22 32.24 16.71 -30.19
C TRP O 22 33.02 18.02 -30.09
N GLU O 23 32.72 18.96 -30.98
CA GLU O 23 33.33 20.29 -30.91
C GLU O 23 33.04 20.98 -29.59
N ASP O 24 31.79 20.88 -29.11
CA ASP O 24 31.41 21.42 -27.82
C ASP O 24 32.30 20.86 -26.75
N PHE O 25 32.43 19.54 -26.73
CA PHE O 25 33.32 18.91 -25.77
C PHE O 25 34.75 19.44 -25.92
N LEU O 26 35.33 19.30 -27.13
CA LEU O 26 36.67 19.83 -27.37
C LEU O 26 36.78 21.24 -26.83
N PHE O 27 35.81 22.07 -27.18
CA PHE O 27 35.79 23.46 -26.69
C PHE O 27 35.96 23.53 -25.18
N TRP O 28 35.19 22.73 -24.45
CA TRP O 28 35.26 22.76 -22.98
C TRP O 28 36.63 22.31 -22.45
N LEU O 29 37.28 21.39 -23.14
CA LEU O 29 38.60 20.90 -22.73
C LEU O 29 39.61 22.03 -22.69
N ALA O 30 39.36 23.05 -23.51
CA ALA O 30 40.30 24.15 -23.64
C ALA O 30 39.83 25.33 -22.82
N ALA O 31 38.51 25.52 -22.76
CA ALA O 31 37.94 26.67 -22.07
C ALA O 31 37.80 26.39 -20.59
N ASP O 32 37.15 25.28 -20.25
CA ASP O 32 36.86 24.95 -18.85
C ASP O 32 36.92 23.45 -18.56
N ARG O 33 37.99 23.05 -17.90
CA ARG O 33 38.26 21.64 -17.63
C ARG O 33 37.22 20.96 -16.73
N LYS O 34 36.83 21.64 -15.66
CA LYS O 34 35.88 21.09 -14.70
C LYS O 34 34.56 20.70 -15.40
N THR O 35 34.15 21.53 -16.36
CA THR O 35 32.91 21.29 -17.10
C THR O 35 33.05 20.12 -18.06
N ALA O 36 34.20 20.02 -18.71
CA ALA O 36 34.49 18.88 -19.58
C ALA O 36 34.25 17.58 -18.82
N ARG O 37 34.77 17.52 -17.59
CA ARG O 37 34.60 16.34 -16.75
C ARG O 37 33.12 16.12 -16.40
N ARG O 38 32.44 17.20 -16.01
CA ARG O 38 31.00 17.14 -15.74
C ARG O 38 30.27 16.34 -16.81
N ILE O 39 30.47 16.73 -18.06
CA ILE O 39 29.80 16.10 -19.18
C ILE O 39 30.18 14.62 -19.27
N THR O 40 31.44 14.32 -18.96
CA THR O 40 31.91 12.93 -19.00
C THR O 40 31.15 12.08 -18.00
N ARG O 41 30.90 12.65 -16.82
CA ARG O 41 30.15 11.95 -15.80
C ARG O 41 28.69 11.77 -16.21
N LEU O 42 28.13 12.78 -16.88
CA LEU O 42 26.73 12.71 -17.33
C LEU O 42 26.59 11.65 -18.42
N ILE O 43 27.55 11.59 -19.33
CA ILE O 43 27.50 10.60 -20.40
C ILE O 43 27.57 9.20 -19.82
N GLY O 44 28.26 9.05 -18.68
CA GLY O 44 28.37 7.77 -18.02
C GLY O 44 27.07 7.30 -17.37
N GLU O 45 26.41 8.19 -16.66
CA GLU O 45 25.15 7.85 -16.00
C GLU O 45 24.07 7.61 -17.04
N ILE O 46 24.10 8.37 -18.12
CA ILE O 46 23.17 8.19 -19.24
C ILE O 46 23.41 6.84 -19.89
N GLN O 47 24.67 6.42 -19.94
CA GLN O 47 25.05 5.17 -20.57
C GLN O 47 24.34 3.98 -19.93
N ARG O 48 24.29 3.94 -18.60
CA ARG O 48 23.63 2.86 -17.89
C ARG O 48 22.12 3.09 -17.82
N ASP O 49 21.72 4.27 -17.36
CA ASP O 49 20.30 4.62 -17.28
C ASP O 49 20.06 6.03 -17.85
N PRO O 50 19.66 6.10 -19.12
CA PRO O 50 19.59 7.36 -19.89
C PRO O 50 18.35 8.21 -19.60
N PHE O 51 17.35 7.65 -18.94
CA PHE O 51 16.11 8.40 -18.68
C PHE O 51 15.92 8.73 -17.21
N SER O 52 16.74 8.11 -16.36
CA SER O 52 16.76 8.40 -14.93
C SER O 52 18.18 8.75 -14.52
N GLY O 53 18.34 9.58 -13.49
CA GLY O 53 19.66 9.87 -12.96
C GLY O 53 19.92 11.32 -12.57
N ILE O 54 21.20 11.66 -12.45
CA ILE O 54 21.62 13.02 -12.11
C ILE O 54 21.45 13.96 -13.31
N GLY O 55 21.44 15.26 -13.05
CA GLY O 55 21.32 16.25 -14.10
C GLY O 55 19.88 16.64 -14.41
N LYS O 56 18.93 16.10 -13.65
CA LYS O 56 17.54 16.43 -13.87
C LYS O 56 17.17 16.19 -15.34
N PRO O 57 17.20 14.91 -15.76
CA PRO O 57 16.82 14.53 -17.13
C PRO O 57 15.39 14.97 -17.47
N GLU O 58 15.23 15.62 -18.61
CA GLU O 58 13.94 16.17 -19.04
C GLU O 58 13.60 15.71 -20.44
N PRO O 59 12.44 15.06 -20.61
CA PRO O 59 12.00 14.66 -21.96
C PRO O 59 11.49 15.87 -22.76
N LEU O 60 12.23 16.24 -23.80
CA LEU O 60 11.89 17.40 -24.63
C LEU O 60 10.56 17.23 -25.38
N GLN O 61 9.97 18.36 -25.80
CA GLN O 61 8.64 18.38 -26.46
C GLN O 61 8.72 18.77 -27.94
N GLY O 62 7.57 18.88 -28.59
CA GLY O 62 7.50 19.33 -29.98
C GLY O 62 8.47 18.65 -30.92
N GLU O 63 9.14 19.46 -31.75
CA GLU O 63 10.18 19.00 -32.67
C GLU O 63 11.39 18.39 -31.95
N LEU O 64 11.41 18.50 -30.62
CA LEU O 64 12.48 17.91 -29.83
C LEU O 64 11.98 16.63 -29.18
N SER O 65 10.75 16.27 -29.49
CA SER O 65 10.17 15.02 -29.00
C SER O 65 11.05 13.84 -29.42
N GLY O 66 11.48 13.06 -28.44
CA GLY O 66 12.36 11.94 -28.69
C GLY O 66 13.74 12.18 -28.09
N TYR O 67 14.02 13.44 -27.77
CA TYR O 67 15.29 13.83 -27.19
C TYR O 67 15.15 14.23 -25.74
N TRP O 68 16.20 14.04 -24.95
CA TRP O 68 16.23 14.46 -23.55
C TRP O 68 17.32 15.49 -23.38
N SER O 69 17.28 16.23 -22.28
CA SER O 69 18.39 17.07 -21.87
C SER O 69 18.72 16.90 -20.38
N ARG O 70 19.96 17.17 -20.02
CA ARG O 70 20.36 17.18 -18.62
C ARG O 70 21.23 18.40 -18.34
N ARG O 71 21.25 18.82 -17.08
CA ARG O 71 21.95 20.03 -16.68
C ARG O 71 23.45 19.82 -16.48
N ILE O 72 24.24 20.33 -17.41
CA ILE O 72 25.68 20.36 -17.22
C ILE O 72 25.94 21.44 -16.19
N ASP O 73 25.23 22.55 -16.35
CA ASP O 73 25.33 23.73 -15.50
C ASP O 73 23.93 24.27 -15.26
N ASP O 74 23.85 25.47 -14.68
CA ASP O 74 22.60 26.21 -14.64
C ASP O 74 22.41 26.93 -15.98
N GLU O 75 23.42 26.83 -16.84
CA GLU O 75 23.39 27.54 -18.11
C GLU O 75 23.43 26.58 -19.29
N HIS O 76 24.28 25.56 -19.18
CA HIS O 76 24.53 24.66 -20.30
C HIS O 76 23.79 23.32 -20.21
N ARG O 77 23.39 22.82 -21.37
CA ARG O 77 22.64 21.57 -21.43
C ARG O 77 23.29 20.51 -22.29
N LEU O 78 23.25 19.28 -21.79
CA LEU O 78 23.60 18.14 -22.61
C LEU O 78 22.33 17.64 -23.26
N VAL O 79 22.25 17.75 -24.58
CA VAL O 79 21.08 17.24 -25.30
C VAL O 79 21.47 15.97 -26.03
N TYR O 80 20.61 14.95 -25.95
CA TYR O 80 20.93 13.64 -26.51
C TYR O 80 19.71 12.81 -26.85
N ARG O 81 19.91 11.81 -27.70
CA ARG O 81 18.89 10.84 -28.05
C ARG O 81 19.36 9.51 -27.50
N ALA O 82 18.43 8.58 -27.27
CA ALA O 82 18.81 7.30 -26.70
C ALA O 82 18.13 6.12 -27.38
N GLY O 83 18.86 5.00 -27.42
CA GLY O 83 18.34 3.74 -27.92
C GLY O 83 18.62 2.61 -26.93
N ASP O 84 18.23 1.40 -27.30
CA ASP O 84 18.36 0.25 -26.40
C ASP O 84 19.81 0.08 -25.92
N ASP O 85 20.76 0.40 -26.79
CA ASP O 85 22.18 0.19 -26.51
C ASP O 85 22.94 1.51 -26.49
N GLU O 86 22.84 2.21 -27.62
CA GLU O 86 23.67 3.38 -27.88
C GLU O 86 22.97 4.70 -27.53
N VAL O 87 23.74 5.65 -27.02
CA VAL O 87 23.24 7.00 -26.79
C VAL O 87 23.97 7.97 -27.72
N THR O 88 23.24 8.95 -28.25
CA THR O 88 23.83 9.94 -29.14
C THR O 88 23.79 11.33 -28.53
N MET O 89 24.95 11.98 -28.46
CA MET O 89 25.04 13.34 -27.97
C MET O 89 24.88 14.31 -29.13
N LEU O 90 23.95 15.24 -29.01
CA LEU O 90 23.69 16.20 -30.08
C LEU O 90 24.31 17.56 -29.81
N LYS O 91 24.36 17.96 -28.54
CA LYS O 91 24.87 19.27 -28.14
C LYS O 91 25.41 19.19 -26.74
N ALA O 92 26.44 19.97 -26.43
CA ALA O 92 26.96 20.01 -25.07
C ALA O 92 27.39 21.40 -24.66
N ARG O 93 26.82 22.39 -25.32
CA ARG O 93 27.09 23.78 -24.99
C ARG O 93 25.87 24.64 -25.30
N TYR O 94 25.55 25.57 -24.41
CA TYR O 94 24.48 26.53 -24.69
C TYR O 94 25.06 27.74 -25.42
N HIS O 95 24.40 28.13 -26.51
CA HIS O 95 24.89 29.20 -27.38
C HIS O 95 24.04 30.48 -27.33
N TYR O 96 24.72 31.61 -27.40
CA TYR O 96 24.04 32.90 -27.48
C TYR O 96 24.36 33.56 -28.81
N ARG P 13 0.37 56.22 -39.89
CA ARG P 13 1.48 55.26 -39.71
C ARG P 13 2.04 54.79 -41.05
N SER P 14 3.33 54.99 -41.26
CA SER P 14 3.96 54.58 -42.52
C SER P 14 4.50 53.16 -42.45
N VAL P 15 4.53 52.50 -43.59
CA VAL P 15 4.92 51.10 -43.70
C VAL P 15 6.40 50.96 -44.13
N ASN P 16 7.21 50.33 -43.28
CA ASN P 16 8.60 50.02 -43.64
C ASN P 16 8.81 48.52 -43.86
N PHE P 17 9.68 48.20 -44.80
CA PHE P 17 10.05 46.81 -45.06
C PHE P 17 11.52 46.58 -44.82
N ASP P 18 11.83 45.48 -44.17
CA ASP P 18 13.17 44.95 -44.22
C ASP P 18 13.37 44.37 -45.62
N PRO P 19 14.59 44.44 -46.13
CA PRO P 19 14.84 43.96 -47.50
C PRO P 19 14.41 42.49 -47.71
N ASP P 20 14.61 41.64 -46.71
CA ASP P 20 14.17 40.25 -46.81
C ASP P 20 12.63 40.14 -46.81
N ALA P 21 11.97 40.95 -45.99
CA ALA P 21 10.52 40.97 -45.98
C ALA P 21 10.00 41.38 -47.34
N TRP P 22 10.71 42.32 -47.97
CA TRP P 22 10.34 42.78 -49.31
C TRP P 22 10.54 41.69 -50.35
N GLU P 23 11.67 41.00 -50.28
CA GLU P 23 11.84 39.82 -51.13
C GLU P 23 10.70 38.83 -50.88
N ASP P 24 10.36 38.59 -49.62
CA ASP P 24 9.22 37.72 -49.30
C ASP P 24 7.98 38.19 -50.05
N PHE P 25 7.74 39.49 -50.01
CA PHE P 25 6.56 40.03 -50.65
C PHE P 25 6.60 39.82 -52.17
N LEU P 26 7.74 40.13 -52.80
CA LEU P 26 7.89 39.86 -54.23
C LEU P 26 7.74 38.37 -54.49
N PHE P 27 8.26 37.56 -53.58
CA PHE P 27 8.14 36.12 -53.75
C PHE P 27 6.66 35.75 -53.90
N TRP P 28 5.86 36.02 -52.88
CA TRP P 28 4.44 35.71 -52.93
C TRP P 28 3.80 36.29 -54.17
N LEU P 29 4.22 37.51 -54.51
CA LEU P 29 3.67 38.21 -55.67
C LEU P 29 3.65 37.30 -56.88
N ALA P 30 4.70 36.50 -57.03
CA ALA P 30 4.84 35.63 -58.18
C ALA P 30 4.55 34.17 -57.87
N ALA P 31 4.69 33.78 -56.61
CA ALA P 31 4.55 32.38 -56.23
C ALA P 31 3.10 31.96 -55.96
N ASP P 32 2.36 32.82 -55.24
CA ASP P 32 0.96 32.56 -54.92
C ASP P 32 0.31 33.88 -54.55
N ARG P 33 -0.35 34.51 -55.52
CA ARG P 33 -0.81 35.88 -55.32
C ARG P 33 -1.90 36.00 -54.25
N LYS P 34 -2.62 34.91 -54.00
CA LYS P 34 -3.62 34.89 -52.94
C LYS P 34 -2.96 35.17 -51.59
N THR P 35 -1.79 34.60 -51.37
CA THR P 35 -1.06 34.82 -50.14
C THR P 35 -0.58 36.26 -50.01
N ALA P 36 -0.13 36.83 -51.13
CA ALA P 36 0.34 38.21 -51.16
C ALA P 36 -0.78 39.18 -50.80
N ARG P 37 -2.01 38.77 -51.05
CA ARG P 37 -3.15 39.60 -50.75
C ARG P 37 -3.39 39.65 -49.25
N ARG P 38 -3.53 38.47 -48.64
CA ARG P 38 -3.70 38.38 -47.19
C ARG P 38 -2.60 39.13 -46.41
N ILE P 39 -1.38 39.14 -46.95
CA ILE P 39 -0.31 39.90 -46.33
C ILE P 39 -0.59 41.41 -46.37
N THR P 40 -1.16 41.89 -47.48
CA THR P 40 -1.57 43.29 -47.57
C THR P 40 -2.79 43.56 -46.68
N ARG P 41 -3.75 42.62 -46.68
CA ARG P 41 -4.87 42.71 -45.74
C ARG P 41 -4.34 42.90 -44.32
N LEU P 42 -3.37 42.07 -43.93
CA LEU P 42 -2.79 42.12 -42.59
C LEU P 42 -2.04 43.42 -42.32
N ILE P 43 -1.33 43.91 -43.35
CA ILE P 43 -0.57 45.14 -43.24
C ILE P 43 -1.48 46.35 -42.99
N GLY P 44 -2.58 46.42 -43.72
CA GLY P 44 -3.57 47.46 -43.48
C GLY P 44 -4.01 47.49 -42.02
N GLU P 45 -4.37 46.31 -41.50
CA GLU P 45 -4.83 46.17 -40.12
C GLU P 45 -3.77 46.55 -39.09
N ILE P 46 -2.54 46.13 -39.35
CA ILE P 46 -1.44 46.44 -38.44
C ILE P 46 -1.21 47.94 -38.43
N GLN P 47 -1.39 48.56 -39.58
CA GLN P 47 -1.25 50.01 -39.73
C GLN P 47 -2.29 50.70 -38.84
N ARG P 48 -3.76 50.19 -38.90
CA ARG P 48 -4.83 50.74 -38.07
C ARG P 48 -4.66 50.37 -36.59
N ASP P 49 -4.74 49.15 -36.27
CA ASP P 49 -4.66 48.67 -34.90
C ASP P 49 -3.63 47.55 -34.80
N PRO P 50 -2.38 47.94 -34.48
CA PRO P 50 -1.19 47.09 -34.59
C PRO P 50 -1.23 45.83 -33.71
N PHE P 51 -1.61 45.97 -32.44
CA PHE P 51 -1.38 44.87 -31.51
C PHE P 51 -2.62 44.03 -31.23
N SER P 52 -3.68 44.27 -32.00
CA SER P 52 -4.88 43.47 -31.90
C SER P 52 -5.60 43.45 -33.24
N GLY P 53 -6.37 42.39 -33.46
CA GLY P 53 -7.13 42.24 -34.69
C GLY P 53 -6.96 40.87 -35.34
N ILE P 54 -7.24 40.83 -36.64
CA ILE P 54 -7.16 39.62 -37.44
C ILE P 54 -5.81 38.92 -37.31
N GLY P 55 -5.81 37.60 -37.35
CA GLY P 55 -4.57 36.85 -37.46
C GLY P 55 -3.72 36.69 -36.20
N LYS P 56 -4.38 36.68 -35.04
CA LYS P 56 -3.73 36.31 -33.79
C LYS P 56 -2.40 37.01 -33.51
N PRO P 57 -2.41 38.35 -33.44
CA PRO P 57 -1.17 39.03 -33.07
C PRO P 57 -0.58 38.48 -31.76
N GLU P 58 0.61 37.89 -31.83
CA GLU P 58 1.28 37.38 -30.64
C GLU P 58 2.51 38.21 -30.32
N PRO P 59 2.64 38.63 -29.05
CA PRO P 59 3.88 39.29 -28.63
C PRO P 59 4.99 38.24 -28.62
N LEU P 60 6.09 38.52 -29.29
CA LEU P 60 7.22 37.59 -29.24
C LEU P 60 7.97 37.76 -27.92
N GLN P 61 8.67 36.72 -27.49
CA GLN P 61 9.31 36.73 -26.18
C GLN P 61 10.83 36.60 -26.25
N GLY P 62 11.48 36.87 -25.13
CA GLY P 62 12.91 36.69 -25.01
C GLY P 62 13.68 37.64 -25.91
N GLU P 63 14.61 37.08 -26.68
CA GLU P 63 15.41 37.86 -27.62
C GLU P 63 14.53 38.63 -28.61
N LEU P 64 13.30 38.14 -28.81
CA LEU P 64 12.38 38.77 -29.74
C LEU P 64 11.42 39.74 -29.06
N SER P 65 11.63 40.00 -27.76
CA SER P 65 10.84 41.00 -27.07
C SER P 65 10.79 42.28 -27.90
N GLY P 66 9.58 42.78 -28.11
CA GLY P 66 9.39 44.04 -28.81
C GLY P 66 8.92 43.87 -30.23
N TYR P 67 8.71 42.62 -30.64
CA TYR P 67 8.24 42.32 -31.98
C TYR P 67 6.97 41.47 -31.94
N TRP P 68 6.16 41.57 -32.99
CA TRP P 68 4.90 40.85 -33.05
C TRP P 68 4.83 39.91 -34.23
N SER P 69 4.02 38.86 -34.11
CA SER P 69 3.74 38.00 -35.25
C SER P 69 2.24 37.81 -35.44
N ARG P 70 1.81 37.81 -36.70
CA ARG P 70 0.45 37.44 -37.05
C ARG P 70 0.52 36.29 -38.01
N ARG P 71 -0.56 35.54 -38.12
CA ARG P 71 -0.57 34.41 -39.05
C ARG P 71 -1.01 34.89 -40.43
N ILE P 72 -0.18 34.57 -41.41
CA ILE P 72 -0.52 34.76 -42.80
C ILE P 72 -1.21 33.49 -43.26
N ASP P 73 -0.89 32.40 -42.56
CA ASP P 73 -1.34 31.08 -42.91
C ASP P 73 -1.28 30.29 -41.61
N ASP P 74 -1.53 28.99 -41.66
CA ASP P 74 -1.26 28.12 -40.51
C ASP P 74 0.23 27.81 -40.42
N GLU P 75 0.99 28.29 -41.41
CA GLU P 75 2.42 28.00 -41.50
C GLU P 75 3.27 29.26 -41.63
N HIS P 76 2.80 30.22 -42.41
CA HIS P 76 3.58 31.44 -42.63
C HIS P 76 3.21 32.59 -41.68
N ARG P 77 4.23 33.31 -41.21
CA ARG P 77 4.04 34.37 -40.25
C ARG P 77 4.52 35.74 -40.76
N LEU P 78 3.76 36.78 -40.46
CA LEU P 78 4.16 38.16 -40.69
C LEU P 78 4.66 38.73 -39.36
N VAL P 79 5.97 38.90 -39.23
CA VAL P 79 6.50 39.48 -38.00
C VAL P 79 6.88 40.94 -38.16
N TYR P 80 6.49 41.76 -37.20
CA TYR P 80 6.58 43.20 -37.33
C TYR P 80 6.83 43.87 -35.99
N ARG P 81 7.41 45.06 -36.08
CA ARG P 81 7.51 45.96 -34.97
C ARG P 81 6.46 47.03 -35.24
N ALA P 82 6.15 47.84 -34.23
CA ALA P 82 5.22 48.96 -34.42
C ALA P 82 5.35 50.02 -33.35
N GLY P 83 5.82 51.21 -33.76
CA GLY P 83 5.89 52.35 -32.88
C GLY P 83 4.70 53.26 -33.13
N ASP P 84 4.86 54.55 -32.83
CA ASP P 84 3.75 55.48 -33.02
C ASP P 84 3.71 56.02 -34.44
N ASP P 85 4.88 56.30 -35.00
CA ASP P 85 4.96 56.92 -36.32
C ASP P 85 4.89 55.91 -37.46
N GLU P 86 5.30 54.67 -37.18
CA GLU P 86 5.49 53.70 -38.26
C GLU P 86 5.28 52.24 -37.85
N VAL P 87 5.08 51.38 -38.84
CA VAL P 87 5.19 49.93 -38.67
C VAL P 87 6.32 49.40 -39.57
N THR P 88 6.98 48.32 -39.14
CA THR P 88 8.08 47.73 -39.90
C THR P 88 7.92 46.22 -40.06
N MET P 89 7.82 45.75 -41.30
CA MET P 89 7.77 44.31 -41.58
C MET P 89 9.18 43.74 -41.59
N LEU P 90 9.37 42.63 -40.88
CA LEU P 90 10.68 41.96 -40.81
C LEU P 90 10.65 40.67 -41.64
N LYS P 91 9.48 40.02 -41.70
CA LYS P 91 9.35 38.79 -42.46
C LYS P 91 7.94 38.58 -42.92
N ALA P 92 7.79 37.86 -44.02
CA ALA P 92 6.48 37.61 -44.56
C ALA P 92 6.41 36.18 -45.07
N ARG P 93 7.31 35.35 -44.56
CA ARG P 93 7.45 33.98 -45.04
C ARG P 93 8.22 33.11 -44.05
N TYR P 94 7.82 31.85 -43.93
CA TYR P 94 8.51 30.92 -43.05
C TYR P 94 9.48 30.07 -43.89
N HIS P 95 10.75 30.06 -43.49
CA HIS P 95 11.76 29.34 -44.25
C HIS P 95 12.19 28.03 -43.58
N TYR P 96 12.55 27.06 -44.40
CA TYR P 96 13.00 25.76 -43.92
C TYR P 96 14.48 25.59 -44.30
#